data_6T1D
#
_entry.id   6T1D
#
_cell.length_a   109.605
_cell.length_b   136.421
_cell.length_c   110.022
_cell.angle_alpha   90.000
_cell.angle_beta   112.370
_cell.angle_gamma   90.000
#
_symmetry.space_group_name_H-M   'P 1 21 1'
#
loop_
_entity.id
_entity.type
_entity.pdbx_description
1 polymer Lectin
2 branched alpha-D-galactopyranose-(1-6)-alpha-D-glucopyranose
3 non-polymer 'CALCIUM ION'
4 water water
#
_entity_poly.entity_id   1
_entity_poly.type   'polypeptide(L)'
_entity_poly.pdbx_seq_one_letter_code
;GSHMAPDSQVCDVGSTATCKITATPRQFQPALLSTSKWIWTGENPIPGGSNIISTRPFRKNITAPCGKCSVCATIVVASD
DAHTFYVNGVRIGTGAGFRQGQALFVALQPTWNLFAIAGQNLVANSPAGIMASILVHFSDGTSETFVTDESWKTLRAAPP
ENFQLPSTNDSNWPSAAVQGAYQNSVWGPPVLPPVLPLRGSNWIWTSDNVNGAAPVGSRAFRKTVNQCTKVAVCATVLIA
ADDRYTLYVNGATVGSGSSYTVADAYTIPNLHPTFNTFAINATNGGGPAGVIATILITYSDGSNETVVTDASWKAIQTIP
QGFQPPLIDEFGWESAKIIGAFGVAPWGAGMVIPSA
;
_entity_poly.pdbx_strand_id   A,B,C,D,E,F
#
# COMPACT_ATOMS: atom_id res chain seq x y z
N CYS A 19 29.64 -4.23 -7.43
CA CYS A 19 30.49 -4.83 -8.45
C CYS A 19 29.98 -6.21 -8.89
N LYS A 20 30.55 -6.70 -9.99
CA LYS A 20 30.05 -7.89 -10.68
C LYS A 20 30.10 -9.13 -9.81
N ILE A 21 29.04 -9.94 -9.89
CA ILE A 21 28.91 -11.15 -9.09
C ILE A 21 29.31 -12.36 -9.91
N THR A 22 30.48 -12.93 -9.59
CA THR A 22 31.01 -14.13 -10.23
C THR A 22 30.56 -15.42 -9.56
N ALA A 23 30.24 -15.36 -8.27
CA ALA A 23 29.89 -16.57 -7.52
C ALA A 23 28.69 -17.27 -8.13
N THR A 24 28.73 -18.59 -8.09
CA THR A 24 27.70 -19.47 -8.66
C THR A 24 27.10 -20.34 -7.57
N PRO A 25 25.96 -20.98 -7.81
CA PRO A 25 25.39 -21.87 -6.79
C PRO A 25 26.38 -22.92 -6.34
N ARG A 26 26.35 -23.24 -5.05
CA ARG A 26 27.31 -24.15 -4.45
C ARG A 26 26.72 -24.78 -3.20
N GLN A 27 27.45 -25.77 -2.67
CA GLN A 27 27.06 -26.40 -1.43
C GLN A 27 27.13 -25.41 -0.27
N PHE A 28 26.12 -25.48 0.61
CA PHE A 28 26.04 -24.56 1.74
C PHE A 28 27.24 -24.74 2.66
N GLN A 29 27.79 -23.61 3.13
CA GLN A 29 28.97 -23.58 3.97
C GLN A 29 28.61 -22.99 5.33
N PRO A 30 28.72 -23.76 6.41
CA PRO A 30 28.22 -23.30 7.71
C PRO A 30 29.11 -22.31 8.42
N ALA A 31 28.47 -21.37 9.10
CA ALA A 31 29.13 -20.61 10.14
C ALA A 31 29.34 -21.52 11.34
N LEU A 32 30.56 -21.52 11.88
CA LEU A 32 30.93 -22.35 13.01
C LEU A 32 31.38 -21.47 14.17
N LEU A 33 31.10 -21.92 15.39
CA LEU A 33 31.38 -21.14 16.60
C LEU A 33 32.74 -21.45 17.21
N SER A 34 33.49 -22.43 16.70
CA SER A 34 34.67 -22.88 17.42
C SER A 34 35.79 -21.85 17.47
N THR A 35 35.77 -20.83 16.61
CA THR A 35 36.79 -19.79 16.68
C THR A 35 36.28 -18.50 17.31
N SER A 36 35.05 -18.47 17.80
CA SER A 36 34.52 -17.25 18.37
C SER A 36 34.70 -17.29 19.87
N LYS A 37 34.64 -16.12 20.48
CA LYS A 37 34.83 -16.00 21.90
C LYS A 37 33.57 -15.39 22.50
N TRP A 38 33.32 -15.73 23.76
CA TRP A 38 32.29 -15.03 24.52
C TRP A 38 32.83 -13.68 24.92
N ILE A 39 32.02 -12.64 24.75
CA ILE A 39 32.43 -11.29 25.11
C ILE A 39 31.38 -10.65 26.01
N TRP A 40 31.82 -9.67 26.79
CA TRP A 40 30.92 -8.84 27.60
C TRP A 40 31.64 -7.51 27.88
N THR A 41 31.15 -6.75 28.86
CA THR A 41 31.64 -5.39 29.07
C THR A 41 32.91 -5.35 29.92
N GLY A 42 33.04 -6.26 30.86
CA GLY A 42 34.16 -6.20 31.78
C GLY A 42 33.93 -5.35 33.00
N GLU A 43 32.69 -4.94 33.26
CA GLU A 43 32.36 -4.31 34.53
C GLU A 43 32.92 -5.12 35.70
N ASN A 44 32.75 -6.43 35.65
CA ASN A 44 33.55 -7.35 36.45
C ASN A 44 34.74 -7.82 35.63
N PRO A 45 35.97 -7.50 36.02
CA PRO A 45 37.13 -7.86 35.21
C PRO A 45 37.49 -9.34 35.24
N ILE A 46 36.80 -10.17 36.02
CA ILE A 46 37.09 -11.59 36.03
C ILE A 46 36.39 -12.22 34.83
N PRO A 47 37.12 -12.75 33.86
CA PRO A 47 36.46 -13.36 32.69
C PRO A 47 35.55 -14.49 33.15
N GLY A 48 34.26 -14.35 32.83
CA GLY A 48 33.30 -15.34 33.27
C GLY A 48 32.81 -15.16 34.69
N GLY A 49 33.21 -14.09 35.37
CA GLY A 49 32.73 -13.84 36.71
C GLY A 49 31.27 -13.39 36.69
N SER A 50 30.78 -13.04 37.88
CA SER A 50 29.38 -12.63 38.02
C SER A 50 29.18 -11.19 37.57
N ASN A 51 28.08 -10.95 36.86
CA ASN A 51 27.69 -9.62 36.41
C ASN A 51 26.25 -9.34 36.81
N ILE A 52 25.89 -8.06 36.81
CA ILE A 52 24.58 -7.62 37.28
C ILE A 52 23.54 -7.80 36.18
N ILE A 53 22.27 -7.76 36.59
CA ILE A 53 21.21 -7.57 35.62
C ILE A 53 21.47 -6.28 34.87
N SER A 54 21.46 -6.34 33.54
CA SER A 54 21.74 -5.16 32.74
C SER A 54 21.52 -5.47 31.27
N THR A 55 21.43 -4.40 30.47
CA THR A 55 21.41 -4.48 29.02
C THR A 55 22.61 -3.66 28.52
N ARG A 56 23.39 -4.24 27.63
CA ARG A 56 24.64 -3.62 27.19
C ARG A 56 24.78 -3.71 25.68
N PRO A 57 25.40 -2.71 25.07
CA PRO A 57 25.50 -2.70 23.60
C PRO A 57 26.85 -3.19 23.06
N PHE A 58 26.83 -3.79 21.87
CA PHE A 58 28.02 -4.33 21.21
C PHE A 58 27.97 -4.02 19.74
N ARG A 59 29.07 -3.48 19.19
CA ARG A 59 29.12 -3.09 17.80
C ARG A 59 30.35 -3.69 17.13
N LYS A 60 30.27 -3.89 15.82
CA LYS A 60 31.36 -4.45 15.02
C LYS A 60 31.23 -3.92 13.60
N ASN A 61 32.29 -3.29 13.11
CA ASN A 61 32.33 -2.75 11.76
C ASN A 61 33.13 -3.68 10.89
N ILE A 62 32.74 -3.79 9.62
CA ILE A 62 33.41 -4.67 8.67
C ILE A 62 33.56 -3.95 7.35
N THR A 63 34.74 -4.12 6.73
CA THR A 63 35.08 -3.47 5.47
C THR A 63 35.51 -4.52 4.47
N ALA A 64 34.99 -4.44 3.25
CA ALA A 64 35.35 -5.41 2.23
C ALA A 64 36.82 -5.25 1.86
N PRO A 65 37.54 -6.35 1.65
CA PRO A 65 38.92 -6.24 1.16
C PRO A 65 38.92 -5.60 -0.22
N CYS A 66 40.05 -4.97 -0.56
CA CYS A 66 40.14 -4.32 -1.86
C CYS A 66 39.91 -5.35 -2.95
N GLY A 67 39.03 -5.02 -3.90
CA GLY A 67 38.80 -5.87 -5.05
C GLY A 67 37.52 -6.70 -5.01
N LYS A 68 36.81 -6.74 -3.89
CA LYS A 68 35.61 -7.55 -3.82
C LYS A 68 34.54 -6.84 -3.01
N CYS A 69 33.29 -7.24 -3.21
CA CYS A 69 32.14 -6.66 -2.55
C CYS A 69 31.47 -7.73 -1.71
N SER A 70 31.06 -7.36 -0.50
CA SER A 70 30.36 -8.31 0.36
C SER A 70 28.90 -8.37 -0.06
N VAL A 71 28.34 -9.58 -0.05
CA VAL A 71 27.03 -9.84 -0.64
C VAL A 71 26.00 -10.17 0.43
N CYS A 72 26.24 -11.21 1.21
CA CYS A 72 25.32 -11.62 2.28
C CYS A 72 26.12 -12.34 3.35
N ALA A 73 25.45 -12.68 4.45
CA ALA A 73 26.09 -13.31 5.59
C ALA A 73 25.18 -14.38 6.19
N THR A 74 25.82 -15.41 6.75
CA THR A 74 25.19 -16.43 7.58
C THR A 74 25.63 -16.21 9.02
N ILE A 75 24.69 -16.20 9.97
CA ILE A 75 24.98 -15.80 11.35
C ILE A 75 24.44 -16.83 12.34
N VAL A 76 25.27 -17.23 13.30
CA VAL A 76 24.87 -18.05 14.43
C VAL A 76 25.20 -17.26 15.69
N VAL A 77 24.23 -17.15 16.60
CA VAL A 77 24.38 -16.31 17.80
C VAL A 77 23.74 -17.02 18.99
N ALA A 78 24.41 -16.95 20.14
CA ALA A 78 23.91 -17.47 21.42
C ALA A 78 24.23 -16.43 22.50
N SER A 79 23.50 -16.49 23.61
CA SER A 79 23.66 -15.45 24.61
C SER A 79 23.31 -15.92 26.01
N ASP A 80 24.00 -15.37 26.99
CA ASP A 80 23.67 -15.47 28.40
C ASP A 80 23.49 -14.03 28.85
N ASP A 81 22.23 -13.58 28.90
CA ASP A 81 21.08 -14.46 28.74
C ASP A 81 20.28 -14.28 27.44
N ALA A 82 20.20 -13.06 26.94
CA ALA A 82 19.39 -12.80 25.75
C ALA A 82 20.10 -11.77 24.88
N HIS A 83 19.60 -11.62 23.65
CA HIS A 83 20.23 -10.75 22.67
C HIS A 83 19.21 -10.25 21.67
N THR A 84 19.51 -9.10 21.06
CA THR A 84 18.79 -8.58 19.89
C THR A 84 19.80 -8.15 18.83
N PHE A 85 19.63 -8.65 17.61
CA PHE A 85 20.64 -8.56 16.57
C PHE A 85 20.20 -7.59 15.48
N TYR A 86 21.06 -6.62 15.17
CA TYR A 86 20.82 -5.62 14.14
C TYR A 86 21.93 -5.72 13.11
N VAL A 87 21.59 -5.42 11.86
CA VAL A 87 22.57 -5.37 10.78
C VAL A 87 22.28 -4.10 9.98
N ASN A 88 23.26 -3.20 9.93
CA ASN A 88 23.11 -1.91 9.26
C ASN A 88 21.89 -1.19 9.81
N GLY A 89 21.65 -1.37 11.12
CA GLY A 89 20.57 -0.69 11.81
C GLY A 89 19.23 -1.40 11.78
N VAL A 90 19.06 -2.42 10.95
CA VAL A 90 17.79 -3.12 10.82
C VAL A 90 17.78 -4.28 11.80
N ARG A 91 16.73 -4.35 12.61
CA ARG A 91 16.58 -5.46 13.53
C ARG A 91 16.25 -6.71 12.75
N ILE A 92 17.02 -7.77 12.98
CA ILE A 92 16.88 -9.00 12.21
C ILE A 92 16.56 -10.20 13.06
N GLY A 93 16.66 -10.10 14.38
CA GLY A 93 16.30 -11.24 15.20
C GLY A 93 16.46 -10.96 16.69
N THR A 94 15.80 -11.81 17.47
CA THR A 94 15.87 -11.79 18.92
C THR A 94 15.96 -13.24 19.37
N GLY A 95 16.78 -13.49 20.39
CA GLY A 95 16.93 -14.84 20.89
C GLY A 95 17.46 -14.84 22.31
N ALA A 96 17.64 -16.04 22.86
CA ALA A 96 18.14 -16.18 24.20
C ALA A 96 18.76 -17.56 24.36
N GLY A 97 19.56 -17.69 25.42
CA GLY A 97 20.14 -18.98 25.76
C GLY A 97 21.51 -19.22 25.18
N PHE A 98 22.38 -19.84 25.98
CA PHE A 98 23.74 -20.21 25.59
C PHE A 98 23.87 -21.67 25.21
N ARG A 99 22.85 -22.48 25.47
CA ARG A 99 22.97 -23.90 25.16
C ARG A 99 22.82 -24.16 23.67
N GLN A 100 22.00 -23.37 22.99
CA GLN A 100 21.79 -23.54 21.56
C GLN A 100 21.88 -22.21 20.85
N GLY A 101 22.58 -22.21 19.70
CA GLY A 101 22.67 -21.03 18.89
C GLY A 101 21.45 -20.84 18.00
N GLN A 102 21.40 -19.67 17.37
CA GLN A 102 20.29 -19.25 16.54
C GLN A 102 20.81 -18.80 15.18
N ALA A 103 20.18 -19.29 14.12
CA ALA A 103 20.63 -18.97 12.76
C ALA A 103 19.90 -17.76 12.22
N LEU A 104 20.67 -16.86 11.61
CA LEU A 104 20.14 -15.68 10.94
C LEU A 104 20.82 -15.53 9.58
N PHE A 105 20.10 -14.93 8.64
CA PHE A 105 20.59 -14.66 7.29
C PHE A 105 20.26 -13.23 6.90
N VAL A 106 21.25 -12.52 6.36
CA VAL A 106 21.07 -11.09 6.09
C VAL A 106 21.88 -10.75 4.85
N ALA A 107 21.31 -9.86 4.03
CA ALA A 107 22.00 -9.29 2.89
C ALA A 107 22.87 -8.12 3.34
N LEU A 108 23.99 -7.92 2.65
CA LEU A 108 24.95 -6.92 3.08
C LEU A 108 25.10 -5.84 2.02
N GLN A 109 25.72 -4.75 2.44
CA GLN A 109 26.13 -3.65 1.60
C GLN A 109 27.52 -3.92 1.02
N PRO A 110 27.86 -3.29 -0.11
CA PRO A 110 29.09 -3.70 -0.82
C PRO A 110 30.36 -3.58 -0.01
N THR A 111 30.51 -2.52 0.75
CA THR A 111 31.84 -2.31 1.32
C THR A 111 31.85 -2.17 2.83
N TRP A 112 30.94 -1.41 3.41
CA TRP A 112 30.89 -1.22 4.85
C TRP A 112 29.64 -1.89 5.43
N ASN A 113 29.79 -2.56 6.57
CA ASN A 113 28.65 -3.18 7.25
C ASN A 113 28.85 -3.11 8.76
N LEU A 114 27.74 -2.90 9.47
CA LEU A 114 27.74 -2.72 10.92
C LEU A 114 26.86 -3.78 11.58
N PHE A 115 27.46 -4.57 12.47
CA PHE A 115 26.70 -5.50 13.30
C PHE A 115 26.55 -4.91 14.69
N ALA A 116 25.36 -5.06 15.27
CA ALA A 116 25.09 -4.55 16.62
C ALA A 116 24.19 -5.51 17.39
N ILE A 117 24.57 -5.82 18.62
CA ILE A 117 23.85 -6.75 19.49
C ILE A 117 23.60 -6.06 20.82
N ALA A 118 22.37 -6.12 21.31
CA ALA A 118 22.04 -5.64 22.65
C ALA A 118 21.83 -6.88 23.53
N GLY A 119 22.85 -7.24 24.28
CA GLY A 119 22.77 -8.40 25.15
C GLY A 119 22.20 -8.04 26.50
N GLN A 120 21.61 -9.02 27.16
CA GLN A 120 20.94 -8.84 28.43
C GLN A 120 21.35 -9.93 29.40
N ASN A 121 21.74 -9.52 30.61
CA ASN A 121 21.91 -10.46 31.71
C ASN A 121 20.66 -10.40 32.58
N LEU A 122 19.93 -11.50 32.67
CA LEU A 122 18.61 -11.51 33.31
C LEU A 122 18.61 -12.18 34.68
N VAL A 123 19.75 -12.69 35.13
CA VAL A 123 19.84 -13.31 36.44
C VAL A 123 20.89 -12.55 37.23
N ALA A 124 20.51 -12.08 38.41
CA ALA A 124 21.42 -11.28 39.20
C ALA A 124 22.62 -12.13 39.61
N ASN A 125 23.80 -11.49 39.62
CA ASN A 125 25.00 -12.10 40.13
C ASN A 125 25.33 -13.40 39.39
N SER A 126 25.17 -13.37 38.08
CA SER A 126 25.37 -14.51 37.20
C SER A 126 26.28 -14.13 36.04
N PRO A 127 26.90 -15.12 35.39
CA PRO A 127 27.70 -14.84 34.20
C PRO A 127 26.89 -14.21 33.07
N ALA A 128 27.63 -13.56 32.17
CA ALA A 128 27.04 -12.85 31.05
C ALA A 128 27.99 -12.94 29.86
N GLY A 129 27.43 -13.03 28.65
CA GLY A 129 28.23 -13.06 27.45
C GLY A 129 27.46 -13.30 26.18
N ILE A 130 27.92 -12.77 25.05
CA ILE A 130 27.33 -13.06 23.75
C ILE A 130 28.41 -13.67 22.86
N MET A 131 28.01 -14.63 22.04
CA MET A 131 28.90 -15.33 21.11
C MET A 131 28.21 -15.40 19.77
N ALA A 132 28.91 -15.00 18.72
CA ALA A 132 28.36 -15.05 17.38
C ALA A 132 29.47 -15.36 16.38
N SER A 133 29.07 -16.01 15.31
CA SER A 133 29.94 -16.26 14.16
C SER A 133 29.23 -15.71 12.94
N ILE A 134 29.93 -14.89 12.16
CA ILE A 134 29.38 -14.23 10.98
C ILE A 134 30.20 -14.66 9.79
N LEU A 135 29.65 -15.50 8.93
CA LEU A 135 30.32 -15.97 7.72
C LEU A 135 29.87 -15.08 6.56
N VAL A 136 30.78 -14.22 6.10
CA VAL A 136 30.47 -13.22 5.07
C VAL A 136 30.87 -13.77 3.72
N HIS A 137 29.96 -13.70 2.75
CA HIS A 137 30.21 -14.20 1.40
C HIS A 137 30.43 -13.02 0.43
N PHE A 138 31.44 -13.14 -0.42
CA PHE A 138 31.83 -12.06 -1.31
C PHE A 138 31.43 -12.40 -2.76
N SER A 139 31.50 -11.37 -3.61
CA SER A 139 30.98 -11.43 -4.98
C SER A 139 31.74 -12.40 -5.87
N ASP A 140 32.99 -12.71 -5.54
CA ASP A 140 33.81 -13.57 -6.38
C ASP A 140 33.73 -15.04 -5.98
N GLY A 141 33.04 -15.38 -4.89
CA GLY A 141 32.90 -16.74 -4.42
C GLY A 141 33.67 -17.09 -3.16
N THR A 142 34.58 -16.23 -2.70
CA THR A 142 35.30 -16.49 -1.46
C THR A 142 34.47 -16.00 -0.28
N SER A 143 34.92 -16.32 0.92
CA SER A 143 34.17 -16.02 2.13
C SER A 143 35.12 -15.82 3.31
N GLU A 144 34.66 -15.08 4.31
CA GLU A 144 35.48 -14.80 5.49
C GLU A 144 34.63 -14.80 6.76
N THR A 145 35.18 -15.39 7.82
CA THR A 145 34.48 -15.55 9.09
C THR A 145 34.92 -14.44 10.05
N PHE A 146 33.96 -13.66 10.51
CA PHE A 146 34.16 -12.70 11.59
C PHE A 146 33.43 -13.25 12.80
N VAL A 147 34.00 -13.03 14.00
CA VAL A 147 33.50 -13.62 15.24
C VAL A 147 33.42 -12.54 16.30
N THR A 148 32.77 -12.88 17.41
CA THR A 148 32.81 -12.03 18.59
C THR A 148 34.16 -12.14 19.28
N ASP A 149 34.80 -10.99 19.50
CA ASP A 149 36.07 -10.95 20.19
C ASP A 149 36.28 -9.51 20.66
N GLU A 150 37.53 -9.16 20.98
CA GLU A 150 37.83 -7.84 21.51
C GLU A 150 37.70 -6.73 20.49
N SER A 151 37.55 -7.06 19.20
CA SER A 151 37.37 -6.03 18.16
C SER A 151 35.97 -5.44 18.15
N TRP A 152 35.07 -5.94 19.00
CA TRP A 152 33.73 -5.37 19.14
C TRP A 152 33.77 -4.24 20.16
N LYS A 153 33.06 -3.16 19.87
CA LYS A 153 32.93 -2.06 20.82
C LYS A 153 31.78 -2.34 21.78
N THR A 154 31.89 -1.78 22.98
CA THR A 154 30.83 -1.92 23.96
C THR A 154 30.80 -0.67 24.84
N LEU A 155 29.83 -0.63 25.74
CA LEU A 155 29.71 0.41 26.74
C LEU A 155 29.40 -0.25 28.07
N ARG A 156 29.86 0.36 29.15
CA ARG A 156 29.51 -0.07 30.50
C ARG A 156 28.21 0.57 30.97
N ALA A 157 27.23 0.72 30.08
CA ALA A 157 25.94 1.32 30.40
C ALA A 157 24.90 0.77 29.43
N ALA A 158 23.64 1.10 29.69
CA ALA A 158 22.55 0.65 28.82
C ALA A 158 22.74 1.23 27.42
N PRO A 159 22.24 0.55 26.39
CA PRO A 159 22.42 1.02 25.02
C PRO A 159 21.75 2.37 24.80
N PRO A 160 22.52 3.37 24.35
CA PRO A 160 21.93 4.66 24.01
C PRO A 160 20.95 4.54 22.85
N GLU A 161 20.23 5.63 22.61
CA GLU A 161 19.34 5.69 21.45
C GLU A 161 20.13 5.49 20.18
N ASN A 162 19.60 4.65 19.28
CA ASN A 162 20.20 4.45 17.97
C ASN A 162 21.64 3.94 18.06
N PHE A 163 21.93 3.13 19.08
CA PHE A 163 23.25 2.53 19.15
C PHE A 163 23.51 1.60 17.98
N GLN A 164 22.46 1.11 17.33
CA GLN A 164 22.60 0.13 16.25
C GLN A 164 22.69 0.78 14.87
N LEU A 165 22.59 2.08 14.77
CA LEU A 165 22.68 2.77 13.49
C LEU A 165 24.15 2.96 13.12
N PRO A 166 24.49 2.80 11.84
CA PRO A 166 25.87 3.09 11.42
C PRO A 166 26.32 4.51 11.74
N SER A 167 25.39 5.46 11.82
CA SER A 167 25.70 6.87 11.98
C SER A 167 26.05 7.28 13.39
N THR A 168 25.86 6.41 14.39
CA THR A 168 26.29 6.70 15.75
C THR A 168 27.80 6.55 15.87
N ASN A 169 28.44 7.47 16.58
CA ASN A 169 29.89 7.52 16.67
C ASN A 169 30.36 6.65 17.83
N ASP A 170 31.10 5.58 17.53
CA ASP A 170 31.60 4.67 18.55
C ASP A 170 33.12 4.67 18.58
N SER A 171 33.73 5.66 17.94
CA SER A 171 35.19 5.68 17.80
C SER A 171 35.89 5.67 19.14
N ASN A 172 35.25 6.22 20.17
CA ASN A 172 35.83 6.28 21.50
C ASN A 172 35.31 5.20 22.44
N TRP A 173 34.39 4.33 21.99
CA TRP A 173 33.92 3.25 22.84
C TRP A 173 35.09 2.33 23.18
N PRO A 174 35.07 1.68 24.34
CA PRO A 174 36.11 0.70 24.67
C PRO A 174 35.87 -0.62 23.96
N SER A 175 36.90 -1.49 24.02
CA SER A 175 36.80 -2.84 23.49
C SER A 175 35.87 -3.67 24.37
N ALA A 176 35.30 -4.70 23.76
CA ALA A 176 34.59 -5.69 24.55
C ALA A 176 35.60 -6.55 25.29
N ALA A 177 35.18 -7.11 26.42
CA ALA A 177 36.05 -7.90 27.26
C ALA A 177 35.70 -9.37 27.09
N VAL A 178 36.70 -10.19 26.79
CA VAL A 178 36.47 -11.61 26.53
C VAL A 178 36.21 -12.33 27.84
N GLN A 179 35.04 -12.99 27.94
CA GLN A 179 34.67 -13.79 29.09
C GLN A 179 35.15 -15.23 28.98
N GLY A 180 35.53 -15.67 27.78
CA GLY A 180 35.94 -17.04 27.57
C GLY A 180 36.01 -17.41 26.10
N ALA A 181 36.87 -18.36 25.77
CA ALA A 181 36.96 -18.85 24.40
C ALA A 181 35.88 -19.91 24.18
N TYR A 182 35.86 -20.48 22.97
CA TYR A 182 34.87 -21.51 22.66
C TYR A 182 34.97 -22.70 23.61
N GLN A 183 36.19 -23.20 23.81
CA GLN A 183 36.48 -24.21 24.83
C GLN A 183 36.85 -23.45 26.10
N ASN A 184 35.90 -23.33 27.03
CA ASN A 184 36.14 -22.64 28.28
C ASN A 184 35.44 -23.40 29.40
N SER A 185 35.51 -22.83 30.60
CA SER A 185 35.08 -23.52 31.82
C SER A 185 33.74 -23.01 32.37
N VAL A 186 33.03 -22.14 31.64
CA VAL A 186 31.79 -21.55 32.13
C VAL A 186 30.56 -22.08 31.41
N TRP A 187 30.62 -22.16 30.07
CA TRP A 187 29.43 -22.40 29.25
C TRP A 187 29.47 -23.71 28.48
N GLY A 188 30.51 -23.97 27.71
CA GLY A 188 30.54 -25.17 26.91
C GLY A 188 29.99 -24.93 25.53
N PRO A 189 30.22 -25.87 24.62
CA PRO A 189 30.01 -25.59 23.18
C PRO A 189 28.54 -25.53 22.83
N PRO A 190 28.06 -24.38 22.36
CA PRO A 190 26.62 -24.27 22.06
C PRO A 190 26.28 -25.11 20.84
N VAL A 191 25.12 -25.76 20.92
CA VAL A 191 24.65 -26.60 19.84
C VAL A 191 24.31 -25.73 18.65
N LEU A 192 24.78 -26.12 17.47
CA LEU A 192 24.43 -25.41 16.24
C LEU A 192 23.01 -25.79 15.81
N PRO A 193 22.21 -24.82 15.41
CA PRO A 193 20.86 -25.13 14.92
C PRO A 193 20.90 -25.71 13.52
N PRO A 194 19.80 -26.29 13.06
CA PRO A 194 19.71 -26.65 11.64
C PRO A 194 19.78 -25.39 10.79
N VAL A 195 20.39 -25.52 9.60
CA VAL A 195 20.51 -24.37 8.70
C VAL A 195 19.14 -23.74 8.42
N LEU A 196 18.16 -24.58 8.11
CA LEU A 196 16.80 -24.12 7.91
C LEU A 196 15.87 -25.17 8.52
N PRO A 197 14.69 -24.78 8.97
CA PRO A 197 13.74 -25.77 9.48
C PRO A 197 12.98 -26.48 8.37
N LEU A 198 12.75 -27.78 8.56
CA LEU A 198 11.78 -28.48 7.73
C LEU A 198 10.40 -28.53 8.35
N ARG A 199 10.30 -28.34 9.66
CA ARG A 199 8.97 -28.33 10.27
C ARG A 199 8.23 -27.14 9.70
N GLY A 200 7.07 -27.41 9.11
CA GLY A 200 6.35 -26.41 8.35
C GLY A 200 6.43 -26.59 6.85
N SER A 201 7.37 -27.38 6.35
CA SER A 201 7.38 -27.67 4.93
C SER A 201 6.62 -28.97 4.67
N ASN A 202 6.29 -29.20 3.40
CA ASN A 202 5.46 -30.35 3.05
C ASN A 202 6.15 -31.20 2.01
N TRP A 203 5.98 -32.51 2.13
CA TRP A 203 6.30 -33.40 1.03
C TRP A 203 5.28 -33.20 -0.06
N ILE A 204 5.73 -32.88 -1.27
CA ILE A 204 4.81 -32.68 -2.39
C ILE A 204 5.16 -33.65 -3.51
N TRP A 205 4.21 -33.81 -4.43
CA TRP A 205 4.42 -34.62 -5.64
C TRP A 205 3.34 -34.26 -6.64
N THR A 206 3.39 -34.90 -7.80
CA THR A 206 2.28 -34.81 -8.75
C THR A 206 1.09 -35.61 -8.22
N SER A 207 -0.08 -35.40 -8.84
CA SER A 207 -1.32 -36.00 -8.33
C SER A 207 -1.44 -37.48 -8.65
N ASP A 208 -0.48 -38.06 -9.40
CA ASP A 208 -0.41 -39.51 -9.55
C ASP A 208 0.14 -40.21 -8.31
N ASN A 209 0.50 -39.45 -7.27
CA ASN A 209 0.86 -39.99 -5.97
C ASN A 209 -0.43 -40.16 -5.18
N VAL A 210 -0.85 -41.40 -4.99
CA VAL A 210 -2.14 -41.65 -4.37
C VAL A 210 -2.06 -42.95 -3.60
N ASN A 211 -2.66 -42.95 -2.40
CA ASN A 211 -2.71 -44.14 -1.55
C ASN A 211 -1.33 -44.65 -1.16
N GLY A 212 -0.37 -43.73 -1.00
CA GLY A 212 0.93 -44.06 -0.46
C GLY A 212 2.00 -44.46 -1.46
N ALA A 213 1.70 -44.41 -2.75
CA ALA A 213 2.67 -44.81 -3.77
C ALA A 213 2.51 -43.93 -4.99
N ALA A 214 3.54 -43.95 -5.83
CA ALA A 214 3.54 -43.15 -7.04
C ALA A 214 4.27 -43.93 -8.11
N PRO A 215 3.90 -43.77 -9.38
CA PRO A 215 4.55 -44.53 -10.45
C PRO A 215 6.03 -44.19 -10.55
N VAL A 216 6.79 -45.12 -11.14
CA VAL A 216 8.21 -44.89 -11.35
C VAL A 216 8.38 -43.82 -12.42
N GLY A 217 9.34 -42.93 -12.21
CA GLY A 217 9.62 -41.90 -13.20
C GLY A 217 9.89 -40.54 -12.60
N SER A 218 10.17 -39.57 -13.45
CA SER A 218 10.57 -38.24 -13.03
C SER A 218 9.43 -37.25 -13.14
N ARG A 219 9.47 -36.23 -12.29
CA ARG A 219 8.43 -35.20 -12.25
C ARG A 219 9.08 -33.85 -12.02
N ALA A 220 8.46 -32.79 -12.53
CA ALA A 220 8.99 -31.44 -12.47
C ALA A 220 8.08 -30.54 -11.62
N PHE A 221 8.70 -29.56 -10.96
CA PHE A 221 8.07 -28.65 -10.01
C PHE A 221 8.67 -27.26 -10.18
N ARG A 222 7.80 -26.25 -10.17
CA ARG A 222 8.24 -24.85 -10.29
C ARG A 222 7.63 -24.03 -9.17
N LYS A 223 8.38 -23.03 -8.73
CA LYS A 223 7.90 -22.01 -7.79
C LYS A 223 8.66 -20.73 -8.08
N THR A 224 7.94 -19.65 -8.34
CA THR A 224 8.56 -18.37 -8.64
C THR A 224 8.37 -17.38 -7.49
N VAL A 225 9.42 -16.63 -7.18
CA VAL A 225 9.36 -15.58 -6.17
C VAL A 225 9.66 -14.25 -6.87
N ASN A 226 8.71 -13.31 -6.80
CA ASN A 226 8.79 -12.05 -7.55
C ASN A 226 8.23 -10.91 -6.69
N GLN A 227 9.08 -10.39 -5.82
CA GLN A 227 8.77 -9.24 -4.98
C GLN A 227 9.34 -8.00 -5.66
N CYS A 228 8.50 -7.34 -6.46
CA CYS A 228 8.98 -6.37 -7.44
C CYS A 228 9.41 -5.04 -6.85
N THR A 229 9.14 -4.76 -5.58
CA THR A 229 9.60 -3.52 -4.98
C THR A 229 10.82 -3.69 -4.10
N LYS A 230 11.31 -4.91 -3.90
CA LYS A 230 12.46 -5.19 -3.07
C LYS A 230 13.62 -5.63 -3.97
N VAL A 231 14.80 -5.76 -3.37
CA VAL A 231 16.00 -6.22 -4.07
C VAL A 231 16.41 -7.55 -3.46
N ALA A 232 16.24 -8.63 -4.23
CA ALA A 232 16.64 -9.96 -3.79
C ALA A 232 18.14 -10.14 -3.97
N VAL A 233 18.76 -10.87 -3.04
CA VAL A 233 20.22 -10.96 -2.93
C VAL A 233 20.69 -12.41 -2.89
N CYS A 234 20.52 -13.06 -1.73
CA CYS A 234 20.96 -14.43 -1.52
C CYS A 234 19.77 -15.33 -1.22
N ALA A 235 19.91 -16.60 -1.61
CA ALA A 235 18.97 -17.64 -1.25
C ALA A 235 19.71 -18.81 -0.63
N THR A 236 19.18 -19.31 0.49
CA THR A 236 19.60 -20.55 1.11
C THR A 236 18.50 -21.58 0.89
N VAL A 237 18.89 -22.80 0.52
CA VAL A 237 17.96 -23.85 0.14
C VAL A 237 18.29 -25.13 0.86
N LEU A 238 17.30 -25.73 1.51
CA LEU A 238 17.41 -27.05 2.12
C LEU A 238 16.40 -27.95 1.43
N ILE A 239 16.85 -29.13 0.98
CA ILE A 239 16.03 -29.96 0.13
C ILE A 239 16.36 -31.44 0.33
N ALA A 240 15.35 -32.27 0.12
CA ALA A 240 15.51 -33.71 0.10
C ALA A 240 14.38 -34.28 -0.75
N ALA A 241 14.59 -35.48 -1.29
CA ALA A 241 13.55 -36.08 -2.11
C ALA A 241 13.68 -37.60 -2.09
N ASP A 242 12.53 -38.26 -2.19
CA ASP A 242 12.37 -39.69 -2.43
C ASP A 242 11.86 -39.86 -3.86
N ASP A 243 12.74 -40.31 -4.76
CA ASP A 243 14.04 -40.88 -4.40
C ASP A 243 15.25 -40.01 -4.70
N ARG A 244 15.14 -39.10 -5.65
CA ARG A 244 16.29 -38.23 -5.94
C ARG A 244 15.78 -36.96 -6.61
N TYR A 245 16.66 -35.98 -6.73
CA TYR A 245 16.24 -34.70 -7.29
C TYR A 245 17.41 -34.00 -7.94
N THR A 246 17.09 -33.07 -8.83
CA THR A 246 18.04 -32.06 -9.27
C THR A 246 17.36 -30.70 -9.19
N LEU A 247 18.10 -29.69 -8.73
CA LEU A 247 17.56 -28.39 -8.41
C LEU A 247 18.11 -27.34 -9.38
N TYR A 248 17.23 -26.47 -9.88
CA TYR A 248 17.60 -25.40 -10.80
C TYR A 248 17.10 -24.07 -10.29
N VAL A 249 17.90 -23.02 -10.47
CA VAL A 249 17.47 -21.67 -10.16
C VAL A 249 17.72 -20.79 -11.39
N ASN A 250 16.64 -20.16 -11.88
CA ASN A 250 16.65 -19.38 -13.13
C ASN A 250 17.24 -20.17 -14.30
N GLY A 251 17.06 -21.49 -14.31
CA GLY A 251 17.57 -22.32 -15.38
C GLY A 251 18.94 -22.93 -15.12
N ALA A 252 19.68 -22.44 -14.13
CA ALA A 252 21.00 -22.95 -13.79
C ALA A 252 20.92 -24.11 -12.83
N THR A 253 21.72 -25.16 -13.08
CA THR A 253 21.76 -26.29 -12.15
C THR A 253 22.44 -25.89 -10.86
N VAL A 254 21.83 -26.24 -9.73
CA VAL A 254 22.42 -26.00 -8.41
C VAL A 254 23.08 -27.24 -7.85
N GLY A 255 22.40 -28.37 -7.94
CA GLY A 255 22.92 -29.58 -7.35
C GLY A 255 21.90 -30.69 -7.45
N SER A 256 22.34 -31.87 -7.02
CA SER A 256 21.53 -33.07 -7.07
C SER A 256 21.73 -33.88 -5.80
N GLY A 257 20.71 -34.64 -5.41
CA GLY A 257 20.81 -35.52 -4.27
C GLY A 257 19.96 -36.76 -4.47
N SER A 258 20.12 -37.72 -3.56
CA SER A 258 19.44 -39.00 -3.69
C SER A 258 19.24 -39.66 -2.34
N SER A 259 18.86 -38.89 -1.34
CA SER A 259 18.55 -39.41 -0.02
C SER A 259 17.29 -38.71 0.45
N TYR A 260 16.39 -39.48 1.05
CA TYR A 260 15.24 -38.93 1.74
C TYR A 260 15.39 -39.00 3.25
N THR A 261 16.59 -39.36 3.72
CA THR A 261 16.93 -39.39 5.13
C THR A 261 18.04 -38.42 5.48
N VAL A 262 18.77 -37.91 4.49
CA VAL A 262 19.84 -36.95 4.70
C VAL A 262 19.60 -35.80 3.74
N ALA A 263 19.30 -34.61 4.28
CA ALA A 263 18.96 -33.46 3.44
C ALA A 263 20.20 -32.68 3.01
N ASP A 264 20.08 -31.98 1.89
CA ASP A 264 21.16 -31.21 1.30
C ASP A 264 20.83 -29.73 1.37
N ALA A 265 21.87 -28.91 1.52
CA ALA A 265 21.71 -27.46 1.66
C ALA A 265 22.66 -26.74 0.70
N TYR A 266 22.12 -25.75 -0.02
CA TYR A 266 22.88 -24.94 -0.98
C TYR A 266 22.67 -23.46 -0.70
N THR A 267 23.68 -22.64 -1.01
CA THR A 267 23.52 -21.20 -1.06
C THR A 267 23.58 -20.76 -2.51
N ILE A 268 22.66 -19.89 -2.89
CA ILE A 268 22.61 -19.33 -4.23
C ILE A 268 22.93 -17.83 -4.12
N PRO A 269 24.14 -17.42 -4.46
CA PRO A 269 24.57 -16.04 -4.23
C PRO A 269 24.36 -15.08 -5.39
N ASN A 270 23.76 -15.55 -6.50
CA ASN A 270 23.56 -14.70 -7.66
C ASN A 270 22.08 -14.63 -8.05
N LEU A 271 21.19 -14.43 -7.08
CA LEU A 271 19.79 -14.26 -7.42
C LEU A 271 19.61 -13.05 -8.36
N HIS A 272 18.70 -13.19 -9.30
CA HIS A 272 18.23 -12.01 -10.00
C HIS A 272 17.53 -11.10 -9.00
N PRO A 273 17.69 -9.78 -9.10
CA PRO A 273 17.21 -8.91 -8.02
C PRO A 273 15.69 -8.81 -7.85
N THR A 274 14.87 -9.15 -8.85
CA THR A 274 13.42 -9.01 -8.64
C THR A 274 12.63 -10.29 -8.94
N PHE A 275 13.13 -11.16 -9.83
CA PHE A 275 12.36 -12.30 -10.34
C PHE A 275 13.25 -13.53 -10.36
N ASN A 276 12.87 -14.58 -9.61
CA ASN A 276 13.65 -15.81 -9.55
C ASN A 276 12.73 -17.01 -9.53
N THR A 277 13.07 -18.02 -10.33
CA THR A 277 12.29 -19.26 -10.48
C THR A 277 13.12 -20.46 -10.06
N PHE A 278 12.63 -21.23 -9.09
CA PHE A 278 13.28 -22.46 -8.67
C PHE A 278 12.53 -23.62 -9.29
N ALA A 279 13.27 -24.57 -9.87
CA ALA A 279 12.66 -25.72 -10.51
C ALA A 279 13.34 -26.98 -10.00
N ILE A 280 12.56 -28.04 -9.86
CA ILE A 280 13.04 -29.31 -9.35
C ILE A 280 12.68 -30.41 -10.36
N ASN A 281 13.61 -31.29 -10.62
CA ASN A 281 13.30 -32.51 -11.36
C ASN A 281 13.55 -33.66 -10.40
N ALA A 282 12.47 -34.23 -9.87
CA ALA A 282 12.53 -35.32 -8.91
C ALA A 282 12.13 -36.61 -9.60
N THR A 283 12.77 -37.71 -9.20
CA THR A 283 12.49 -39.02 -9.77
C THR A 283 12.08 -39.98 -8.67
N ASN A 284 11.08 -40.82 -8.96
CA ASN A 284 10.67 -41.87 -8.05
C ASN A 284 11.20 -43.21 -8.54
N GLY A 285 11.99 -43.88 -7.71
CA GLY A 285 12.47 -45.20 -8.09
C GLY A 285 11.48 -46.30 -7.83
N GLY A 286 10.46 -46.03 -7.05
CA GLY A 286 9.43 -47.02 -6.77
C GLY A 286 8.81 -46.72 -5.43
N GLY A 287 7.56 -47.15 -5.28
CA GLY A 287 6.86 -47.00 -4.03
C GLY A 287 6.54 -45.56 -3.74
N PRO A 288 6.65 -45.17 -2.46
CA PRO A 288 6.38 -43.78 -2.10
C PRO A 288 7.36 -42.84 -2.79
N ALA A 289 6.89 -41.62 -2.99
CA ALA A 289 7.62 -40.56 -3.67
C ALA A 289 7.31 -39.24 -3.00
N GLY A 290 8.25 -38.32 -3.06
CA GLY A 290 8.03 -37.00 -2.48
C GLY A 290 9.27 -36.13 -2.51
N VAL A 291 9.10 -34.81 -2.61
CA VAL A 291 10.19 -33.86 -2.53
C VAL A 291 9.80 -32.77 -1.55
N ILE A 292 10.75 -32.34 -0.71
CA ILE A 292 10.49 -31.36 0.33
C ILE A 292 11.61 -30.33 0.37
N ALA A 293 11.26 -29.06 0.50
CA ALA A 293 12.28 -28.01 0.50
C ALA A 293 11.82 -26.81 1.30
N THR A 294 12.78 -26.16 1.95
CA THR A 294 12.61 -24.85 2.55
C THR A 294 13.60 -23.91 1.91
N ILE A 295 13.13 -22.72 1.52
CA ILE A 295 13.94 -21.73 0.83
C ILE A 295 13.80 -20.38 1.52
N LEU A 296 14.93 -19.77 1.84
CA LEU A 296 14.97 -18.47 2.48
C LEU A 296 15.72 -17.50 1.58
N ILE A 297 15.07 -16.38 1.24
CA ILE A 297 15.63 -15.33 0.41
C ILE A 297 15.82 -14.08 1.26
N THR A 298 17.02 -13.50 1.19
CA THR A 298 17.30 -12.26 1.90
C THR A 298 17.21 -11.07 0.96
N TYR A 299 16.63 -9.98 1.44
CA TYR A 299 16.45 -8.77 0.67
C TYR A 299 17.34 -7.66 1.23
N SER A 300 17.57 -6.65 0.38
CA SER A 300 18.46 -5.55 0.73
C SER A 300 17.94 -4.72 1.89
N ASP A 301 16.63 -4.73 2.16
CA ASP A 301 16.10 -3.96 3.27
C ASP A 301 16.25 -4.66 4.60
N GLY A 302 16.93 -5.80 4.65
CA GLY A 302 17.15 -6.51 5.89
C GLY A 302 16.08 -7.51 6.24
N SER A 303 14.94 -7.51 5.56
CA SER A 303 13.97 -8.57 5.79
C SER A 303 14.32 -9.77 4.92
N ASN A 304 13.68 -10.90 5.23
CA ASN A 304 13.82 -12.09 4.41
C ASN A 304 12.47 -12.78 4.27
N GLU A 305 12.45 -13.79 3.41
CA GLU A 305 11.24 -14.48 3.01
C GLU A 305 11.50 -15.97 3.05
N THR A 306 10.61 -16.72 3.71
CA THR A 306 10.71 -18.17 3.74
C THR A 306 9.65 -18.72 2.81
N VAL A 307 10.08 -19.51 1.83
CA VAL A 307 9.21 -20.20 0.90
C VAL A 307 9.38 -21.69 1.10
N VAL A 308 8.26 -22.41 1.26
CA VAL A 308 8.29 -23.84 1.48
C VAL A 308 7.61 -24.55 0.31
N THR A 309 7.90 -25.84 0.17
CA THR A 309 7.16 -26.65 -0.78
C THR A 309 5.73 -26.87 -0.26
N ASP A 310 4.75 -26.52 -1.08
CA ASP A 310 3.35 -26.65 -0.68
C ASP A 310 2.52 -26.70 -1.97
N ALA A 311 1.23 -26.44 -1.84
CA ALA A 311 0.32 -26.56 -2.98
C ALA A 311 0.45 -25.42 -3.99
N SER A 312 1.13 -24.34 -3.64
CA SER A 312 1.34 -23.26 -4.61
C SER A 312 2.44 -23.57 -5.62
N TRP A 313 3.19 -24.65 -5.41
CA TRP A 313 4.13 -25.07 -6.43
C TRP A 313 3.36 -25.62 -7.62
N LYS A 314 3.88 -25.36 -8.82
CA LYS A 314 3.31 -25.94 -10.03
C LYS A 314 4.01 -27.27 -10.28
N ALA A 315 3.28 -28.22 -10.86
CA ALA A 315 3.83 -29.56 -11.07
C ALA A 315 3.31 -30.14 -12.38
N ILE A 316 4.05 -31.10 -12.91
CA ILE A 316 3.68 -31.71 -14.18
C ILE A 316 4.23 -33.13 -14.25
N GLN A 317 3.51 -34.00 -14.95
CA GLN A 317 3.89 -35.41 -15.04
C GLN A 317 4.72 -35.72 -16.26
N THR A 318 4.44 -35.06 -17.38
CA THR A 318 5.29 -35.17 -18.56
C THR A 318 6.13 -33.90 -18.63
N ILE A 319 7.44 -34.07 -18.47
CA ILE A 319 8.36 -32.94 -18.37
C ILE A 319 8.63 -32.33 -19.74
N PRO A 320 8.16 -31.12 -20.02
CA PRO A 320 8.50 -30.48 -21.30
C PRO A 320 9.95 -30.05 -21.30
N GLN A 321 10.52 -30.01 -22.50
CA GLN A 321 11.85 -29.46 -22.64
C GLN A 321 11.78 -27.98 -22.34
N GLY A 322 12.72 -27.47 -21.55
CA GLY A 322 12.62 -26.11 -21.07
C GLY A 322 11.69 -25.96 -19.89
N PHE A 323 11.58 -26.99 -19.04
CA PHE A 323 10.77 -26.89 -17.83
C PHE A 323 11.44 -26.04 -16.77
N GLN A 324 12.73 -25.78 -16.91
CA GLN A 324 13.49 -25.06 -15.91
C GLN A 324 13.80 -23.58 -16.21
N PRO A 325 13.61 -23.04 -17.43
CA PRO A 325 13.78 -21.59 -17.63
C PRO A 325 12.82 -20.77 -16.79
N PRO A 326 13.19 -19.50 -16.48
CA PRO A 326 12.35 -18.67 -15.59
C PRO A 326 10.97 -18.37 -16.15
N LEU A 327 10.91 -17.81 -17.34
CA LEU A 327 9.64 -17.51 -17.99
C LEU A 327 9.30 -18.64 -18.94
N ILE A 328 8.22 -19.36 -18.63
CA ILE A 328 7.60 -20.30 -19.55
C ILE A 328 6.11 -20.19 -19.30
N ASP A 329 5.33 -20.71 -20.26
CA ASP A 329 3.88 -20.73 -20.14
C ASP A 329 3.47 -21.88 -19.23
N GLU A 330 3.03 -21.54 -18.01
CA GLU A 330 2.63 -22.57 -17.06
C GLU A 330 1.20 -23.07 -17.26
N PHE A 331 0.75 -23.15 -18.51
CA PHE A 331 -0.64 -23.50 -18.77
C PHE A 331 -0.93 -24.95 -18.40
N GLY A 332 -0.11 -25.88 -18.89
CA GLY A 332 -0.39 -27.29 -18.71
C GLY A 332 0.06 -27.89 -17.40
N TRP A 333 0.40 -27.06 -16.42
CA TRP A 333 0.90 -27.54 -15.15
C TRP A 333 -0.22 -27.56 -14.12
N GLU A 334 -0.20 -28.58 -13.27
CA GLU A 334 -1.13 -28.71 -12.17
C GLU A 334 -0.54 -28.12 -10.90
N SER A 335 -1.41 -27.92 -9.91
CA SER A 335 -0.94 -27.65 -8.56
C SER A 335 -0.28 -28.90 -8.01
N ALA A 336 0.84 -28.72 -7.33
CA ALA A 336 1.48 -29.86 -6.69
C ALA A 336 0.56 -30.41 -5.63
N LYS A 337 0.57 -31.73 -5.47
CA LYS A 337 -0.22 -32.39 -4.45
C LYS A 337 0.58 -32.50 -3.17
N ILE A 338 -0.02 -32.15 -2.05
CA ILE A 338 0.65 -32.32 -0.76
C ILE A 338 0.53 -33.78 -0.30
N ILE A 339 1.68 -34.44 -0.15
CA ILE A 339 1.69 -35.79 0.41
C ILE A 339 1.59 -35.74 1.93
N GLY A 340 2.12 -34.70 2.55
CA GLY A 340 2.02 -34.57 4.00
C GLY A 340 3.00 -33.54 4.51
N ALA A 341 2.64 -32.87 5.61
CA ALA A 341 3.55 -31.98 6.30
C ALA A 341 4.76 -32.76 6.80
N PHE A 342 5.87 -32.06 7.03
CA PHE A 342 7.05 -32.75 7.54
C PHE A 342 6.68 -33.47 8.82
N GLY A 343 7.10 -34.74 8.93
CA GLY A 343 6.70 -35.61 10.00
C GLY A 343 5.75 -36.72 9.58
N VAL A 344 5.14 -36.60 8.40
CA VAL A 344 4.26 -37.63 7.91
C VAL A 344 5.04 -38.91 7.64
N ALA A 345 4.33 -40.03 7.68
CA ALA A 345 4.91 -41.31 7.32
C ALA A 345 5.00 -41.44 5.80
N PRO A 346 5.93 -42.27 5.28
CA PRO A 346 6.92 -43.11 5.98
C PRO A 346 8.16 -42.36 6.46
N TRP A 347 8.33 -41.12 5.99
CA TRP A 347 9.64 -40.50 6.15
C TRP A 347 9.90 -40.04 7.57
N GLY A 348 8.88 -39.64 8.31
CA GLY A 348 9.06 -39.36 9.72
C GLY A 348 9.76 -38.04 10.00
N ALA A 349 10.21 -37.90 11.27
CA ALA A 349 10.79 -36.67 11.78
C ALA A 349 12.31 -36.78 11.99
N GLY A 350 12.98 -37.72 11.35
CA GLY A 350 14.37 -37.98 11.68
C GLY A 350 15.41 -37.52 10.67
N MET A 351 15.01 -36.63 9.77
CA MET A 351 15.91 -36.17 8.72
C MET A 351 17.16 -35.56 9.33
N VAL A 352 18.31 -35.90 8.77
CA VAL A 352 19.59 -35.30 9.14
C VAL A 352 19.74 -34.02 8.33
N ILE A 353 19.90 -32.89 9.03
CA ILE A 353 19.84 -31.55 8.44
C ILE A 353 21.20 -30.88 8.65
N PRO A 354 21.82 -30.32 7.61
CA PRO A 354 23.10 -29.65 7.79
C PRO A 354 23.03 -28.51 8.80
N SER A 355 24.10 -28.38 9.59
CA SER A 355 24.16 -27.35 10.62
C SER A 355 24.33 -25.98 9.99
N ALA A 356 23.72 -24.98 10.62
CA ALA A 356 23.84 -23.62 10.14
C ALA A 356 25.23 -23.06 10.38
N CYS B 19 -8.60 -20.83 -21.36
CA CYS B 19 -8.00 -21.85 -22.22
C CYS B 19 -6.67 -21.39 -22.82
N LYS B 20 -5.95 -22.36 -23.39
CA LYS B 20 -4.58 -22.13 -23.83
C LYS B 20 -4.49 -21.06 -24.91
N ILE B 21 -3.46 -20.21 -24.79
CA ILE B 21 -3.24 -19.15 -25.75
C ILE B 21 -2.23 -19.64 -26.77
N THR B 22 -2.73 -19.87 -27.99
CA THR B 22 -1.96 -20.20 -29.16
C THR B 22 -1.51 -18.97 -29.94
N ALA B 23 -2.24 -17.85 -29.81
CA ALA B 23 -1.94 -16.66 -30.59
C ALA B 23 -0.52 -16.19 -30.31
N THR B 24 0.14 -15.73 -31.37
CA THR B 24 1.55 -15.32 -31.29
C THR B 24 1.72 -13.86 -31.70
N PRO B 25 2.88 -13.25 -31.44
CA PRO B 25 3.08 -11.87 -31.87
C PRO B 25 2.79 -11.71 -33.35
N ARG B 26 2.19 -10.58 -33.71
CA ARG B 26 1.72 -10.36 -35.06
C ARG B 26 1.69 -8.88 -35.36
N GLN B 27 1.51 -8.58 -36.64
CA GLN B 27 1.33 -7.20 -37.06
C GLN B 27 0.01 -6.68 -36.53
N PHE B 28 0.01 -5.44 -36.04
CA PHE B 28 -1.20 -4.87 -35.50
C PHE B 28 -2.26 -4.74 -36.60
N GLN B 29 -3.50 -5.08 -36.25
CA GLN B 29 -4.64 -5.07 -37.18
C GLN B 29 -5.60 -3.96 -36.80
N PRO B 30 -5.86 -2.97 -37.66
CA PRO B 30 -6.69 -1.85 -37.23
C PRO B 30 -8.14 -2.26 -37.10
N ALA B 31 -8.77 -1.77 -36.03
CA ALA B 31 -10.23 -1.74 -35.92
C ALA B 31 -10.78 -0.65 -36.82
N LEU B 32 -11.78 -1.01 -37.63
CA LEU B 32 -12.31 -0.12 -38.63
C LEU B 32 -13.77 0.20 -38.33
N LEU B 33 -14.17 1.41 -38.68
CA LEU B 33 -15.53 1.92 -38.49
C LEU B 33 -16.42 1.66 -39.69
N SER B 34 -15.89 1.09 -40.76
CA SER B 34 -16.61 1.07 -42.04
C SER B 34 -17.88 0.21 -42.01
N THR B 35 -18.03 -0.70 -41.06
CA THR B 35 -19.26 -1.47 -40.93
C THR B 35 -20.13 -1.07 -39.74
N SER B 36 -19.75 -0.04 -38.98
CA SER B 36 -20.51 0.30 -37.79
C SER B 36 -21.52 1.40 -38.08
N LYS B 37 -22.52 1.51 -37.21
CA LYS B 37 -23.63 2.45 -37.39
C LYS B 37 -23.71 3.44 -36.23
N TRP B 38 -24.24 4.62 -36.51
CA TRP B 38 -24.57 5.57 -35.45
C TRP B 38 -25.88 5.14 -34.79
N ILE B 39 -25.90 5.12 -33.46
CA ILE B 39 -27.09 4.73 -32.71
C ILE B 39 -27.45 5.80 -31.70
N TRP B 40 -28.73 5.86 -31.34
CA TRP B 40 -29.21 6.70 -30.24
C TRP B 40 -30.53 6.08 -29.74
N THR B 41 -31.32 6.85 -29.00
CA THR B 41 -32.48 6.25 -28.30
C THR B 41 -33.70 6.11 -29.21
N GLY B 42 -33.88 7.02 -30.15
CA GLY B 42 -35.09 7.05 -30.96
C GLY B 42 -36.23 7.84 -30.38
N GLU B 43 -35.99 8.64 -29.34
CA GLU B 43 -36.99 9.59 -28.85
C GLU B 43 -37.56 10.42 -29.99
N ASN B 44 -36.68 10.93 -30.86
CA ASN B 44 -37.09 11.44 -32.17
C ASN B 44 -36.98 10.29 -33.16
N PRO B 45 -38.09 9.81 -33.73
CA PRO B 45 -38.02 8.63 -34.62
C PRO B 45 -37.39 8.88 -35.97
N ILE B 46 -37.06 10.12 -36.32
CA ILE B 46 -36.40 10.36 -37.59
C ILE B 46 -34.90 10.10 -37.43
N PRO B 47 -34.35 9.16 -38.18
CA PRO B 47 -32.91 8.87 -38.07
C PRO B 47 -32.09 10.10 -38.39
N GLY B 48 -31.23 10.48 -37.45
CA GLY B 48 -30.39 11.66 -37.60
C GLY B 48 -31.09 12.96 -37.27
N GLY B 49 -32.34 12.91 -36.84
CA GLY B 49 -33.07 14.12 -36.53
C GLY B 49 -32.57 14.76 -35.25
N SER B 50 -33.29 15.79 -34.84
CA SER B 50 -32.93 16.55 -33.65
C SER B 50 -33.31 15.78 -32.39
N ASN B 51 -32.44 15.85 -31.38
CA ASN B 51 -32.73 15.30 -30.07
C ASN B 51 -32.40 16.34 -29.00
N ILE B 52 -32.96 16.13 -27.80
CA ILE B 52 -32.81 17.11 -26.74
C ILE B 52 -31.48 16.94 -26.04
N ILE B 53 -31.06 17.98 -25.32
CA ILE B 53 -29.93 17.85 -24.41
C ILE B 53 -30.25 16.75 -23.42
N SER B 54 -29.36 15.78 -23.31
CA SER B 54 -29.64 14.60 -22.48
C SER B 54 -28.40 13.72 -22.39
N THR B 55 -28.44 12.79 -21.44
CA THR B 55 -27.48 11.70 -21.33
C THR B 55 -28.24 10.39 -21.38
N ARG B 56 -27.78 9.45 -22.21
CA ARG B 56 -28.51 8.21 -22.44
C ARG B 56 -27.56 7.03 -22.41
N PRO B 57 -28.01 5.86 -21.89
CA PRO B 57 -27.09 4.72 -21.70
C PRO B 57 -27.17 3.69 -22.83
N PHE B 58 -26.08 2.99 -23.07
CA PHE B 58 -26.01 1.97 -24.12
C PHE B 58 -25.23 0.77 -23.60
N ARG B 59 -25.77 -0.43 -23.82
CA ARG B 59 -25.12 -1.65 -23.38
C ARG B 59 -25.05 -2.63 -24.54
N LYS B 60 -24.07 -3.54 -24.47
CA LYS B 60 -23.85 -4.57 -25.47
C LYS B 60 -23.09 -5.72 -24.85
N ASN B 61 -23.64 -6.92 -24.95
CA ASN B 61 -23.01 -8.12 -24.43
C ASN B 61 -22.39 -8.92 -25.57
N ILE B 62 -21.23 -9.53 -25.33
CA ILE B 62 -20.63 -10.39 -26.34
C ILE B 62 -20.23 -11.70 -25.67
N THR B 63 -20.36 -12.79 -26.43
CA THR B 63 -20.06 -14.14 -25.98
C THR B 63 -19.04 -14.75 -26.93
N ALA B 64 -18.02 -15.38 -26.38
CA ALA B 64 -16.97 -15.99 -27.20
C ALA B 64 -17.51 -17.20 -27.96
N PRO B 65 -17.13 -17.37 -29.23
CA PRO B 65 -17.53 -18.58 -29.96
C PRO B 65 -16.93 -19.84 -29.34
N CYS B 66 -17.61 -20.97 -29.57
CA CYS B 66 -17.17 -22.24 -28.99
C CYS B 66 -15.78 -22.62 -29.47
N GLY B 67 -14.93 -23.05 -28.52
CA GLY B 67 -13.62 -23.56 -28.84
C GLY B 67 -12.47 -22.60 -28.58
N LYS B 68 -12.78 -21.33 -28.28
CA LYS B 68 -11.77 -20.29 -28.09
C LYS B 68 -12.21 -19.37 -26.97
N CYS B 69 -11.24 -18.65 -26.39
CA CYS B 69 -11.45 -17.72 -25.29
C CYS B 69 -11.09 -16.32 -25.76
N SER B 70 -11.87 -15.32 -25.34
CA SER B 70 -11.56 -13.94 -25.72
C SER B 70 -10.52 -13.36 -24.77
N VAL B 71 -9.61 -12.54 -25.32
CA VAL B 71 -8.41 -12.07 -24.62
C VAL B 71 -8.40 -10.56 -24.41
N CYS B 72 -8.42 -9.79 -25.50
CA CYS B 72 -8.40 -8.35 -25.38
C CYS B 72 -9.07 -7.75 -26.61
N ALA B 73 -9.24 -6.43 -26.59
CA ALA B 73 -9.95 -5.73 -27.64
C ALA B 73 -9.29 -4.39 -27.95
N THR B 74 -9.34 -4.02 -29.22
CA THR B 74 -8.97 -2.70 -29.73
C THR B 74 -10.26 -1.98 -30.10
N ILE B 75 -10.38 -0.72 -29.68
CA ILE B 75 -11.64 0.02 -29.77
C ILE B 75 -11.42 1.37 -30.40
N VAL B 76 -12.28 1.75 -31.32
CA VAL B 76 -12.38 3.10 -31.83
C VAL B 76 -13.82 3.56 -31.61
N VAL B 77 -13.99 4.74 -31.02
CA VAL B 77 -15.30 5.29 -30.68
C VAL B 77 -15.31 6.78 -30.97
N ALA B 78 -16.43 7.26 -31.53
CA ALA B 78 -16.70 8.68 -31.77
C ALA B 78 -18.14 8.95 -31.37
N SER B 79 -18.45 10.23 -31.09
CA SER B 79 -19.76 10.56 -30.55
C SER B 79 -20.19 11.97 -30.92
N ASP B 80 -21.50 12.13 -31.04
CA ASP B 80 -22.19 13.41 -31.09
C ASP B 80 -23.14 13.38 -29.90
N ASP B 81 -22.76 14.00 -28.78
CA ASP B 81 -21.56 14.85 -28.69
C ASP B 81 -20.41 14.29 -27.84
N ALA B 82 -20.70 13.62 -26.74
CA ALA B 82 -19.65 13.12 -25.87
C ALA B 82 -20.05 11.77 -25.29
N HIS B 83 -19.06 11.07 -24.73
CA HIS B 83 -19.29 9.69 -24.29
C HIS B 83 -18.34 9.33 -23.16
N THR B 84 -18.78 8.36 -22.37
CA THR B 84 -17.98 7.71 -21.34
C THR B 84 -18.08 6.22 -21.56
N PHE B 85 -16.93 5.55 -21.65
CA PHE B 85 -16.87 4.17 -22.12
C PHE B 85 -16.46 3.23 -20.99
N TYR B 86 -17.28 2.19 -20.74
CA TYR B 86 -17.05 1.20 -19.70
C TYR B 86 -16.96 -0.20 -20.27
N VAL B 87 -16.12 -1.03 -19.65
CA VAL B 87 -15.97 -2.43 -19.99
C VAL B 87 -16.03 -3.24 -18.70
N ASN B 88 -17.06 -4.08 -18.57
CA ASN B 88 -17.29 -4.88 -17.37
C ASN B 88 -17.30 -4.00 -16.11
N GLY B 89 -17.86 -2.81 -16.25
CA GLY B 89 -18.00 -1.88 -15.16
C GLY B 89 -16.83 -0.94 -14.95
N VAL B 90 -15.71 -1.21 -15.58
CA VAL B 90 -14.52 -0.38 -15.41
C VAL B 90 -14.56 0.73 -16.45
N ARG B 91 -14.46 1.97 -15.99
CA ARG B 91 -14.36 3.10 -16.88
C ARG B 91 -12.97 3.12 -17.49
N ILE B 92 -12.90 3.18 -18.81
CA ILE B 92 -11.64 3.08 -19.52
C ILE B 92 -11.36 4.27 -20.42
N GLY B 93 -12.31 5.16 -20.62
CA GLY B 93 -12.04 6.36 -21.38
C GLY B 93 -13.22 7.30 -21.45
N THR B 94 -12.92 8.55 -21.78
CA THR B 94 -13.89 9.60 -21.99
C THR B 94 -13.41 10.39 -23.21
N GLY B 95 -14.34 10.74 -24.10
CA GLY B 95 -13.99 11.44 -25.31
C GLY B 95 -15.18 12.18 -25.88
N ALA B 96 -14.96 12.83 -27.02
CA ALA B 96 -16.00 13.63 -27.65
C ALA B 96 -15.69 13.81 -29.13
N GLY B 97 -16.71 14.27 -29.85
CA GLY B 97 -16.53 14.63 -31.24
C GLY B 97 -16.84 13.51 -32.20
N PHE B 98 -17.50 13.85 -33.30
CA PHE B 98 -17.81 12.91 -34.36
C PHE B 98 -16.86 13.00 -35.54
N ARG B 99 -15.98 14.01 -35.59
CA ARG B 99 -15.09 14.13 -36.73
C ARG B 99 -13.93 13.15 -36.66
N GLN B 100 -13.42 12.87 -35.47
CA GLN B 100 -12.31 11.94 -35.32
C GLN B 100 -12.59 10.98 -34.20
N GLY B 101 -12.28 9.70 -34.44
CA GLY B 101 -12.44 8.68 -33.41
C GLY B 101 -11.32 8.65 -32.38
N GLN B 102 -11.57 7.86 -31.33
CA GLN B 102 -10.70 7.79 -30.16
C GLN B 102 -10.33 6.34 -29.89
N ALA B 103 -9.05 6.11 -29.62
CA ALA B 103 -8.56 4.76 -29.42
C ALA B 103 -8.64 4.36 -27.97
N LEU B 104 -9.07 3.13 -27.74
CA LEU B 104 -9.10 2.52 -26.42
C LEU B 104 -8.59 1.09 -26.52
N PHE B 105 -7.98 0.62 -25.45
CA PHE B 105 -7.49 -0.75 -25.37
C PHE B 105 -7.88 -1.32 -24.01
N VAL B 106 -8.45 -2.51 -24.00
CA VAL B 106 -8.94 -3.06 -22.75
C VAL B 106 -8.82 -4.57 -22.78
N ALA B 107 -8.47 -5.16 -21.64
CA ALA B 107 -8.47 -6.61 -21.51
C ALA B 107 -9.88 -7.13 -21.29
N LEU B 108 -10.11 -8.37 -21.72
CA LEU B 108 -11.44 -8.97 -21.64
C LEU B 108 -11.41 -10.22 -20.77
N GLN B 109 -12.58 -10.66 -20.37
CA GLN B 109 -12.74 -11.91 -19.65
C GLN B 109 -13.00 -13.04 -20.64
N PRO B 110 -12.75 -14.29 -20.24
CA PRO B 110 -12.70 -15.38 -21.24
C PRO B 110 -13.95 -15.55 -22.10
N THR B 111 -15.16 -15.42 -21.54
CA THR B 111 -16.35 -15.80 -22.31
C THR B 111 -17.42 -14.70 -22.40
N TRP B 112 -17.75 -14.04 -21.29
CA TRP B 112 -18.76 -12.99 -21.30
C TRP B 112 -18.11 -11.64 -21.04
N ASN B 113 -18.53 -10.64 -21.81
CA ASN B 113 -18.02 -9.28 -21.63
C ASN B 113 -19.13 -8.29 -21.92
N LEU B 114 -19.20 -7.23 -21.14
CA LEU B 114 -20.23 -6.22 -21.28
C LEU B 114 -19.59 -4.87 -21.54
N PHE B 115 -19.89 -4.28 -22.69
CA PHE B 115 -19.48 -2.93 -23.04
C PHE B 115 -20.64 -1.97 -22.82
N ALA B 116 -20.37 -0.82 -22.22
CA ALA B 116 -21.42 0.14 -21.90
C ALA B 116 -20.93 1.56 -22.09
N ILE B 117 -21.76 2.37 -22.75
CA ILE B 117 -21.43 3.75 -23.10
C ILE B 117 -22.53 4.65 -22.57
N ALA B 118 -22.15 5.74 -21.90
CA ALA B 118 -23.09 6.78 -21.50
C ALA B 118 -22.84 7.98 -22.39
N GLY B 119 -23.65 8.13 -23.44
CA GLY B 119 -23.48 9.22 -24.38
C GLY B 119 -24.27 10.47 -24.00
N GLN B 120 -23.81 11.62 -24.49
CA GLN B 120 -24.39 12.92 -24.16
C GLN B 120 -24.59 13.78 -25.41
N ASN B 121 -25.78 14.35 -25.55
CA ASN B 121 -26.03 15.41 -26.51
C ASN B 121 -25.98 16.74 -25.76
N LEU B 122 -25.09 17.64 -26.17
CA LEU B 122 -24.80 18.88 -25.45
C LEU B 122 -25.37 20.14 -26.11
N VAL B 123 -25.98 20.03 -27.29
CA VAL B 123 -26.57 21.17 -27.98
C VAL B 123 -28.03 20.85 -28.25
N ALA B 124 -28.92 21.74 -27.81
CA ALA B 124 -30.35 21.51 -27.97
C ALA B 124 -30.74 21.50 -29.44
N ASN B 125 -31.69 20.65 -29.79
CA ASN B 125 -32.26 20.58 -31.13
C ASN B 125 -31.17 20.23 -32.16
N SER B 126 -30.31 19.28 -31.80
CA SER B 126 -29.20 18.82 -32.62
C SER B 126 -29.22 17.30 -32.70
N PRO B 127 -28.61 16.73 -33.74
CA PRO B 127 -28.50 15.27 -33.83
C PRO B 127 -27.68 14.69 -32.68
N ALA B 128 -27.85 13.39 -32.46
CA ALA B 128 -27.16 12.67 -31.41
C ALA B 128 -26.87 11.25 -31.88
N GLY B 129 -25.71 10.73 -31.49
CA GLY B 129 -25.35 9.38 -31.86
C GLY B 129 -23.96 9.00 -31.38
N ILE B 130 -23.77 7.72 -31.08
CA ILE B 130 -22.46 7.20 -30.74
C ILE B 130 -22.13 6.10 -31.74
N MET B 131 -20.85 6.00 -32.10
CA MET B 131 -20.37 5.01 -33.06
C MET B 131 -19.12 4.37 -32.48
N ALA B 132 -19.06 3.05 -32.54
CA ALA B 132 -17.89 2.34 -32.02
C ALA B 132 -17.64 1.10 -32.87
N SER B 133 -16.38 0.74 -32.97
CA SER B 133 -15.96 -0.51 -33.56
C SER B 133 -15.08 -1.20 -32.52
N ILE B 134 -15.39 -2.44 -32.20
CA ILE B 134 -14.69 -3.17 -31.15
C ILE B 134 -14.11 -4.43 -31.79
N LEU B 135 -12.80 -4.47 -31.97
CA LEU B 135 -12.12 -5.61 -32.56
C LEU B 135 -11.59 -6.51 -31.44
N VAL B 136 -12.21 -7.68 -31.27
CA VAL B 136 -11.92 -8.63 -30.20
C VAL B 136 -10.95 -9.70 -30.71
N HIS B 137 -9.88 -9.95 -29.97
CA HIS B 137 -8.90 -10.98 -30.33
C HIS B 137 -9.08 -12.20 -29.44
N PHE B 138 -9.00 -13.38 -30.05
CA PHE B 138 -9.26 -14.62 -29.34
C PHE B 138 -7.95 -15.37 -29.09
N SER B 139 -8.04 -16.37 -28.22
CA SER B 139 -6.86 -17.06 -27.73
C SER B 139 -6.13 -17.80 -28.83
N ASP B 140 -6.80 -18.10 -29.95
CA ASP B 140 -6.25 -18.86 -31.05
C ASP B 140 -5.64 -18.00 -32.16
N GLY B 141 -5.74 -16.68 -32.07
CA GLY B 141 -5.19 -15.80 -33.08
C GLY B 141 -6.22 -15.19 -34.00
N THR B 142 -7.46 -15.66 -33.96
CA THR B 142 -8.48 -15.10 -34.81
C THR B 142 -9.08 -13.84 -34.19
N SER B 143 -9.87 -13.13 -34.99
CA SER B 143 -10.38 -11.82 -34.59
C SER B 143 -11.76 -11.62 -35.18
N GLU B 144 -12.56 -10.82 -34.50
CA GLU B 144 -13.93 -10.55 -34.93
C GLU B 144 -14.31 -9.13 -34.52
N THR B 145 -14.99 -8.41 -35.41
CA THR B 145 -15.37 -7.02 -35.18
C THR B 145 -16.82 -6.96 -34.72
N PHE B 146 -17.05 -6.35 -33.56
CA PHE B 146 -18.37 -5.99 -33.10
C PHE B 146 -18.52 -4.48 -33.23
N VAL B 147 -19.73 -4.03 -33.57
CA VAL B 147 -19.97 -2.64 -33.93
C VAL B 147 -21.18 -2.13 -33.17
N THR B 148 -21.34 -0.80 -33.18
CA THR B 148 -22.56 -0.19 -32.67
C THR B 148 -23.68 -0.42 -33.67
N ASP B 149 -24.78 -1.01 -33.21
CA ASP B 149 -25.92 -1.27 -34.08
C ASP B 149 -27.15 -1.50 -33.20
N GLU B 150 -28.21 -2.06 -33.78
CA GLU B 150 -29.47 -2.25 -33.05
C GLU B 150 -29.38 -3.36 -32.00
N SER B 151 -28.34 -4.17 -32.01
CA SER B 151 -28.21 -5.22 -31.00
C SER B 151 -27.80 -4.69 -29.65
N TRP B 152 -27.55 -3.38 -29.56
CA TRP B 152 -27.22 -2.71 -28.31
C TRP B 152 -28.50 -2.31 -27.62
N LYS B 153 -28.55 -2.47 -26.30
CA LYS B 153 -29.69 -2.02 -25.52
C LYS B 153 -29.52 -0.55 -25.15
N THR B 154 -30.64 0.14 -24.99
CA THR B 154 -30.66 1.54 -24.58
C THR B 154 -31.89 1.78 -23.72
N LEU B 155 -31.97 3.00 -23.19
CA LEU B 155 -33.12 3.47 -22.44
C LEU B 155 -33.49 4.87 -22.91
N ARG B 156 -34.78 5.18 -22.84
CA ARG B 156 -35.29 6.52 -23.10
C ARG B 156 -35.25 7.39 -21.85
N ALA B 157 -34.21 7.26 -21.03
CA ALA B 157 -34.07 8.04 -19.80
C ALA B 157 -32.60 8.18 -19.45
N ALA B 158 -32.32 8.96 -18.42
CA ALA B 158 -30.96 9.14 -17.95
C ALA B 158 -30.41 7.80 -17.47
N PRO B 159 -29.09 7.61 -17.57
CA PRO B 159 -28.51 6.30 -17.18
C PRO B 159 -28.74 6.03 -15.72
N PRO B 160 -29.42 4.93 -15.39
CA PRO B 160 -29.65 4.60 -13.98
C PRO B 160 -28.35 4.33 -13.26
N GLU B 161 -28.46 4.22 -11.94
CA GLU B 161 -27.31 3.85 -11.13
C GLU B 161 -26.82 2.47 -11.55
N ASN B 162 -25.50 2.35 -11.71
CA ASN B 162 -24.89 1.07 -12.04
C ASN B 162 -25.41 0.51 -13.36
N PHE B 163 -25.75 1.41 -14.29
CA PHE B 163 -26.15 0.95 -15.62
C PHE B 163 -25.03 0.21 -16.33
N GLN B 164 -23.78 0.44 -15.94
CA GLN B 164 -22.62 -0.15 -16.62
C GLN B 164 -22.15 -1.46 -16.01
N LEU B 165 -22.74 -1.89 -14.88
CA LEU B 165 -22.25 -3.13 -14.29
C LEU B 165 -22.83 -4.33 -15.02
N PRO B 166 -22.02 -5.39 -15.21
CA PRO B 166 -22.56 -6.60 -15.83
C PRO B 166 -23.76 -7.17 -15.12
N SER B 167 -23.88 -6.94 -13.81
CA SER B 167 -24.96 -7.51 -13.01
C SER B 167 -26.27 -6.77 -13.14
N THR B 168 -26.29 -5.59 -13.75
CA THR B 168 -27.56 -4.88 -13.94
C THR B 168 -28.36 -5.56 -15.05
N ASN B 169 -29.67 -5.68 -14.82
CA ASN B 169 -30.53 -6.45 -15.71
C ASN B 169 -31.10 -5.54 -16.80
N ASP B 170 -30.76 -5.85 -18.05
CA ASP B 170 -31.22 -5.11 -19.20
C ASP B 170 -32.04 -5.94 -20.18
N SER B 171 -32.50 -7.13 -19.76
CA SER B 171 -33.18 -8.03 -20.70
C SER B 171 -34.45 -7.39 -21.24
N ASN B 172 -35.06 -6.48 -20.50
CA ASN B 172 -36.27 -5.81 -20.95
C ASN B 172 -36.00 -4.45 -21.58
N TRP B 173 -34.75 -4.00 -21.62
CA TRP B 173 -34.45 -2.72 -22.26
C TRP B 173 -34.78 -2.80 -23.75
N PRO B 174 -35.21 -1.69 -24.34
CA PRO B 174 -35.44 -1.65 -25.79
C PRO B 174 -34.13 -1.49 -26.57
N SER B 175 -34.22 -1.72 -27.87
CA SER B 175 -33.07 -1.54 -28.75
C SER B 175 -32.72 -0.06 -28.92
N ALA B 176 -31.45 0.18 -29.21
CA ALA B 176 -31.04 1.51 -29.65
C ALA B 176 -31.48 1.72 -31.10
N ALA B 177 -31.65 3.00 -31.48
CA ALA B 177 -32.14 3.35 -32.80
C ALA B 177 -30.98 3.81 -33.68
N VAL B 178 -30.87 3.21 -34.87
CA VAL B 178 -29.78 3.51 -35.78
C VAL B 178 -30.02 4.87 -36.41
N GLN B 179 -29.07 5.79 -36.23
CA GLN B 179 -29.18 7.12 -36.81
C GLN B 179 -28.62 7.20 -38.22
N GLY B 180 -27.80 6.24 -38.62
CA GLY B 180 -27.17 6.26 -39.92
C GLY B 180 -26.02 5.30 -40.02
N ALA B 181 -25.76 4.80 -41.22
CA ALA B 181 -24.63 3.93 -41.45
C ALA B 181 -23.36 4.75 -41.58
N TYR B 182 -22.24 4.06 -41.86
CA TYR B 182 -20.96 4.75 -42.01
C TYR B 182 -21.07 5.84 -43.08
N GLN B 183 -21.64 5.53 -44.24
CA GLN B 183 -22.01 6.53 -45.24
C GLN B 183 -23.46 6.97 -45.04
N ASN B 184 -23.63 8.14 -44.43
CA ASN B 184 -24.95 8.72 -44.20
C ASN B 184 -24.85 10.20 -44.51
N SER B 185 -25.96 10.91 -44.35
CA SER B 185 -26.05 12.29 -44.82
C SER B 185 -25.97 13.32 -43.70
N VAL B 186 -25.71 12.91 -42.46
CA VAL B 186 -25.65 13.82 -41.34
C VAL B 186 -24.23 14.04 -40.86
N TRP B 187 -23.43 12.98 -40.78
CA TRP B 187 -22.13 13.07 -40.14
C TRP B 187 -20.96 12.81 -41.08
N GLY B 188 -20.95 11.70 -41.80
CA GLY B 188 -19.80 11.38 -42.63
C GLY B 188 -18.74 10.58 -41.90
N PRO B 189 -17.75 10.06 -42.62
CA PRO B 189 -16.84 9.07 -42.04
C PRO B 189 -15.84 9.73 -41.09
N PRO B 190 -15.83 9.33 -39.81
CA PRO B 190 -14.86 9.90 -38.88
C PRO B 190 -13.45 9.39 -39.15
N VAL B 191 -12.47 10.28 -39.03
CA VAL B 191 -11.07 9.92 -39.26
C VAL B 191 -10.58 9.01 -38.12
N LEU B 192 -9.86 7.94 -38.49
CA LEU B 192 -9.30 7.04 -37.48
C LEU B 192 -8.06 7.65 -36.85
N PRO B 193 -7.93 7.60 -35.53
CA PRO B 193 -6.75 8.14 -34.86
C PRO B 193 -5.57 7.20 -34.98
N PRO B 194 -4.36 7.68 -34.68
CA PRO B 194 -3.21 6.76 -34.62
C PRO B 194 -3.40 5.68 -33.59
N VAL B 195 -2.91 4.47 -33.91
CA VAL B 195 -3.04 3.34 -33.00
C VAL B 195 -2.49 3.72 -31.64
N LEU B 196 -1.35 4.37 -31.62
CA LEU B 196 -0.72 4.86 -30.42
C LEU B 196 -0.03 6.16 -30.77
N PRO B 197 0.16 7.05 -29.80
CA PRO B 197 0.96 8.26 -30.05
C PRO B 197 2.45 7.98 -29.93
N LEU B 198 3.24 8.60 -30.81
CA LEU B 198 4.68 8.72 -30.62
C LEU B 198 5.06 9.97 -29.84
N ARG B 199 4.15 10.94 -29.80
CA ARG B 199 4.34 12.17 -29.07
C ARG B 199 4.43 11.89 -27.58
N GLY B 200 5.53 12.30 -26.96
CA GLY B 200 5.81 11.95 -25.59
C GLY B 200 6.87 10.88 -25.42
N SER B 201 7.18 10.14 -26.47
CA SER B 201 8.26 9.19 -26.47
C SER B 201 9.51 9.86 -27.01
N ASN B 202 10.65 9.21 -26.81
CA ASN B 202 11.93 9.83 -27.13
C ASN B 202 12.68 8.94 -28.10
N TRP B 203 13.40 9.57 -29.03
CA TRP B 203 14.42 8.87 -29.79
C TRP B 203 15.62 8.57 -28.89
N ILE B 204 15.97 7.29 -28.75
CA ILE B 204 17.07 6.90 -27.89
C ILE B 204 18.15 6.19 -28.68
N TRP B 205 19.33 6.10 -28.07
CA TRP B 205 20.46 5.37 -28.62
C TRP B 205 21.47 5.16 -27.50
N THR B 206 22.55 4.46 -27.83
CA THR B 206 23.67 4.40 -26.88
C THR B 206 24.38 5.76 -26.83
N SER B 207 25.26 5.91 -25.84
CA SER B 207 25.92 7.18 -25.58
C SER B 207 27.02 7.52 -26.58
N ASP B 208 27.33 6.63 -27.52
CA ASP B 208 28.22 6.96 -28.62
C ASP B 208 27.54 7.79 -29.71
N ASN B 209 26.26 8.09 -29.57
CA ASN B 209 25.54 9.01 -30.47
C ASN B 209 25.71 10.42 -29.92
N VAL B 210 26.52 11.24 -30.61
CA VAL B 210 26.89 12.57 -30.13
C VAL B 210 27.16 13.46 -31.34
N ASN B 211 26.72 14.72 -31.23
CA ASN B 211 26.84 15.75 -32.28
C ASN B 211 26.01 15.43 -33.52
N GLY B 212 24.90 14.70 -33.35
CA GLY B 212 23.98 14.44 -34.43
C GLY B 212 24.27 13.20 -35.25
N ALA B 213 25.28 12.43 -34.87
CA ALA B 213 25.64 11.21 -35.59
C ALA B 213 26.15 10.19 -34.58
N ALA B 214 26.22 8.95 -35.05
CA ALA B 214 26.65 7.82 -34.25
C ALA B 214 27.37 6.85 -35.16
N PRO B 215 28.30 6.04 -34.64
CA PRO B 215 29.02 5.10 -35.49
C PRO B 215 28.08 4.09 -36.15
N VAL B 216 28.58 3.51 -37.25
CA VAL B 216 27.90 2.41 -37.92
C VAL B 216 27.95 1.16 -37.07
N GLY B 217 26.86 0.41 -37.00
CA GLY B 217 26.86 -0.81 -36.22
C GLY B 217 25.56 -1.07 -35.47
N SER B 218 25.52 -2.16 -34.73
CA SER B 218 24.31 -2.60 -34.04
C SER B 218 24.40 -2.33 -32.54
N ARG B 219 23.24 -2.10 -31.91
CA ARG B 219 23.12 -1.76 -30.50
C ARG B 219 21.91 -2.44 -29.89
N ALA B 220 21.96 -2.72 -28.59
CA ALA B 220 20.87 -3.41 -27.91
C ALA B 220 20.28 -2.57 -26.78
N PHE B 221 18.98 -2.76 -26.55
CA PHE B 221 18.19 -1.98 -25.60
C PHE B 221 17.18 -2.90 -24.92
N ARG B 222 17.03 -2.77 -23.61
CA ARG B 222 16.09 -3.58 -22.87
C ARG B 222 15.24 -2.70 -21.96
N LYS B 223 14.00 -3.11 -21.77
CA LYS B 223 13.08 -2.50 -20.82
C LYS B 223 12.17 -3.61 -20.33
N THR B 224 12.10 -3.77 -19.01
CA THR B 224 11.25 -4.78 -18.38
C THR B 224 10.07 -4.11 -17.68
N VAL B 225 8.90 -4.75 -17.81
CA VAL B 225 7.68 -4.34 -17.13
C VAL B 225 7.27 -5.50 -16.23
N ASN B 226 7.23 -5.25 -14.93
CA ASN B 226 6.99 -6.29 -13.94
C ASN B 226 6.10 -5.72 -12.85
N GLN B 227 4.79 -5.68 -13.11
CA GLN B 227 3.80 -5.17 -12.16
C GLN B 227 3.21 -6.39 -11.43
N CYS B 228 3.82 -6.76 -10.31
CA CYS B 228 3.66 -8.10 -9.79
C CYS B 228 2.30 -8.36 -9.12
N THR B 229 1.51 -7.34 -8.83
CA THR B 229 0.21 -7.60 -8.24
C THR B 229 -0.91 -7.59 -9.27
N LYS B 230 -0.60 -7.29 -10.54
CA LYS B 230 -1.58 -7.22 -11.60
C LYS B 230 -1.36 -8.37 -12.56
N VAL B 231 -2.34 -8.58 -13.44
CA VAL B 231 -2.27 -9.64 -14.44
C VAL B 231 -2.20 -8.97 -15.80
N ALA B 232 -1.03 -9.04 -16.43
CA ALA B 232 -0.84 -8.44 -17.74
C ALA B 232 -1.41 -9.37 -18.80
N VAL B 233 -1.97 -8.79 -19.86
CA VAL B 233 -2.71 -9.56 -20.88
C VAL B 233 -2.16 -9.28 -22.27
N CYS B 234 -2.47 -8.12 -22.84
CA CYS B 234 -2.05 -7.76 -24.19
C CYS B 234 -1.10 -6.57 -24.15
N ALA B 235 -0.18 -6.51 -25.12
CA ALA B 235 0.63 -5.32 -25.34
C ALA B 235 0.53 -4.93 -26.80
N THR B 236 0.30 -3.65 -27.08
CA THR B 236 0.41 -3.10 -28.42
C THR B 236 1.67 -2.26 -28.48
N VAL B 237 2.44 -2.39 -29.56
CA VAL B 237 3.75 -1.76 -29.68
C VAL B 237 3.82 -0.98 -30.97
N LEU B 238 4.24 0.28 -30.89
CA LEU B 238 4.50 1.15 -32.03
C LEU B 238 5.98 1.50 -32.03
N ILE B 239 6.67 1.28 -33.13
CA ILE B 239 8.12 1.37 -33.12
C ILE B 239 8.63 1.84 -34.48
N ALA B 240 9.77 2.54 -34.48
CA ALA B 240 10.50 2.95 -35.67
C ALA B 240 11.95 3.12 -35.28
N ALA B 241 12.84 3.06 -36.27
CA ALA B 241 14.27 3.17 -35.97
C ALA B 241 15.04 3.71 -37.17
N ASP B 242 16.07 4.48 -36.87
CA ASP B 242 17.10 4.90 -37.84
C ASP B 242 18.38 4.18 -37.47
N ASP B 243 18.78 3.19 -38.27
CA ASP B 243 18.20 2.92 -39.58
C ASP B 243 17.30 1.70 -39.66
N ARG B 244 17.49 0.73 -38.78
CA ARG B 244 16.62 -0.46 -38.80
C ARG B 244 16.68 -1.12 -37.42
N TYR B 245 15.72 -2.01 -37.16
CA TYR B 245 15.58 -2.60 -35.83
C TYR B 245 15.01 -3.99 -35.93
N THR B 246 15.22 -4.77 -34.87
CA THR B 246 14.47 -5.99 -34.64
C THR B 246 13.99 -6.03 -33.20
N LEU B 247 12.74 -6.45 -33.00
CA LEU B 247 12.06 -6.37 -31.72
C LEU B 247 11.78 -7.77 -31.17
N TYR B 248 12.03 -7.96 -29.87
CA TYR B 248 11.82 -9.22 -29.16
C TYR B 248 10.99 -8.97 -27.91
N VAL B 249 10.12 -9.91 -27.58
CA VAL B 249 9.39 -9.89 -26.30
C VAL B 249 9.57 -11.23 -25.60
N ASN B 250 10.10 -11.18 -24.37
CA ASN B 250 10.47 -12.37 -23.59
C ASN B 250 11.38 -13.31 -24.37
N GLY B 251 12.22 -12.76 -25.25
CA GLY B 251 13.17 -13.56 -26.02
C GLY B 251 12.65 -14.00 -27.36
N ALA B 252 11.34 -13.92 -27.58
CA ALA B 252 10.70 -14.28 -28.83
C ALA B 252 10.73 -13.11 -29.81
N THR B 253 10.99 -13.42 -31.07
CA THR B 253 10.99 -12.40 -32.13
C THR B 253 9.58 -11.92 -32.44
N VAL B 254 9.41 -10.60 -32.57
CA VAL B 254 8.14 -9.99 -32.98
C VAL B 254 8.15 -9.59 -34.44
N GLY B 255 9.21 -8.91 -34.86
CA GLY B 255 9.27 -8.41 -36.22
C GLY B 255 10.47 -7.50 -36.37
N SER B 256 10.66 -7.07 -37.61
CA SER B 256 11.73 -6.13 -37.93
C SER B 256 11.17 -5.11 -38.90
N GLY B 257 11.80 -3.95 -38.92
CA GLY B 257 11.45 -2.89 -39.83
C GLY B 257 12.71 -2.12 -40.19
N SER B 258 12.56 -1.17 -41.09
CA SER B 258 13.72 -0.42 -41.56
C SER B 258 13.31 0.94 -42.09
N SER B 259 12.47 1.66 -41.34
CA SER B 259 12.08 3.02 -41.72
C SER B 259 12.00 3.93 -40.50
N TYR B 260 12.51 5.14 -40.66
CA TYR B 260 12.31 6.23 -39.71
C TYR B 260 11.30 7.25 -40.22
N THR B 261 10.57 6.92 -41.29
CA THR B 261 9.46 7.73 -41.77
C THR B 261 8.15 6.96 -41.75
N VAL B 262 8.21 5.63 -41.58
CA VAL B 262 7.04 4.77 -41.50
C VAL B 262 7.18 3.91 -40.26
N ALA B 263 6.24 4.07 -39.32
CA ALA B 263 6.29 3.29 -38.08
C ALA B 263 5.49 2.01 -38.22
N ASP B 264 5.89 1.00 -37.44
CA ASP B 264 5.25 -0.32 -37.45
C ASP B 264 4.54 -0.57 -36.13
N ALA B 265 3.45 -1.32 -36.19
CA ALA B 265 2.63 -1.59 -35.02
C ALA B 265 2.42 -3.09 -34.91
N TYR B 266 2.63 -3.63 -33.71
CA TYR B 266 2.45 -5.04 -33.40
C TYR B 266 1.53 -5.21 -32.20
N THR B 267 0.81 -6.32 -32.16
CA THR B 267 0.11 -6.75 -30.96
C THR B 267 0.75 -8.02 -30.42
N ILE B 268 0.93 -8.07 -29.11
CA ILE B 268 1.50 -9.21 -28.41
C ILE B 268 0.42 -9.82 -27.51
N PRO B 269 -0.26 -10.89 -27.95
CA PRO B 269 -1.40 -11.43 -27.20
C PRO B 269 -1.05 -12.54 -26.23
N ASN B 270 0.22 -12.89 -26.08
CA ASN B 270 0.67 -13.98 -25.23
C ASN B 270 1.66 -13.48 -24.19
N LEU B 271 1.44 -12.27 -23.65
CA LEU B 271 2.30 -11.77 -22.60
C LEU B 271 2.30 -12.70 -21.41
N HIS B 272 3.46 -12.86 -20.80
CA HIS B 272 3.52 -13.46 -19.48
C HIS B 272 2.73 -12.59 -18.51
N PRO B 273 1.99 -13.20 -17.59
CA PRO B 273 1.05 -12.42 -16.75
C PRO B 273 1.71 -11.47 -15.75
N THR B 274 3.00 -11.64 -15.43
CA THR B 274 3.58 -10.79 -14.39
C THR B 274 4.88 -10.11 -14.83
N PHE B 275 5.65 -10.75 -15.73
CA PHE B 275 7.01 -10.31 -16.03
C PHE B 275 7.23 -10.38 -17.54
N ASN B 276 7.52 -9.24 -18.17
CA ASN B 276 7.75 -9.21 -19.61
C ASN B 276 8.88 -8.26 -19.92
N THR B 277 9.79 -8.69 -20.81
CA THR B 277 11.00 -7.94 -21.15
C THR B 277 11.00 -7.61 -22.64
N PHE B 278 11.08 -6.31 -22.98
CA PHE B 278 11.17 -5.89 -24.37
C PHE B 278 12.61 -5.59 -24.75
N ALA B 279 13.06 -6.17 -25.86
CA ALA B 279 14.43 -6.02 -26.30
C ALA B 279 14.45 -5.63 -27.77
N ILE B 280 15.34 -4.70 -28.11
CA ILE B 280 15.51 -4.20 -29.46
C ILE B 280 16.97 -4.32 -29.85
N ASN B 281 17.22 -4.85 -31.06
CA ASN B 281 18.56 -4.84 -31.69
C ASN B 281 18.48 -3.91 -32.89
N ALA B 282 19.03 -2.71 -32.74
CA ALA B 282 18.99 -1.67 -33.75
C ALA B 282 20.35 -1.48 -34.41
N THR B 283 20.34 -1.19 -35.71
CA THR B 283 21.56 -0.98 -36.47
C THR B 283 21.52 0.40 -37.12
N ASN B 284 22.66 1.08 -37.11
CA ASN B 284 22.86 2.34 -37.81
C ASN B 284 23.74 2.11 -39.03
N GLY B 285 23.27 2.52 -40.21
CA GLY B 285 24.08 2.47 -41.42
C GLY B 285 24.99 3.67 -41.63
N GLY B 286 24.78 4.74 -40.88
CA GLY B 286 25.61 5.93 -40.99
C GLY B 286 24.82 7.16 -40.58
N GLY B 287 25.55 8.17 -40.14
CA GLY B 287 24.95 9.44 -39.80
C GLY B 287 24.10 9.35 -38.57
N PRO B 288 22.97 10.05 -38.56
CA PRO B 288 22.10 10.02 -37.38
C PRO B 288 21.54 8.62 -37.14
N ALA B 289 21.28 8.33 -35.86
CA ALA B 289 20.77 7.03 -35.44
C ALA B 289 19.79 7.23 -34.28
N GLY B 290 18.83 6.30 -34.18
CA GLY B 290 17.85 6.37 -33.12
C GLY B 290 16.74 5.34 -33.24
N VAL B 291 16.19 4.93 -32.10
CA VAL B 291 15.03 4.04 -32.07
C VAL B 291 14.02 4.68 -31.13
N ILE B 292 12.74 4.61 -31.50
CA ILE B 292 11.66 5.24 -30.74
C ILE B 292 10.51 4.26 -30.66
N ALA B 293 9.88 4.18 -29.49
CA ALA B 293 8.78 3.26 -29.36
C ALA B 293 7.84 3.72 -28.26
N THR B 294 6.56 3.45 -28.46
CA THR B 294 5.53 3.57 -27.44
C THR B 294 4.94 2.19 -27.23
N ILE B 295 4.74 1.79 -25.97
CA ILE B 295 4.21 0.47 -25.65
C ILE B 295 3.05 0.61 -24.67
N LEU B 296 1.91 0.01 -25.01
CA LEU B 296 0.72 0.03 -24.17
C LEU B 296 0.39 -1.39 -23.73
N ILE B 297 0.31 -1.60 -22.42
CA ILE B 297 0.01 -2.89 -21.83
C ILE B 297 -1.31 -2.80 -21.08
N THR B 298 -2.18 -3.78 -21.29
CA THR B 298 -3.47 -3.86 -20.61
C THR B 298 -3.41 -4.91 -19.50
N TYR B 299 -4.05 -4.60 -18.39
CA TYR B 299 -4.14 -5.45 -17.23
C TYR B 299 -5.56 -5.96 -17.09
N SER B 300 -5.71 -7.08 -16.40
CA SER B 300 -7.03 -7.70 -16.27
C SER B 300 -8.01 -6.81 -15.52
N ASP B 301 -7.54 -5.87 -14.70
CA ASP B 301 -8.43 -5.01 -13.94
C ASP B 301 -8.98 -3.82 -14.73
N GLY B 302 -8.73 -3.73 -16.04
CA GLY B 302 -9.26 -2.66 -16.86
C GLY B 302 -8.39 -1.43 -17.03
N SER B 303 -7.32 -1.31 -16.28
CA SER B 303 -6.34 -0.25 -16.44
C SER B 303 -5.33 -0.62 -17.52
N ASN B 304 -4.52 0.34 -17.92
CA ASN B 304 -3.44 0.09 -18.86
C ASN B 304 -2.23 0.86 -18.39
N GLU B 305 -1.10 0.57 -19.02
CA GLU B 305 0.17 1.18 -18.68
C GLU B 305 0.88 1.49 -19.98
N THR B 306 1.37 2.71 -20.13
CA THR B 306 2.11 3.14 -21.31
C THR B 306 3.60 3.25 -20.97
N VAL B 307 4.41 2.51 -21.71
CA VAL B 307 5.86 2.54 -21.58
C VAL B 307 6.40 3.18 -22.85
N VAL B 308 7.28 4.18 -22.68
CA VAL B 308 7.89 4.91 -23.78
C VAL B 308 9.39 4.67 -23.79
N THR B 309 10.01 4.93 -24.93
CA THR B 309 11.47 4.89 -24.98
C THR B 309 12.06 6.12 -24.30
N ASP B 310 12.95 5.89 -23.33
CA ASP B 310 13.56 6.98 -22.57
C ASP B 310 14.86 6.48 -21.95
N ALA B 311 15.35 7.19 -20.94
CA ALA B 311 16.64 6.87 -20.35
C ALA B 311 16.58 5.65 -19.44
N SER B 312 15.39 5.19 -19.05
CA SER B 312 15.32 4.02 -18.18
C SER B 312 15.55 2.72 -18.94
N TRP B 313 15.53 2.74 -20.26
CA TRP B 313 15.92 1.56 -21.02
C TRP B 313 17.41 1.32 -20.80
N LYS B 314 17.80 0.05 -20.74
CA LYS B 314 19.22 -0.25 -20.63
C LYS B 314 19.77 -0.39 -22.04
N ALA B 315 21.05 -0.06 -22.22
CA ALA B 315 21.66 -0.08 -23.54
C ALA B 315 23.09 -0.60 -23.42
N ILE B 316 23.61 -1.10 -24.54
CA ILE B 316 24.96 -1.66 -24.60
C ILE B 316 25.47 -1.55 -26.03
N GLN B 317 26.78 -1.35 -26.16
CA GLN B 317 27.40 -1.11 -27.46
C GLN B 317 27.96 -2.38 -28.10
N THR B 318 28.45 -3.33 -27.31
CA THR B 318 28.80 -4.65 -27.80
C THR B 318 27.71 -5.61 -27.35
N ILE B 319 26.98 -6.17 -28.31
CA ILE B 319 25.80 -6.97 -28.00
C ILE B 319 26.19 -8.38 -27.55
N PRO B 320 25.95 -8.73 -26.28
CA PRO B 320 26.23 -10.10 -25.84
C PRO B 320 25.24 -11.08 -26.40
N GLN B 321 25.69 -12.31 -26.58
CA GLN B 321 24.77 -13.38 -26.95
C GLN B 321 23.80 -13.60 -25.81
N GLY B 322 22.52 -13.71 -26.13
CA GLY B 322 21.51 -13.75 -25.09
C GLY B 322 21.14 -12.37 -24.58
N PHE B 323 21.20 -11.35 -25.44
CA PHE B 323 20.81 -10.01 -25.03
C PHE B 323 19.30 -9.86 -24.89
N GLN B 324 18.56 -10.79 -25.44
CA GLN B 324 17.10 -10.77 -25.46
C GLN B 324 16.39 -11.73 -24.50
N PRO B 325 17.04 -12.67 -23.82
CA PRO B 325 16.33 -13.44 -22.80
C PRO B 325 15.79 -12.53 -21.72
N PRO B 326 14.68 -12.91 -21.08
CA PRO B 326 14.03 -12.01 -20.11
C PRO B 326 14.92 -11.69 -18.92
N LEU B 327 15.46 -12.73 -18.27
CA LEU B 327 16.35 -12.60 -17.13
C LEU B 327 17.78 -12.71 -17.61
N ILE B 328 18.56 -11.64 -17.45
CA ILE B 328 20.00 -11.70 -17.63
C ILE B 328 20.65 -10.74 -16.65
N ASP B 329 21.94 -10.92 -16.45
CA ASP B 329 22.72 -10.04 -15.59
C ASP B 329 22.91 -8.75 -16.38
N GLU B 330 22.13 -7.72 -16.04
CA GLU B 330 22.25 -6.44 -16.72
C GLU B 330 23.39 -5.58 -16.18
N PHE B 331 24.50 -6.21 -15.80
CA PHE B 331 25.55 -5.49 -15.09
C PHE B 331 26.25 -4.49 -16.00
N GLY B 332 26.72 -4.94 -17.16
CA GLY B 332 27.51 -4.03 -17.97
C GLY B 332 26.74 -3.06 -18.86
N TRP B 333 25.44 -2.89 -18.63
CA TRP B 333 24.58 -2.07 -19.50
C TRP B 333 24.47 -0.66 -18.95
N GLU B 334 24.48 0.32 -19.84
CA GLU B 334 24.32 1.72 -19.46
C GLU B 334 22.88 2.16 -19.62
N SER B 335 22.57 3.31 -19.05
CA SER B 335 21.33 3.98 -19.36
C SER B 335 21.34 4.42 -20.81
N ALA B 336 20.21 4.25 -21.48
CA ALA B 336 20.08 4.76 -22.84
C ALA B 336 20.19 6.27 -22.83
N LYS B 337 20.79 6.81 -23.89
CA LYS B 337 20.90 8.25 -24.06
C LYS B 337 19.70 8.74 -24.84
N ILE B 338 19.10 9.83 -24.39
CA ILE B 338 18.02 10.46 -25.13
C ILE B 338 18.59 11.36 -26.23
N ILE B 339 18.25 11.06 -27.49
CA ILE B 339 18.61 11.94 -28.59
C ILE B 339 17.63 13.12 -28.69
N GLY B 340 16.37 12.91 -28.30
CA GLY B 340 15.38 13.97 -28.33
C GLY B 340 13.97 13.44 -28.28
N ALA B 341 13.05 14.21 -27.70
CA ALA B 341 11.65 13.82 -27.78
C ALA B 341 11.21 13.80 -29.24
N PHE B 342 10.11 13.07 -29.49
CA PHE B 342 9.57 12.99 -30.82
C PHE B 342 9.29 14.38 -31.36
N GLY B 343 9.64 14.59 -32.64
CA GLY B 343 9.57 15.89 -33.27
C GLY B 343 10.92 16.53 -33.50
N VAL B 344 11.96 16.02 -32.84
CA VAL B 344 13.28 16.58 -33.00
C VAL B 344 13.81 16.29 -34.40
N ALA B 345 14.73 17.14 -34.86
CA ALA B 345 15.38 16.90 -36.13
C ALA B 345 16.42 15.78 -35.97
N PRO B 346 16.76 15.08 -37.05
CA PRO B 346 16.33 15.25 -38.45
C PRO B 346 14.96 14.67 -38.78
N TRP B 347 14.45 13.82 -37.89
CA TRP B 347 13.33 12.97 -38.29
C TRP B 347 12.04 13.76 -38.40
N GLY B 348 11.87 14.81 -37.59
CA GLY B 348 10.70 15.66 -37.71
C GLY B 348 9.45 15.00 -37.14
N ALA B 349 8.31 15.60 -37.44
CA ALA B 349 7.02 15.16 -36.89
C ALA B 349 6.13 14.45 -37.89
N GLY B 350 6.68 13.89 -38.96
CA GLY B 350 5.85 13.40 -40.06
C GLY B 350 5.72 11.90 -40.19
N MET B 351 6.04 11.17 -39.13
CA MET B 351 5.95 9.72 -39.21
C MET B 351 4.56 9.29 -39.66
N VAL B 352 4.52 8.32 -40.56
CA VAL B 352 3.25 7.71 -40.96
C VAL B 352 2.96 6.61 -39.95
N ILE B 353 1.83 6.72 -39.25
CA ILE B 353 1.51 5.87 -38.12
C ILE B 353 0.25 5.09 -38.46
N PRO B 354 0.22 3.77 -38.22
CA PRO B 354 -0.99 3.00 -38.52
C PRO B 354 -2.23 3.54 -37.83
N SER B 355 -3.36 3.44 -38.52
CA SER B 355 -4.62 3.85 -37.93
C SER B 355 -5.01 2.87 -36.84
N ALA B 356 -5.67 3.37 -35.81
CA ALA B 356 -6.14 2.47 -34.74
C ALA B 356 -7.24 1.60 -35.32
N CYS C 19 37.86 7.20 2.62
CA CYS C 19 39.26 7.46 2.28
C CYS C 19 39.78 8.82 2.79
N LYS C 20 41.10 8.99 2.72
CA LYS C 20 41.77 10.12 3.34
C LYS C 20 41.27 11.44 2.77
N ILE C 21 41.04 12.40 3.66
CA ILE C 21 40.51 13.69 3.24
C ILE C 21 41.68 14.64 3.05
N THR C 22 41.95 14.95 1.79
CA THR C 22 42.98 15.89 1.36
C THR C 22 42.45 17.31 1.33
N ALA C 23 41.14 17.46 1.17
CA ALA C 23 40.51 18.77 1.04
C ALA C 23 40.79 19.61 2.28
N THR C 24 41.00 20.91 2.06
CA THR C 24 41.29 21.85 3.12
C THR C 24 40.26 22.98 3.11
N PRO C 25 40.16 23.79 4.17
CA PRO C 25 39.21 24.90 4.16
C PRO C 25 39.42 25.79 2.93
N ARG C 26 38.30 26.30 2.40
CA ARG C 26 38.32 27.02 1.14
C ARG C 26 37.14 27.99 1.09
N GLN C 27 37.18 28.85 0.07
CA GLN C 27 36.06 29.74 -0.22
C GLN C 27 34.83 28.96 -0.63
N PHE C 28 33.67 29.36 -0.10
CA PHE C 28 32.42 28.67 -0.44
C PHE C 28 32.12 28.82 -1.93
N GLN C 29 31.71 27.71 -2.52
CA GLN C 29 31.45 27.59 -3.94
C GLN C 29 29.96 27.34 -4.18
N PRO C 30 29.27 28.19 -4.91
CA PRO C 30 27.81 28.06 -5.03
C PRO C 30 27.40 26.93 -5.97
N ALA C 31 26.37 26.20 -5.59
CA ALA C 31 25.63 25.37 -6.52
C ALA C 31 24.74 26.26 -7.37
N LEU C 32 24.81 26.07 -8.68
CA LEU C 32 24.12 26.94 -9.61
C LEU C 32 23.05 26.15 -10.36
N LEU C 33 21.95 26.84 -10.64
CA LEU C 33 20.80 26.25 -11.30
C LEU C 33 20.84 26.35 -12.82
N SER C 34 21.87 27.00 -13.39
CA SER C 34 21.83 27.33 -14.81
C SER C 34 21.93 26.10 -15.72
N THR C 35 22.39 24.95 -15.21
CA THR C 35 22.47 23.73 -16.01
C THR C 35 21.41 22.70 -15.66
N SER C 36 20.47 23.02 -14.76
CA SER C 36 19.46 22.06 -14.34
C SER C 36 18.15 22.29 -15.09
N LYS C 37 17.32 21.26 -15.12
CA LYS C 37 16.09 21.26 -15.89
C LYS C 37 14.91 21.00 -14.94
N TRP C 38 13.73 21.46 -15.35
CA TRP C 38 12.48 21.09 -14.69
C TRP C 38 12.05 19.69 -15.13
N ILE C 39 11.67 18.85 -14.17
CA ILE C 39 11.26 17.48 -14.48
C ILE C 39 9.92 17.17 -13.85
N TRP C 40 9.19 16.24 -14.46
CA TRP C 40 7.96 15.70 -13.90
C TRP C 40 7.71 14.35 -14.57
N THR C 41 6.47 13.84 -14.46
CA THR C 41 6.21 12.46 -14.86
C THR C 41 5.98 12.34 -16.35
N GLY C 42 5.42 13.34 -16.99
CA GLY C 42 5.08 13.21 -18.39
C GLY C 42 3.73 12.60 -18.65
N GLU C 43 2.89 12.49 -17.61
CA GLU C 43 1.50 12.09 -17.80
C GLU C 43 0.87 12.91 -18.90
N ASN C 44 1.08 14.22 -18.87
CA ASN C 44 0.84 15.08 -20.02
C ASN C 44 2.13 15.17 -20.81
N PRO C 45 2.18 14.67 -22.05
CA PRO C 45 3.44 14.66 -22.81
C PRO C 45 3.91 16.02 -23.28
N ILE C 46 3.15 17.08 -23.04
CA ILE C 46 3.55 18.44 -23.39
C ILE C 46 4.46 19.02 -22.33
N PRO C 47 5.70 19.38 -22.67
CA PRO C 47 6.59 20.00 -21.67
C PRO C 47 5.99 21.31 -21.18
N GLY C 48 5.77 21.39 -19.86
CA GLY C 48 5.19 22.56 -19.27
C GLY C 48 3.69 22.68 -19.37
N GLY C 49 3.00 21.70 -19.94
CA GLY C 49 1.56 21.76 -20.03
C GLY C 49 0.88 21.51 -18.70
N SER C 50 -0.45 21.42 -18.75
CA SER C 50 -1.23 21.23 -17.54
C SER C 50 -1.10 19.80 -17.03
N ASN C 51 -1.01 19.67 -15.72
CA ASN C 51 -1.05 18.38 -15.03
C ASN C 51 -2.08 18.49 -13.91
N ILE C 52 -2.48 17.34 -13.38
CA ILE C 52 -3.49 17.32 -12.33
C ILE C 52 -2.82 17.56 -10.97
N ILE C 53 -3.65 17.91 -9.99
CA ILE C 53 -3.20 17.86 -8.60
C ILE C 53 -2.75 16.45 -8.27
N SER C 54 -1.55 16.32 -7.73
CA SER C 54 -1.00 14.99 -7.46
C SER C 54 0.31 15.11 -6.71
N THR C 55 0.75 13.98 -6.16
CA THR C 55 2.08 13.84 -5.59
C THR C 55 2.83 12.75 -6.33
N ARG C 56 4.06 13.03 -6.73
CA ARG C 56 4.82 12.10 -7.55
C ARG C 56 6.23 11.97 -7.01
N PRO C 57 6.82 10.77 -7.06
CA PRO C 57 8.13 10.57 -6.46
C PRO C 57 9.23 10.63 -7.51
N PHE C 58 10.42 11.05 -7.11
CA PHE C 58 11.56 11.16 -8.02
C PHE C 58 12.80 10.68 -7.29
N ARG C 59 13.56 9.80 -7.94
CA ARG C 59 14.77 9.22 -7.35
C ARG C 59 15.95 9.44 -8.28
N LYS C 60 17.15 9.43 -7.71
CA LYS C 60 18.38 9.61 -8.46
C LYS C 60 19.53 9.00 -7.68
N ASN C 61 20.32 8.16 -8.35
CA ASN C 61 21.50 7.58 -7.74
C ASN C 61 22.73 8.34 -8.23
N ILE C 62 23.72 8.48 -7.37
CA ILE C 62 24.99 9.01 -7.82
C ILE C 62 26.07 8.08 -7.29
N THR C 63 27.21 8.09 -7.96
CA THR C 63 28.30 7.19 -7.66
C THR C 63 29.61 7.96 -7.79
N ALA C 64 30.49 7.77 -6.83
CA ALA C 64 31.76 8.48 -6.84
C ALA C 64 32.59 8.08 -8.05
N PRO C 65 33.25 9.04 -8.72
CA PRO C 65 34.20 8.67 -9.76
C PRO C 65 35.35 7.88 -9.16
N CYS C 66 36.01 7.07 -10.01
CA CYS C 66 37.11 6.24 -9.51
C CYS C 66 38.20 7.12 -8.90
N GLY C 67 38.65 6.74 -7.71
CA GLY C 67 39.75 7.42 -7.06
C GLY C 67 39.40 8.39 -5.94
N LYS C 68 38.11 8.69 -5.73
CA LYS C 68 37.73 9.68 -4.72
C LYS C 68 36.45 9.24 -4.00
N CYS C 69 36.25 9.81 -2.81
CA CYS C 69 35.09 9.54 -1.96
C CYS C 69 34.26 10.82 -1.83
N SER C 70 32.94 10.68 -1.91
CA SER C 70 32.09 11.85 -1.74
C SER C 70 31.85 12.13 -0.27
N VAL C 71 31.83 13.42 0.08
CA VAL C 71 31.84 13.84 1.48
C VAL C 71 30.54 14.56 1.84
N CYS C 72 30.20 15.62 1.11
CA CYS C 72 28.97 16.33 1.40
C CYS C 72 28.45 17.01 0.14
N ALA C 73 27.27 17.61 0.25
CA ALA C 73 26.62 18.24 -0.89
C ALA C 73 25.94 19.53 -0.47
N THR C 74 25.93 20.50 -1.40
CA THR C 74 25.15 21.72 -1.29
C THR C 74 24.02 21.63 -2.32
N ILE C 75 22.80 21.93 -1.89
CA ILE C 75 21.59 21.63 -2.65
C ILE C 75 20.75 22.88 -2.77
N VAL C 76 20.29 23.17 -3.98
CA VAL C 76 19.31 24.21 -4.24
C VAL C 76 18.13 23.55 -4.93
N VAL C 77 16.93 23.80 -4.42
CA VAL C 77 15.72 23.11 -4.87
C VAL C 77 14.60 24.12 -5.01
N ALA C 78 13.85 24.04 -6.10
CA ALA C 78 12.64 24.82 -6.30
C ALA C 78 11.60 23.91 -6.93
N SER C 79 10.33 24.27 -6.76
CA SER C 79 9.25 23.37 -7.16
C SER C 79 7.99 24.12 -7.53
N ASP C 80 7.25 23.54 -8.47
CA ASP C 80 5.88 23.90 -8.80
C ASP C 80 5.12 22.61 -8.52
N ASP C 81 4.46 22.51 -7.37
CA ASP C 81 4.24 23.60 -6.45
C ASP C 81 5.06 23.49 -5.16
N ALA C 82 5.22 22.27 -4.64
CA ALA C 82 5.90 22.04 -3.37
C ALA C 82 6.68 20.73 -3.43
N HIS C 83 7.56 20.50 -2.44
CA HIS C 83 8.43 19.33 -2.47
C HIS C 83 8.85 18.91 -1.08
N THR C 84 9.28 17.65 -0.97
CA THR C 84 9.94 17.09 0.21
C THR C 84 11.21 16.37 -0.27
N PHE C 85 12.34 16.67 0.37
CA PHE C 85 13.66 16.25 -0.09
C PHE C 85 14.26 15.27 0.90
N TYR C 86 14.67 14.10 0.42
CA TYR C 86 15.28 13.05 1.22
C TYR C 86 16.66 12.73 0.68
N VAL C 87 17.58 12.35 1.56
CA VAL C 87 18.92 11.88 1.17
C VAL C 87 19.24 10.62 1.95
N ASN C 88 19.45 9.52 1.23
CA ASN C 88 19.68 8.19 1.80
C ASN C 88 18.55 7.78 2.74
N GLY C 89 17.32 8.19 2.40
CA GLY C 89 16.16 7.83 3.17
C GLY C 89 15.82 8.78 4.29
N VAL C 90 16.74 9.67 4.62
CA VAL C 90 16.57 10.62 5.71
C VAL C 90 15.98 11.91 5.18
N ARG C 91 14.88 12.35 5.81
CA ARG C 91 14.25 13.61 5.43
C ARG C 91 15.12 14.78 5.85
N ILE C 92 15.42 15.68 4.92
CA ILE C 92 16.31 16.80 5.20
C ILE C 92 15.67 18.15 4.94
N GLY C 93 14.52 18.21 4.27
CA GLY C 93 13.91 19.50 4.05
C GLY C 93 12.59 19.42 3.31
N THR C 94 11.83 20.51 3.42
CA THR C 94 10.56 20.74 2.75
C THR C 94 10.54 22.18 2.24
N GLY C 95 10.03 22.38 1.02
CA GLY C 95 9.97 23.72 0.46
C GLY C 95 8.90 23.79 -0.61
N ALA C 96 8.73 25.00 -1.16
CA ALA C 96 7.70 25.23 -2.16
C ALA C 96 8.04 26.46 -2.97
N GLY C 97 7.38 26.58 -4.13
CA GLY C 97 7.52 27.76 -4.96
C GLY C 97 8.60 27.64 -6.01
N PHE C 98 8.35 28.20 -7.20
CA PHE C 98 9.32 28.17 -8.29
C PHE C 98 10.10 29.46 -8.41
N ARG C 99 9.71 30.53 -7.71
CA ARG C 99 10.37 31.82 -7.90
C ARG C 99 11.73 31.85 -7.21
N GLN C 100 11.86 31.24 -6.04
CA GLN C 100 13.14 31.22 -5.35
C GLN C 100 13.43 29.80 -4.86
N GLY C 101 14.66 29.39 -5.04
CA GLY C 101 15.08 28.09 -4.58
C GLY C 101 15.35 28.08 -3.09
N GLN C 102 15.58 26.87 -2.58
CA GLN C 102 15.80 26.64 -1.16
C GLN C 102 17.13 25.90 -1.02
N ALA C 103 17.97 26.39 -0.12
CA ALA C 103 19.29 25.81 0.05
C ALA C 103 19.23 24.71 1.09
N LEU C 104 19.89 23.60 0.79
CA LEU C 104 20.01 22.48 1.71
C LEU C 104 21.46 22.02 1.72
N PHE C 105 21.88 21.46 2.86
CA PHE C 105 23.22 20.92 3.07
C PHE C 105 23.10 19.54 3.69
N VAL C 106 23.82 18.56 3.16
CA VAL C 106 23.66 17.20 3.65
C VAL C 106 24.98 16.46 3.55
N ALA C 107 25.27 15.63 4.54
CA ALA C 107 26.43 14.76 4.47
C ALA C 107 26.12 13.56 3.59
N LEU C 108 27.16 13.05 2.93
CA LEU C 108 26.99 11.95 1.98
C LEU C 108 27.82 10.74 2.43
N GLN C 109 27.51 9.59 1.80
CA GLN C 109 28.27 8.36 1.97
C GLN C 109 29.38 8.28 0.94
N PRO C 110 30.43 7.48 1.20
CA PRO C 110 31.66 7.58 0.39
C PRO C 110 31.48 7.31 -1.09
N THR C 111 30.67 6.34 -1.48
CA THR C 111 30.67 5.88 -2.87
C THR C 111 29.31 5.93 -3.53
N TRP C 112 28.26 5.42 -2.88
CA TRP C 112 26.90 5.42 -3.40
C TRP C 112 26.02 6.32 -2.57
N ASN C 113 25.18 7.10 -3.23
CA ASN C 113 24.24 8.00 -2.56
C ASN C 113 22.94 8.09 -3.34
N LEU C 114 21.81 8.16 -2.63
CA LEU C 114 20.49 8.21 -3.26
C LEU C 114 19.75 9.45 -2.81
N PHE C 115 19.40 10.31 -3.78
CA PHE C 115 18.56 11.47 -3.55
C PHE C 115 17.14 11.15 -4.03
N ALA C 116 16.14 11.59 -3.26
CA ALA C 116 14.74 11.35 -3.60
C ALA C 116 13.91 12.54 -3.21
N ILE C 117 12.99 12.94 -4.09
CA ILE C 117 12.13 14.09 -3.86
C ILE C 117 10.69 13.64 -4.04
N ALA C 118 9.81 14.04 -3.14
CA ALA C 118 8.37 13.84 -3.30
C ALA C 118 7.74 15.19 -3.63
N GLY C 119 7.47 15.42 -4.94
CA GLY C 119 6.90 16.67 -5.41
C GLY C 119 5.38 16.68 -5.43
N GLN C 120 4.80 17.89 -5.34
CA GLN C 120 3.36 18.07 -5.26
C GLN C 120 2.89 19.16 -6.22
N ASN C 121 1.87 18.86 -7.00
CA ASN C 121 1.12 19.86 -7.75
C ASN C 121 -0.15 20.16 -6.97
N LEU C 122 -0.31 21.40 -6.53
CA LEU C 122 -1.39 21.76 -5.61
C LEU C 122 -2.52 22.56 -6.24
N VAL C 123 -2.41 22.91 -7.52
CA VAL C 123 -3.42 23.69 -8.22
C VAL C 123 -3.86 22.91 -9.44
N ALA C 124 -5.17 22.69 -9.57
CA ALA C 124 -5.70 21.89 -10.65
C ALA C 124 -5.43 22.53 -12.00
N ASN C 125 -5.13 21.68 -12.99
CA ASN C 125 -4.98 22.13 -14.38
C ASN C 125 -3.89 23.18 -14.49
N SER C 126 -2.78 22.95 -13.81
CA SER C 126 -1.66 23.87 -13.75
C SER C 126 -0.37 23.14 -14.07
N PRO C 127 0.67 23.86 -14.50
CA PRO C 127 1.98 23.22 -14.68
C PRO C 127 2.50 22.66 -13.37
N ALA C 128 3.44 21.72 -13.50
CA ALA C 128 4.05 21.06 -12.35
C ALA C 128 5.48 20.71 -12.69
N GLY C 129 6.37 20.83 -11.71
CA GLY C 129 7.77 20.51 -11.94
C GLY C 129 8.66 20.81 -10.75
N ILE C 130 9.73 20.04 -10.61
CA ILE C 130 10.77 20.27 -9.61
C ILE C 130 12.10 20.46 -10.32
N MET C 131 12.94 21.34 -9.77
CA MET C 131 14.26 21.65 -10.30
C MET C 131 15.25 21.66 -9.15
N ALA C 132 16.38 20.98 -9.32
CA ALA C 132 17.38 20.94 -8.26
C ALA C 132 18.76 20.87 -8.86
N SER C 133 19.72 21.44 -8.15
CA SER C 133 21.13 21.32 -8.48
C SER C 133 21.82 20.83 -7.23
N ILE C 134 22.62 19.76 -7.35
CA ILE C 134 23.30 19.14 -6.22
C ILE C 134 24.80 19.18 -6.51
N LEU C 135 25.52 20.01 -5.76
CA LEU C 135 26.99 20.14 -5.89
C LEU C 135 27.67 19.23 -4.87
N VAL C 136 28.26 18.14 -5.35
CA VAL C 136 28.88 17.13 -4.49
C VAL C 136 30.36 17.46 -4.31
N HIS C 137 30.82 17.48 -3.06
CA HIS C 137 32.23 17.73 -2.76
C HIS C 137 32.92 16.42 -2.42
N PHE C 138 34.11 16.20 -2.98
CA PHE C 138 34.81 14.94 -2.82
C PHE C 138 36.01 15.11 -1.90
N SER C 139 36.57 13.98 -1.49
CA SER C 139 37.63 13.97 -0.49
C SER C 139 38.92 14.64 -0.97
N ASP C 140 39.13 14.75 -2.28
CA ASP C 140 40.37 15.31 -2.79
C ASP C 140 40.29 16.82 -3.06
N GLY C 141 39.12 17.41 -2.88
CA GLY C 141 38.94 18.84 -3.09
C GLY C 141 38.14 19.20 -4.32
N THR C 142 37.88 18.25 -5.20
CA THR C 142 37.12 18.50 -6.42
C THR C 142 35.62 18.42 -6.15
N SER C 143 34.84 18.82 -7.17
CA SER C 143 33.39 18.93 -7.05
C SER C 143 32.75 18.63 -8.41
N GLU C 144 31.51 18.17 -8.36
CA GLU C 144 30.74 17.86 -9.56
C GLU C 144 29.29 18.17 -9.28
N THR C 145 28.64 18.81 -10.24
CA THR C 145 27.24 19.22 -10.07
C THR C 145 26.36 18.21 -10.77
N PHE C 146 25.42 17.62 -10.03
CA PHE C 146 24.37 16.78 -10.57
C PHE C 146 23.05 17.56 -10.52
N VAL C 147 22.19 17.34 -11.51
CA VAL C 147 20.99 18.16 -11.67
C VAL C 147 19.77 17.26 -11.83
N THR C 148 18.61 17.89 -11.73
CA THR C 148 17.38 17.21 -12.13
C THR C 148 17.30 17.16 -13.66
N ASP C 149 17.14 15.96 -14.21
CA ASP C 149 17.02 15.76 -15.65
C ASP C 149 16.40 14.38 -15.89
N GLU C 150 16.51 13.87 -17.12
CA GLU C 150 15.86 12.61 -17.46
C GLU C 150 16.50 11.39 -16.81
N SER C 151 17.68 11.51 -16.20
CA SER C 151 18.30 10.37 -15.52
C SER C 151 17.62 10.07 -14.19
N TRP C 152 16.64 10.86 -13.79
CA TRP C 152 15.91 10.60 -12.55
C TRP C 152 14.77 9.64 -12.84
N LYS C 153 14.57 8.69 -11.94
CA LYS C 153 13.42 7.80 -12.07
C LYS C 153 12.17 8.48 -11.50
N THR C 154 11.02 8.11 -12.03
CA THR C 154 9.77 8.63 -11.53
C THR C 154 8.70 7.56 -11.69
N LEU C 155 7.50 7.84 -11.19
CA LEU C 155 6.34 6.99 -11.38
C LEU C 155 5.14 7.84 -11.75
N ARG C 156 4.27 7.27 -12.56
CA ARG C 156 3.00 7.91 -12.86
C ARG C 156 1.94 7.62 -11.78
N ALA C 157 2.35 7.58 -10.51
CA ALA C 157 1.43 7.29 -9.41
C ALA C 157 1.94 7.96 -8.14
N ALA C 158 1.12 7.89 -7.09
CA ALA C 158 1.51 8.44 -5.81
C ALA C 158 2.76 7.72 -5.31
N PRO C 159 3.61 8.40 -4.54
CA PRO C 159 4.86 7.78 -4.10
C PRO C 159 4.59 6.59 -3.19
N PRO C 160 5.04 5.41 -3.59
CA PRO C 160 4.84 4.22 -2.74
C PRO C 160 5.57 4.34 -1.41
N GLU C 161 5.21 3.43 -0.51
CA GLU C 161 5.86 3.37 0.79
C GLU C 161 7.34 3.05 0.62
N ASN C 162 8.18 3.81 1.33
CA ASN C 162 9.63 3.69 1.27
C ASN C 162 10.20 3.99 -0.12
N PHE C 163 9.54 4.87 -0.87
CA PHE C 163 10.10 5.26 -2.16
C PHE C 163 11.46 5.94 -2.01
N GLN C 164 11.74 6.49 -0.82
CA GLN C 164 12.96 7.24 -0.58
C GLN C 164 14.09 6.39 -0.02
N LEU C 165 13.85 5.13 0.33
CA LEU C 165 14.90 4.30 0.89
C LEU C 165 15.79 3.75 -0.22
N PRO C 166 17.10 3.70 -0.01
CA PRO C 166 17.98 3.09 -1.02
C PRO C 166 17.61 1.65 -1.35
N SER C 167 17.01 0.93 -0.41
CA SER C 167 16.73 -0.48 -0.62
C SER C 167 15.52 -0.74 -1.48
N THR C 168 14.67 0.25 -1.72
CA THR C 168 13.54 0.05 -2.60
C THR C 168 14.01 0.03 -4.06
N ASN C 169 13.45 -0.89 -4.82
CA ASN C 169 13.90 -1.18 -6.17
C ASN C 169 13.20 -0.29 -7.18
N ASP C 170 13.99 0.52 -7.90
CA ASP C 170 13.49 1.43 -8.93
C ASP C 170 14.07 1.11 -10.31
N SER C 171 14.63 -0.10 -10.49
CA SER C 171 15.32 -0.42 -11.74
C SER C 171 14.38 -0.42 -12.95
N ASN C 172 13.09 -0.68 -12.75
CA ASN C 172 12.13 -0.70 -13.86
C ASN C 172 11.30 0.57 -13.97
N TRP C 173 11.46 1.53 -13.07
CA TRP C 173 10.71 2.78 -13.14
C TRP C 173 11.03 3.50 -14.44
N PRO C 174 10.10 4.28 -14.98
CA PRO C 174 10.40 5.10 -16.16
C PRO C 174 11.22 6.34 -15.81
N SER C 175 11.80 6.94 -16.86
CA SER C 175 12.54 8.17 -16.70
C SER C 175 11.60 9.33 -16.40
N ALA C 176 12.12 10.35 -15.73
CA ALA C 176 11.38 11.59 -15.59
C ALA C 176 11.39 12.33 -16.91
N ALA C 177 10.37 13.16 -17.12
CA ALA C 177 10.21 13.90 -18.37
C ALA C 177 10.58 15.35 -18.15
N VAL C 178 11.42 15.88 -19.03
CA VAL C 178 11.91 17.25 -18.89
C VAL C 178 10.79 18.20 -19.30
N GLN C 179 10.43 19.11 -18.39
CA GLN C 179 9.41 20.12 -18.67
C GLN C 179 9.99 21.38 -19.30
N GLY C 180 11.29 21.59 -19.17
CA GLY C 180 11.90 22.80 -19.68
C GLY C 180 13.29 22.97 -19.11
N ALA C 181 14.16 23.64 -19.85
CA ALA C 181 15.49 23.94 -19.37
C ALA C 181 15.47 25.18 -18.47
N TYR C 182 16.66 25.58 -18.03
CA TYR C 182 16.78 26.76 -17.17
C TYR C 182 16.13 27.94 -17.84
N GLN C 183 16.44 28.13 -19.12
CA GLN C 183 15.79 29.12 -19.97
C GLN C 183 14.57 28.41 -20.58
N ASN C 184 13.38 28.68 -20.05
CA ASN C 184 12.17 28.08 -20.61
C ASN C 184 11.05 29.11 -20.62
N SER C 185 9.90 28.68 -21.12
CA SER C 185 8.77 29.57 -21.40
C SER C 185 7.62 29.44 -20.42
N VAL C 186 7.79 28.68 -19.33
CA VAL C 186 6.74 28.49 -18.35
C VAL C 186 7.06 29.17 -17.03
N TRP C 187 8.29 29.06 -16.54
CA TRP C 187 8.64 29.44 -15.17
C TRP C 187 9.64 30.58 -15.11
N GLY C 188 10.78 30.46 -15.80
CA GLY C 188 11.82 31.44 -15.71
C GLY C 188 12.80 31.12 -14.60
N PRO C 189 13.96 31.80 -14.59
CA PRO C 189 15.07 31.39 -13.74
C PRO C 189 14.83 31.71 -12.28
N PRO C 190 14.89 30.72 -11.39
CA PRO C 190 14.65 30.99 -9.96
C PRO C 190 15.80 31.74 -9.33
N VAL C 191 15.45 32.67 -8.44
CA VAL C 191 16.47 33.42 -7.70
C VAL C 191 17.14 32.50 -6.68
N LEU C 192 18.49 32.60 -6.59
CA LEU C 192 19.23 31.83 -5.60
C LEU C 192 19.11 32.45 -4.21
N PRO C 193 18.88 31.63 -3.18
CA PRO C 193 18.84 32.15 -1.81
C PRO C 193 20.25 32.37 -1.29
N PRO C 194 20.41 33.11 -0.20
CA PRO C 194 21.73 33.23 0.41
C PRO C 194 22.23 31.88 0.88
N VAL C 195 23.56 31.69 0.81
CA VAL C 195 24.18 30.45 1.26
C VAL C 195 23.76 30.13 2.68
N LEU C 196 23.75 31.14 3.55
CA LEU C 196 23.27 30.99 4.91
C LEU C 196 22.58 32.28 5.32
N PRO C 197 21.62 32.22 6.23
CA PRO C 197 21.00 33.45 6.73
C PRO C 197 21.85 34.12 7.81
N LEU C 198 21.91 35.45 7.74
CA LEU C 198 22.41 36.25 8.86
C LEU C 198 21.30 36.63 9.82
N ARG C 199 20.05 36.58 9.37
CA ARG C 199 18.92 36.76 10.26
C ARG C 199 18.89 35.63 11.28
N GLY C 200 18.85 35.99 12.55
CA GLY C 200 18.97 35.03 13.62
C GLY C 200 20.32 35.03 14.29
N SER C 201 21.33 35.59 13.64
CA SER C 201 22.62 35.76 14.26
C SER C 201 22.71 37.16 14.85
N ASN C 202 23.70 37.35 15.73
CA ASN C 202 23.87 38.60 16.45
C ASN C 202 25.28 39.13 16.23
N TRP C 203 25.38 40.44 16.11
CA TRP C 203 26.68 41.09 16.22
C TRP C 203 27.14 41.00 17.66
N ILE C 204 28.31 40.43 17.87
CA ILE C 204 28.84 40.30 19.22
C ILE C 204 30.17 41.03 19.25
N TRP C 205 30.65 41.27 20.47
CA TRP C 205 31.98 41.81 20.69
C TRP C 205 32.32 41.53 22.15
N THR C 206 33.51 41.92 22.57
CA THR C 206 33.80 41.90 23.98
C THR C 206 32.98 42.99 24.70
N SER C 207 32.96 42.94 26.02
CA SER C 207 32.08 43.81 26.78
C SER C 207 32.55 45.27 26.83
N ASP C 208 33.76 45.59 26.33
CA ASP C 208 34.15 46.98 26.23
C ASP C 208 33.46 47.72 25.08
N ASN C 209 32.58 47.05 24.33
CA ASN C 209 31.74 47.69 23.33
C ASN C 209 30.50 48.20 24.06
N VAL C 210 30.40 49.51 24.22
CA VAL C 210 29.38 50.10 25.08
C VAL C 210 28.99 51.46 24.49
N ASN C 211 27.69 51.77 24.52
CA ASN C 211 27.16 53.04 24.01
C ASN C 211 27.42 53.21 22.52
N GLY C 212 27.48 52.10 21.77
CA GLY C 212 27.59 52.15 20.33
C GLY C 212 29.00 52.23 19.78
N ALA C 213 30.02 52.14 20.64
CA ALA C 213 31.41 52.22 20.22
C ALA C 213 32.26 51.29 21.08
N ALA C 214 33.49 51.03 20.61
CA ALA C 214 34.43 50.12 21.26
C ALA C 214 35.85 50.62 21.04
N PRO C 215 36.76 50.32 21.97
CA PRO C 215 38.15 50.78 21.81
C PRO C 215 38.82 50.19 20.58
N VAL C 216 39.87 50.88 20.10
CA VAL C 216 40.64 50.39 18.98
C VAL C 216 41.45 49.18 19.42
N GLY C 217 41.49 48.15 18.56
CA GLY C 217 42.26 46.97 18.89
C GLY C 217 41.62 45.67 18.53
N SER C 218 42.29 44.56 18.87
CA SER C 218 41.83 43.23 18.51
C SER C 218 41.22 42.52 19.73
N ARG C 219 40.25 41.66 19.45
CA ARG C 219 39.53 40.90 20.47
C ARG C 219 39.30 39.49 19.94
N ALA C 220 39.27 38.52 20.85
CA ALA C 220 39.21 37.10 20.49
C ALA C 220 37.91 36.45 20.92
N PHE C 221 37.48 35.47 20.13
CA PHE C 221 36.20 34.81 20.32
C PHE C 221 36.36 33.33 20.02
N ARG C 222 35.78 32.49 20.86
CA ARG C 222 35.80 31.05 20.69
C ARG C 222 34.39 30.48 20.81
N LYS C 223 34.16 29.40 20.06
CA LYS C 223 32.94 28.61 20.15
C LYS C 223 33.27 27.17 19.85
N THR C 224 32.92 26.27 20.76
CA THR C 224 33.18 24.85 20.59
C THR C 224 31.88 24.11 20.31
N VAL C 225 31.92 23.20 19.34
CA VAL C 225 30.83 22.29 19.04
C VAL C 225 31.37 20.89 19.24
N ASN C 226 30.77 20.11 20.16
CA ASN C 226 31.26 18.79 20.52
C ASN C 226 30.08 17.85 20.71
N GLN C 227 29.60 17.26 19.62
CA GLN C 227 28.52 16.28 19.60
C GLN C 227 29.08 14.86 19.60
N CYS C 228 29.26 14.27 20.78
CA CYS C 228 30.10 13.09 20.87
C CYS C 228 29.44 11.81 20.37
N THR C 229 28.13 11.79 20.19
CA THR C 229 27.49 10.59 19.67
C THR C 229 27.26 10.66 18.16
N LYS C 230 27.57 11.78 17.54
CA LYS C 230 27.40 11.98 16.10
C LYS C 230 28.75 12.09 15.42
N VAL C 231 28.73 12.07 14.10
CA VAL C 231 29.94 12.19 13.28
C VAL C 231 29.85 13.50 12.52
N ALA C 232 30.74 14.42 12.84
CA ALA C 232 30.78 15.69 12.12
C ALA C 232 31.47 15.50 10.78
N VAL C 233 30.99 16.22 9.77
CA VAL C 233 31.47 16.06 8.39
C VAL C 233 31.92 17.37 7.77
N CYS C 234 30.97 18.20 7.35
CA CYS C 234 31.25 19.48 6.70
C CYS C 234 30.68 20.62 7.53
N ALA C 235 31.33 21.78 7.45
CA ALA C 235 30.80 23.00 8.02
C ALA C 235 30.79 24.07 6.95
N THR C 236 29.68 24.81 6.83
CA THR C 236 29.59 26.01 6.01
C THR C 236 29.51 27.22 6.94
N VAL C 237 30.30 28.25 6.66
CA VAL C 237 30.45 29.39 7.56
C VAL C 237 30.25 30.68 6.78
N LEU C 238 29.38 31.55 7.29
CA LEU C 238 29.16 32.89 6.74
C LEU C 238 29.52 33.88 7.82
N ILE C 239 30.39 34.84 7.49
CA ILE C 239 31.00 35.68 8.51
C ILE C 239 31.28 37.06 7.93
N ALA C 240 31.21 38.08 8.80
CA ALA C 240 31.62 39.43 8.44
C ALA C 240 31.96 40.16 9.74
N ALA C 241 32.73 41.23 9.62
CA ALA C 241 33.16 41.95 10.81
C ALA C 241 33.39 43.43 10.54
N ASP C 242 33.14 44.23 11.56
CA ASP C 242 33.55 45.63 11.64
C ASP C 242 34.64 45.68 12.71
N ASP C 243 35.90 45.83 12.30
CA ASP C 243 36.31 46.18 10.95
C ASP C 243 36.93 45.04 10.16
N ARG C 244 37.51 44.04 10.83
CA ARG C 244 38.08 42.94 10.08
C ARG C 244 38.16 41.71 10.97
N TYR C 245 38.44 40.57 10.36
CA TYR C 245 38.44 39.31 11.09
C TYR C 245 39.44 38.36 10.44
N THR C 246 39.88 37.38 11.22
CA THR C 246 40.53 36.19 10.70
C THR C 246 39.84 35.01 11.36
N LEU C 247 39.56 33.97 10.58
CA LEU C 247 38.75 32.83 11.03
C LEU C 247 39.60 31.58 11.09
N TYR C 248 39.48 30.85 12.20
CA TYR C 248 40.21 29.61 12.48
C TYR C 248 39.25 28.49 12.85
N VAL C 249 39.57 27.27 12.39
CA VAL C 249 38.89 26.06 12.81
C VAL C 249 39.96 25.04 13.22
N ASN C 250 39.85 24.55 14.47
CA ASN C 250 40.83 23.64 15.09
C ASN C 250 42.25 24.15 15.00
N GLY C 251 42.42 25.47 15.03
CA GLY C 251 43.74 26.06 15.01
C GLY C 251 44.26 26.36 13.62
N ALA C 252 43.67 25.77 12.58
CA ALA C 252 44.06 26.03 11.21
C ALA C 252 43.30 27.25 10.69
N THR C 253 44.01 28.13 9.98
CA THR C 253 43.39 29.33 9.42
C THR C 253 42.42 28.99 8.29
N VAL C 254 41.25 29.60 8.31
CA VAL C 254 40.25 29.42 7.27
C VAL C 254 40.28 30.56 6.25
N GLY C 255 40.37 31.80 6.73
CA GLY C 255 40.40 32.96 5.86
C GLY C 255 40.28 34.24 6.67
N SER C 256 40.41 35.35 5.95
CA SER C 256 40.30 36.68 6.56
C SER C 256 39.47 37.56 5.66
N GLY C 257 38.84 38.56 6.27
CA GLY C 257 38.05 39.53 5.54
C GLY C 257 38.13 40.88 6.22
N SER C 258 37.56 41.88 5.55
CA SER C 258 37.64 43.25 6.04
C SER C 258 36.45 44.04 5.51
N SER C 259 35.25 43.46 5.63
CA SER C 259 34.05 44.14 5.22
C SER C 259 32.92 43.86 6.19
N TYR C 260 32.18 44.91 6.53
CA TYR C 260 30.90 44.78 7.23
C TYR C 260 29.73 45.03 6.28
N THR C 261 29.98 45.15 4.98
CA THR C 261 28.94 45.28 3.96
C THR C 261 28.93 44.14 2.95
N VAL C 262 29.99 43.34 2.87
CA VAL C 262 30.09 42.18 1.99
C VAL C 262 30.54 41.01 2.84
N ALA C 263 29.69 40.00 2.96
CA ALA C 263 30.00 38.85 3.79
C ALA C 263 30.76 37.79 3.00
N ASP C 264 31.53 36.98 3.71
CA ASP C 264 32.33 35.92 3.12
C ASP C 264 31.80 34.56 3.54
N ALA C 265 31.93 33.59 2.65
CA ALA C 265 31.43 32.25 2.90
C ALA C 265 32.56 31.28 2.63
N TYR C 266 32.77 30.35 3.56
CA TYR C 266 33.78 29.32 3.43
C TYR C 266 33.14 27.97 3.69
N THR C 267 33.67 26.93 3.05
CA THR C 267 33.35 25.56 3.40
C THR C 267 34.58 24.92 4.01
N ILE C 268 34.37 24.22 5.12
CA ILE C 268 35.43 23.49 5.81
C ILE C 268 35.12 22.02 5.67
N PRO C 269 35.78 21.30 4.77
CA PRO C 269 35.38 19.91 4.47
C PRO C 269 36.11 18.85 5.26
N ASN C 270 36.99 19.22 6.18
CA ASN C 270 37.72 18.22 6.93
C ASN C 270 37.49 18.41 8.43
N LEU C 271 36.24 18.61 8.84
CA LEU C 271 35.94 18.71 10.27
C LEU C 271 36.42 17.46 11.01
N HIS C 272 36.90 17.66 12.23
CA HIS C 272 37.10 16.53 13.12
C HIS C 272 35.76 15.90 13.45
N PRO C 273 35.68 14.57 13.54
CA PRO C 273 34.36 13.93 13.65
C PRO C 273 33.61 14.17 14.96
N THR C 274 34.26 14.64 16.02
CA THR C 274 33.52 14.82 17.27
C THR C 274 33.70 16.20 17.88
N PHE C 275 34.85 16.83 17.66
CA PHE C 275 35.22 18.05 18.39
C PHE C 275 35.86 19.05 17.42
N ASN C 276 35.22 20.21 17.26
CA ASN C 276 35.74 21.26 16.41
C ASN C 276 35.54 22.59 17.12
N THR C 277 36.57 23.45 17.07
CA THR C 277 36.55 24.74 17.73
C THR C 277 36.73 25.83 16.67
N PHE C 278 35.76 26.73 16.59
CA PHE C 278 35.86 27.89 15.70
C PHE C 278 36.31 29.08 16.53
N ALA C 279 37.34 29.78 16.05
CA ALA C 279 37.89 30.92 16.75
C ALA C 279 38.07 32.07 15.77
N ILE C 280 37.76 33.29 16.23
CA ILE C 280 37.84 34.48 15.41
C ILE C 280 38.76 35.50 16.09
N ASN C 281 39.62 36.14 15.29
CA ASN C 281 40.41 37.29 15.73
C ASN C 281 39.92 38.49 14.95
N ALA C 282 39.12 39.34 15.59
CA ALA C 282 38.55 40.52 14.97
C ALA C 282 39.26 41.75 15.47
N THR C 283 39.41 42.73 14.59
CA THR C 283 40.07 43.99 14.92
C THR C 283 39.10 45.14 14.66
N ASN C 284 39.10 46.11 15.57
CA ASN C 284 38.32 47.34 15.43
C ASN C 284 39.26 48.51 15.14
N GLY C 285 39.03 49.18 14.02
CA GLY C 285 39.79 50.37 13.67
C GLY C 285 39.31 51.67 14.26
N GLY C 286 38.10 51.69 14.81
CA GLY C 286 37.52 52.88 15.42
C GLY C 286 36.00 52.80 15.37
N GLY C 287 35.36 53.49 16.30
CA GLY C 287 33.91 53.59 16.34
C GLY C 287 33.22 52.28 16.68
N PRO C 288 32.07 52.02 16.07
CA PRO C 288 31.37 50.75 16.33
C PRO C 288 32.17 49.56 15.88
N ALA C 289 31.93 48.43 16.53
CA ALA C 289 32.66 47.20 16.26
C ALA C 289 31.74 46.01 16.38
N GLY C 290 32.08 44.94 15.66
CA GLY C 290 31.28 43.74 15.74
C GLY C 290 31.69 42.64 14.78
N VAL C 291 31.41 41.40 15.17
CA VAL C 291 31.58 40.24 14.31
C VAL C 291 30.28 39.45 14.34
N ILE C 292 29.87 38.94 13.18
CA ILE C 292 28.62 38.21 13.05
C ILE C 292 28.86 36.98 12.19
N ALA C 293 28.30 35.85 12.60
CA ALA C 293 28.54 34.62 11.85
C ALA C 293 27.38 33.66 12.01
N THR C 294 27.11 32.92 10.94
CA THR C 294 26.24 31.74 10.95
C THR C 294 27.07 30.56 10.48
N ILE C 295 26.99 29.44 11.21
CA ILE C 295 27.77 28.25 10.92
C ILE C 295 26.82 27.07 10.91
N LEU C 296 26.85 26.30 9.82
CA LEU C 296 26.03 25.10 9.66
C LEU C 296 26.96 23.91 9.58
N ILE C 297 26.77 22.94 10.47
CA ILE C 297 27.58 21.72 10.53
C ILE C 297 26.68 20.57 10.12
N THR C 298 27.14 19.73 9.20
CA THR C 298 26.39 18.56 8.78
C THR C 298 26.95 17.29 9.41
N TYR C 299 26.07 16.38 9.81
CA TYR C 299 26.43 15.12 10.43
C TYR C 299 26.10 13.95 9.51
N SER C 300 26.77 12.80 9.74
CA SER C 300 26.58 11.66 8.85
C SER C 300 25.18 11.06 8.94
N ASP C 301 24.43 11.31 10.02
CA ASP C 301 23.07 10.78 10.12
C ASP C 301 22.05 11.60 9.32
N GLY C 302 22.51 12.57 8.52
CA GLY C 302 21.63 13.38 7.70
C GLY C 302 21.11 14.63 8.39
N SER C 303 21.26 14.74 9.70
CA SER C 303 20.87 15.97 10.39
C SER C 303 21.98 16.99 10.30
N ASN C 304 21.64 18.23 10.60
CA ASN C 304 22.68 19.25 10.70
C ASN C 304 22.37 20.18 11.87
N GLU C 305 23.34 21.04 12.19
CA GLU C 305 23.28 21.92 13.35
C GLU C 305 23.75 23.31 12.91
N THR C 306 22.97 24.34 13.23
CA THR C 306 23.36 25.71 12.95
C THR C 306 23.76 26.43 14.22
N VAL C 307 24.98 26.99 14.23
CA VAL C 307 25.49 27.79 15.33
C VAL C 307 25.57 29.23 14.86
N VAL C 308 25.01 30.15 15.64
CA VAL C 308 25.04 31.58 15.37
C VAL C 308 25.83 32.29 16.48
N THR C 309 26.27 33.51 16.18
CA THR C 309 26.92 34.34 17.20
C THR C 309 25.89 34.84 18.21
N ASP C 310 26.17 34.60 19.49
CA ASP C 310 25.29 34.96 20.60
C ASP C 310 26.13 35.05 21.87
N ALA C 311 25.46 35.07 23.02
CA ALA C 311 26.16 35.22 24.30
C ALA C 311 26.83 33.92 24.75
N SER C 312 26.55 32.81 24.06
CA SER C 312 27.21 31.55 24.38
C SER C 312 28.62 31.46 23.83
N TRP C 313 29.02 32.37 22.95
CA TRP C 313 30.41 32.45 22.50
C TRP C 313 31.29 32.99 23.62
N LYS C 314 32.53 32.49 23.69
CA LYS C 314 33.51 33.03 24.65
C LYS C 314 34.29 34.18 24.03
N ALA C 315 34.72 35.11 24.89
CA ALA C 315 35.40 36.31 24.47
C ALA C 315 36.50 36.68 25.46
N ILE C 316 37.48 37.44 24.96
CA ILE C 316 38.59 37.91 25.77
C ILE C 316 39.14 39.18 25.11
N GLN C 317 39.62 40.11 25.94
CA GLN C 317 40.07 41.42 25.47
C GLN C 317 41.57 41.47 25.22
N THR C 318 42.35 40.70 26.00
CA THR C 318 43.77 40.50 25.76
C THR C 318 43.95 39.11 25.14
N ILE C 319 44.37 39.06 23.89
CA ILE C 319 44.40 37.81 23.14
C ILE C 319 45.61 36.99 23.58
N PRO C 320 45.41 35.87 24.27
CA PRO C 320 46.56 35.04 24.65
C PRO C 320 47.13 34.30 23.45
N GLN C 321 48.42 34.00 23.52
CA GLN C 321 49.01 33.15 22.48
C GLN C 321 48.40 31.77 22.58
N GLY C 322 48.00 31.21 21.44
CA GLY C 322 47.24 29.97 21.47
C GLY C 322 45.76 30.15 21.74
N PHE C 323 45.16 31.25 21.30
CA PHE C 323 43.72 31.47 21.49
C PHE C 323 42.89 30.59 20.56
N GLN C 324 43.49 30.04 19.52
CA GLN C 324 42.79 29.27 18.50
C GLN C 324 42.99 27.75 18.58
N PRO C 325 43.92 27.19 19.37
CA PRO C 325 43.94 25.74 19.55
C PRO C 325 42.65 25.24 20.16
N PRO C 326 42.29 23.99 19.91
CA PRO C 326 40.99 23.48 20.37
C PRO C 326 40.82 23.47 21.87
N LEU C 327 41.77 22.86 22.58
CA LEU C 327 41.70 22.72 24.03
C LEU C 327 42.54 23.82 24.67
N ILE C 328 41.88 24.73 25.40
CA ILE C 328 42.57 25.67 26.28
C ILE C 328 41.74 25.88 27.52
N ASP C 329 42.39 26.41 28.55
CA ASP C 329 41.68 26.74 29.77
C ASP C 329 40.92 28.04 29.54
N GLU C 330 39.60 27.95 29.39
CA GLU C 330 38.77 29.12 29.15
C GLU C 330 38.42 29.85 30.45
N PHE C 331 39.37 29.87 31.39
CA PHE C 331 39.14 30.43 32.70
C PHE C 331 38.96 31.95 32.64
N GLY C 332 39.90 32.65 32.03
CA GLY C 332 39.86 34.10 31.99
C GLY C 332 39.01 34.69 30.89
N TRP C 333 38.15 33.90 30.26
CA TRP C 333 37.34 34.33 29.14
C TRP C 333 35.93 34.70 29.60
N GLU C 334 35.39 35.77 29.02
CA GLU C 334 34.04 36.19 29.35
C GLU C 334 33.05 35.70 28.31
N SER C 335 31.77 35.76 28.67
CA SER C 335 30.70 35.55 27.70
C SER C 335 30.69 36.72 26.72
N ALA C 336 30.52 36.40 25.44
CA ALA C 336 30.43 37.44 24.43
C ALA C 336 29.20 38.31 24.70
N LYS C 337 29.34 39.60 24.44
CA LYS C 337 28.26 40.55 24.58
C LYS C 337 27.52 40.69 23.25
N ILE C 338 26.19 40.61 23.31
CA ILE C 338 25.37 40.84 22.12
C ILE C 338 25.21 42.34 21.92
N ILE C 339 25.73 42.86 20.81
CA ILE C 339 25.54 44.26 20.46
C ILE C 339 24.16 44.47 19.83
N GLY C 340 23.63 43.45 19.16
CA GLY C 340 22.32 43.52 18.55
C GLY C 340 22.09 42.42 17.55
N ALA C 341 20.84 42.02 17.39
CA ALA C 341 20.46 41.10 16.33
C ALA C 341 20.76 41.70 14.97
N PHE C 342 20.88 40.84 13.97
CA PHE C 342 21.15 41.32 12.62
C PHE C 342 20.07 42.30 12.18
N GLY C 343 20.49 43.40 11.56
CA GLY C 343 19.61 44.47 11.15
C GLY C 343 19.68 45.72 12.00
N VAL C 344 20.23 45.61 13.21
CA VAL C 344 20.37 46.77 14.06
C VAL C 344 21.38 47.73 13.44
N ALA C 345 21.27 49.01 13.81
CA ALA C 345 22.20 50.02 13.31
C ALA C 345 23.57 49.87 13.99
N PRO C 346 24.65 50.37 13.35
CA PRO C 346 24.77 51.09 12.07
C PRO C 346 24.72 50.25 10.79
N TRP C 347 24.91 48.94 10.92
CA TRP C 347 25.21 48.08 9.78
C TRP C 347 24.00 47.81 8.89
N GLY C 348 22.81 47.76 9.46
CA GLY C 348 21.60 47.61 8.69
C GLY C 348 21.39 46.19 8.21
N ALA C 349 20.41 46.05 7.33
CA ALA C 349 20.00 44.76 6.79
C ALA C 349 20.43 44.56 5.35
N GLY C 350 21.47 45.28 4.90
CA GLY C 350 21.82 45.31 3.50
C GLY C 350 23.08 44.56 3.11
N MET C 351 23.53 43.65 3.97
CA MET C 351 24.73 42.87 3.72
C MET C 351 24.61 42.12 2.39
N VAL C 352 25.71 42.10 1.63
CA VAL C 352 25.79 41.26 0.43
C VAL C 352 26.27 39.87 0.84
N ILE C 353 25.44 38.86 0.59
CA ILE C 353 25.65 37.50 1.06
C ILE C 353 25.82 36.60 -0.15
N PRO C 354 26.85 35.76 -0.21
CA PRO C 354 27.02 34.85 -1.36
C PRO C 354 25.81 33.95 -1.56
N SER C 355 25.47 33.71 -2.83
CA SER C 355 24.36 32.84 -3.16
C SER C 355 24.72 31.38 -2.91
N ALA C 356 23.71 30.59 -2.55
CA ALA C 356 23.92 29.16 -2.31
C ALA C 356 24.25 28.39 -3.60
N CYS D 19 38.48 28.35 40.76
CA CYS D 19 39.64 29.20 40.47
C CYS D 19 40.65 28.50 39.53
N LYS D 20 41.59 29.29 39.00
CA LYS D 20 42.49 28.82 37.95
C LYS D 20 43.37 27.67 38.46
N ILE D 21 43.55 26.64 37.63
CA ILE D 21 44.28 25.44 38.02
C ILE D 21 45.71 25.54 37.51
N THR D 22 46.64 25.71 38.44
CA THR D 22 48.08 25.84 38.16
C THR D 22 48.79 24.50 38.15
N ALA D 23 48.26 23.51 38.86
CA ALA D 23 48.88 22.19 38.94
C ALA D 23 49.00 21.53 37.57
N THR D 24 50.10 20.80 37.39
CA THR D 24 50.43 20.06 36.17
C THR D 24 50.64 18.58 36.51
N PRO D 25 50.63 17.70 35.50
CA PRO D 25 50.85 16.27 35.77
C PRO D 25 52.15 16.03 36.52
N ARG D 26 52.11 15.04 37.42
CA ARG D 26 53.19 14.79 38.36
C ARG D 26 53.16 13.32 38.72
N GLN D 27 54.17 12.88 39.45
CA GLN D 27 54.15 11.53 39.96
C GLN D 27 53.04 11.37 40.99
N PHE D 28 52.35 10.22 40.92
CA PHE D 28 51.27 9.93 41.85
C PHE D 28 51.81 9.87 43.27
N GLN D 29 51.09 10.51 44.18
CA GLN D 29 51.51 10.60 45.57
C GLN D 29 50.51 9.83 46.42
N PRO D 30 50.93 8.83 47.17
CA PRO D 30 49.99 7.93 47.83
C PRO D 30 49.33 8.51 49.07
N ALA D 31 48.06 8.15 49.24
CA ALA D 31 47.41 8.28 50.55
C ALA D 31 47.92 7.16 51.45
N LEU D 32 48.39 7.54 52.64
CA LEU D 32 49.01 6.61 53.57
C LEU D 32 48.22 6.56 54.86
N LEU D 33 48.20 5.37 55.49
CA LEU D 33 47.39 5.15 56.69
C LEU D 33 48.13 5.42 58.00
N SER D 34 49.41 5.75 57.96
CA SER D 34 50.21 5.74 59.18
C SER D 34 49.80 6.81 60.18
N THR D 35 49.07 7.83 59.74
CA THR D 35 48.65 8.92 60.60
C THR D 35 47.18 8.86 60.99
N SER D 36 46.46 7.83 60.60
CA SER D 36 45.02 7.75 60.83
C SER D 36 44.68 6.91 62.07
N LYS D 37 43.47 7.12 62.58
CA LYS D 37 43.01 6.45 63.79
C LYS D 37 41.79 5.60 63.46
N TRP D 38 41.64 4.49 64.19
CA TRP D 38 40.39 3.74 64.13
C TRP D 38 39.35 4.46 64.98
N ILE D 39 38.16 4.64 64.44
CA ILE D 39 37.11 5.36 65.14
C ILE D 39 35.85 4.53 65.18
N TRP D 40 35.04 4.76 66.20
CA TRP D 40 33.73 4.14 66.34
C TRP D 40 32.88 5.03 67.25
N THR D 41 31.80 4.47 67.79
CA THR D 41 30.80 5.28 68.48
C THR D 41 31.17 5.57 69.93
N GLY D 42 31.80 4.60 70.60
CA GLY D 42 31.99 4.73 72.02
C GLY D 42 30.84 4.22 72.86
N GLU D 43 29.88 3.52 72.24
CA GLU D 43 28.86 2.81 73.01
C GLU D 43 29.53 1.97 74.08
N ASN D 44 30.59 1.26 73.72
CA ASN D 44 31.51 0.72 74.70
C ASN D 44 32.58 1.78 74.90
N PRO D 45 32.68 2.40 76.07
CA PRO D 45 33.67 3.46 76.28
C PRO D 45 35.11 2.96 76.38
N ILE D 46 35.32 1.64 76.33
CA ILE D 46 36.64 1.03 76.32
C ILE D 46 37.15 1.08 74.88
N PRO D 47 38.25 1.75 74.59
CA PRO D 47 38.76 1.82 73.21
C PRO D 47 39.12 0.43 72.69
N GLY D 48 38.52 0.06 71.56
CA GLY D 48 38.75 -1.23 70.94
C GLY D 48 37.99 -2.39 71.52
N GLY D 49 37.14 -2.15 72.52
CA GLY D 49 36.37 -3.20 73.15
C GLY D 49 35.25 -3.74 72.28
N SER D 50 34.43 -4.61 72.89
CA SER D 50 33.35 -5.26 72.17
C SER D 50 32.18 -4.30 71.96
N ASN D 51 31.61 -4.36 70.76
CA ASN D 51 30.42 -3.57 70.43
C ASN D 51 29.38 -4.48 69.78
N ILE D 52 28.13 -4.00 69.78
CA ILE D 52 27.03 -4.78 69.25
C ILE D 52 26.97 -4.62 67.73
N ILE D 53 26.29 -5.58 67.09
CA ILE D 53 25.91 -5.40 65.69
C ILE D 53 25.04 -4.16 65.55
N SER D 54 25.41 -3.29 64.60
CA SER D 54 24.68 -2.05 64.37
C SER D 54 25.26 -1.40 63.13
N THR D 55 24.57 -0.38 62.65
CA THR D 55 25.07 0.51 61.62
C THR D 55 25.14 1.90 62.21
N ARG D 56 26.27 2.56 62.05
CA ARG D 56 26.49 3.85 62.70
C ARG D 56 27.09 4.83 61.71
N PRO D 57 26.71 6.11 61.81
CA PRO D 57 27.17 7.10 60.82
C PRO D 57 28.37 7.89 61.27
N PHE D 58 29.19 8.31 60.32
CA PHE D 58 30.36 9.13 60.61
C PHE D 58 30.49 10.15 59.50
N ARG D 59 30.64 11.42 59.90
CA ARG D 59 30.71 12.54 58.99
C ARG D 59 31.93 13.38 59.28
N LYS D 60 32.38 14.13 58.27
CA LYS D 60 33.52 15.02 58.42
C LYS D 60 33.41 16.12 57.37
N ASN D 61 33.47 17.37 57.81
CA ASN D 61 33.43 18.51 56.90
C ASN D 61 34.84 19.07 56.74
N ILE D 62 35.17 19.46 55.52
CA ILE D 62 36.44 20.16 55.29
C ILE D 62 36.13 21.49 54.63
N THR D 63 36.95 22.49 54.94
CA THR D 63 36.88 23.82 54.34
C THR D 63 38.24 24.12 53.72
N ALA D 64 38.25 24.58 52.48
CA ALA D 64 39.50 24.87 51.81
C ALA D 64 40.18 26.07 52.46
N PRO D 65 41.51 26.03 52.63
CA PRO D 65 42.22 27.23 53.09
C PRO D 65 42.10 28.32 52.04
N CYS D 66 42.14 29.57 52.50
CA CYS D 66 41.98 30.70 51.59
C CYS D 66 43.11 30.73 50.54
N GLY D 67 42.73 31.01 49.29
CA GLY D 67 43.66 31.19 48.21
C GLY D 67 43.80 30.02 47.25
N LYS D 68 43.24 28.85 47.58
CA LYS D 68 43.36 27.67 46.75
C LYS D 68 42.03 26.94 46.75
N CYS D 69 41.81 26.14 45.71
CA CYS D 69 40.57 25.39 45.55
C CYS D 69 40.88 23.90 45.55
N SER D 70 40.06 23.13 46.26
CA SER D 70 40.26 21.68 46.28
C SER D 70 39.67 21.09 45.02
N VAL D 71 40.37 20.09 44.47
CA VAL D 71 40.07 19.58 43.15
C VAL D 71 39.59 18.14 43.21
N CYS D 72 40.41 17.25 43.76
CA CYS D 72 40.03 15.85 43.87
C CYS D 72 40.75 15.25 45.07
N ALA D 73 40.41 14.00 45.37
CA ALA D 73 40.96 13.35 46.53
C ALA D 73 41.23 11.88 46.23
N THR D 74 42.29 11.37 46.85
CA THR D 74 42.63 9.96 46.85
C THR D 74 42.28 9.42 48.23
N ILE D 75 41.58 8.29 48.29
CA ILE D 75 41.00 7.79 49.53
C ILE D 75 41.39 6.33 49.71
N VAL D 76 41.86 5.99 50.91
CA VAL D 76 42.05 4.61 51.32
C VAL D 76 41.25 4.39 52.59
N VAL D 77 40.42 3.36 52.60
CA VAL D 77 39.50 3.13 53.71
C VAL D 77 39.49 1.65 54.06
N ALA D 78 39.49 1.35 55.37
CA ALA D 78 39.35 0.00 55.86
C ALA D 78 38.38 0.00 57.02
N SER D 79 37.78 -1.16 57.28
CA SER D 79 36.71 -1.19 58.26
C SER D 79 36.58 -2.57 58.90
N ASP D 80 36.17 -2.57 60.16
CA ASP D 80 35.69 -3.74 60.89
C ASP D 80 34.28 -3.38 61.30
N ASP D 81 33.28 -3.92 60.59
CA ASP D 81 33.47 -4.97 59.60
C ASP D 81 33.28 -4.52 58.14
N ALA D 82 32.39 -3.57 57.90
CA ALA D 82 32.13 -3.09 56.55
C ALA D 82 31.82 -1.60 56.59
N HIS D 83 31.78 -0.99 55.41
CA HIS D 83 31.57 0.45 55.31
C HIS D 83 30.94 0.79 53.97
N THR D 84 30.22 1.92 53.94
CA THR D 84 29.72 2.53 52.71
C THR D 84 30.11 4.00 52.74
N PHE D 85 30.72 4.46 51.66
CA PHE D 85 31.41 5.75 51.61
C PHE D 85 30.63 6.73 50.74
N TYR D 86 30.33 7.90 51.31
CA TYR D 86 29.63 8.99 50.62
C TYR D 86 30.49 10.23 50.61
N VAL D 87 30.41 10.98 49.52
CA VAL D 87 31.11 12.26 49.38
C VAL D 87 30.11 13.26 48.85
N ASN D 88 29.82 14.29 49.65
CA ASN D 88 28.82 15.31 49.30
C ASN D 88 27.47 14.67 49.00
N GLY D 89 27.14 13.59 49.69
CA GLY D 89 25.87 12.90 49.54
C GLY D 89 25.85 11.84 48.46
N VAL D 90 26.86 11.81 47.59
CA VAL D 90 26.93 10.85 46.49
C VAL D 90 27.69 9.61 46.95
N ARG D 91 27.07 8.45 46.79
CA ARG D 91 27.72 7.20 47.13
C ARG D 91 28.78 6.87 46.09
N ILE D 92 30.01 6.62 46.54
CA ILE D 92 31.14 6.40 45.65
C ILE D 92 31.80 5.04 45.85
N GLY D 93 31.50 4.31 46.92
CA GLY D 93 32.10 3.01 47.11
C GLY D 93 31.59 2.33 48.36
N THR D 94 31.75 1.01 48.36
CA THR D 94 31.41 0.15 49.48
C THR D 94 32.50 -0.88 49.62
N GLY D 95 32.89 -1.20 50.84
CA GLY D 95 34.00 -2.11 51.04
C GLY D 95 33.92 -2.84 52.36
N ALA D 96 34.92 -3.68 52.60
CA ALA D 96 34.95 -4.53 53.77
C ALA D 96 36.38 -4.87 54.14
N GLY D 97 36.54 -5.35 55.37
CA GLY D 97 37.82 -5.86 55.83
C GLY D 97 38.70 -4.83 56.48
N PHE D 98 39.37 -5.21 57.58
CA PHE D 98 40.32 -4.35 58.24
C PHE D 98 41.76 -4.69 57.86
N ARG D 99 41.98 -5.85 57.24
CA ARG D 99 43.33 -6.27 56.90
C ARG D 99 43.86 -5.54 55.68
N GLN D 100 43.00 -5.23 54.72
CA GLN D 100 43.43 -4.53 53.53
C GLN D 100 42.49 -3.37 53.23
N GLY D 101 43.07 -2.22 52.91
CA GLY D 101 42.30 -1.06 52.56
C GLY D 101 41.80 -1.06 51.14
N GLN D 102 40.97 -0.07 50.83
CA GLN D 102 40.32 0.07 49.55
C GLN D 102 40.58 1.46 48.97
N ALA D 103 40.95 1.54 47.70
CA ALA D 103 41.26 2.81 47.06
C ALA D 103 40.02 3.37 46.39
N LEU D 104 39.75 4.66 46.63
CA LEU D 104 38.66 5.36 45.98
C LEU D 104 39.16 6.69 45.48
N PHE D 105 38.63 7.13 44.33
CA PHE D 105 39.02 8.37 43.69
C PHE D 105 37.77 9.17 43.36
N VAL D 106 37.78 10.44 43.73
CA VAL D 106 36.59 11.27 43.63
C VAL D 106 37.01 12.72 43.42
N ALA D 107 36.25 13.42 42.59
CA ALA D 107 36.42 14.87 42.44
C ALA D 107 35.73 15.59 43.58
N LEU D 108 36.27 16.74 43.94
CA LEU D 108 35.77 17.51 45.06
C LEU D 108 35.30 18.87 44.56
N GLN D 109 34.57 19.56 45.43
CA GLN D 109 34.06 20.91 45.24
C GLN D 109 35.10 21.93 45.67
N PRO D 110 35.00 23.17 45.18
CA PRO D 110 36.10 24.13 45.40
C PRO D 110 36.40 24.42 46.85
N THR D 111 35.37 24.57 47.70
CA THR D 111 35.61 25.07 49.05
C THR D 111 35.04 24.17 50.16
N TRP D 112 33.81 23.68 50.01
CA TRP D 112 33.21 22.82 51.03
C TRP D 112 33.09 21.40 50.50
N ASN D 113 33.47 20.42 51.33
CA ASN D 113 33.32 19.02 50.96
C ASN D 113 32.99 18.23 52.21
N LEU D 114 32.07 17.27 52.07
CA LEU D 114 31.58 16.46 53.18
C LEU D 114 31.83 14.99 52.89
N PHE D 115 32.58 14.33 53.75
CA PHE D 115 32.79 12.89 53.69
C PHE D 115 31.88 12.22 54.70
N ALA D 116 31.24 11.13 54.30
CA ALA D 116 30.33 10.42 55.19
C ALA D 116 30.44 8.92 54.97
N ILE D 117 30.56 8.17 56.06
CA ILE D 117 30.76 6.73 56.03
C ILE D 117 29.71 6.07 56.90
N ALA D 118 29.05 5.04 56.36
CA ALA D 118 28.12 4.23 57.15
C ALA D 118 28.80 2.91 57.48
N GLY D 119 29.38 2.83 58.67
CA GLY D 119 30.11 1.64 59.07
C GLY D 119 29.21 0.61 59.73
N GLN D 120 29.61 -0.65 59.60
CA GLN D 120 28.82 -1.78 60.07
C GLN D 120 29.71 -2.75 60.84
N ASN D 121 29.26 -3.13 62.04
CA ASN D 121 29.83 -4.23 62.78
C ASN D 121 28.94 -5.45 62.52
N LEU D 122 29.52 -6.50 61.95
CA LEU D 122 28.75 -7.66 61.48
C LEU D 122 28.87 -8.87 62.38
N VAL D 123 29.65 -8.80 63.45
CA VAL D 123 29.73 -9.88 64.43
C VAL D 123 29.39 -9.29 65.79
N ALA D 124 28.43 -9.91 66.49
CA ALA D 124 27.99 -9.39 67.78
C ALA D 124 29.11 -9.50 68.81
N ASN D 125 29.21 -8.46 69.65
CA ASN D 125 30.15 -8.43 70.76
C ASN D 125 31.60 -8.59 70.29
N SER D 126 31.94 -7.90 69.22
CA SER D 126 33.27 -7.91 68.64
C SER D 126 33.71 -6.47 68.45
N PRO D 127 35.02 -6.22 68.31
CA PRO D 127 35.47 -4.86 68.03
C PRO D 127 34.94 -4.34 66.70
N ALA D 128 34.89 -3.01 66.61
CA ALA D 128 34.36 -2.32 65.44
C ALA D 128 35.08 -1.00 65.25
N GLY D 129 35.29 -0.62 64.00
CA GLY D 129 35.95 0.63 63.70
C GLY D 129 36.21 0.85 62.23
N ILE D 130 36.25 2.11 61.81
CA ILE D 130 36.63 2.46 60.45
C ILE D 130 37.87 3.34 60.49
N MET D 131 38.72 3.18 59.49
CA MET D 131 39.96 3.92 59.35
C MET D 131 40.07 4.45 57.93
N ALA D 132 40.39 5.72 57.78
CA ALA D 132 40.48 6.31 56.46
C ALA D 132 41.59 7.34 56.40
N SER D 133 42.19 7.45 55.21
CA SER D 133 43.15 8.48 54.87
C SER D 133 42.69 9.12 53.57
N ILE D 134 42.58 10.45 53.57
CA ILE D 134 42.06 11.23 52.44
C ILE D 134 43.13 12.22 52.01
N LEU D 135 43.73 12.01 50.86
CA LEU D 135 44.73 12.95 50.37
C LEU D 135 44.02 13.90 49.40
N VAL D 136 43.82 15.13 49.82
CA VAL D 136 43.10 16.13 49.06
C VAL D 136 44.09 17.00 48.29
N HIS D 137 43.87 17.13 46.99
CA HIS D 137 44.73 17.94 46.12
C HIS D 137 44.06 19.26 45.79
N PHE D 138 44.84 20.33 45.79
CA PHE D 138 44.34 21.68 45.57
C PHE D 138 44.72 22.17 44.19
N SER D 139 44.10 23.29 43.80
CA SER D 139 44.24 23.82 42.45
C SER D 139 45.65 24.33 42.15
N ASP D 140 46.43 24.66 43.18
CA ASP D 140 47.75 25.22 42.99
C ASP D 140 48.85 24.15 42.96
N GLY D 141 48.51 22.88 43.16
CA GLY D 141 49.47 21.80 43.12
C GLY D 141 49.82 21.19 44.46
N THR D 142 49.40 21.82 45.56
CA THR D 142 49.67 21.34 46.91
C THR D 142 48.65 20.29 47.33
N SER D 143 48.89 19.71 48.51
CA SER D 143 48.09 18.61 48.99
C SER D 143 47.99 18.67 50.50
N GLU D 144 46.91 18.10 51.04
CA GLU D 144 46.68 18.07 52.48
C GLU D 144 45.99 16.78 52.85
N THR D 145 46.46 16.13 53.92
CA THR D 145 45.97 14.83 54.33
C THR D 145 45.00 14.97 55.51
N PHE D 146 43.78 14.49 55.33
CA PHE D 146 42.80 14.37 56.40
C PHE D 146 42.63 12.89 56.76
N VAL D 147 42.39 12.63 58.04
CA VAL D 147 42.31 11.27 58.56
C VAL D 147 41.07 11.12 59.44
N THR D 148 40.72 9.87 59.71
CA THR D 148 39.69 9.57 60.71
C THR D 148 40.25 9.76 62.10
N ASP D 149 39.56 10.55 62.91
CA ASP D 149 40.00 10.83 64.28
C ASP D 149 38.79 11.31 65.08
N GLU D 150 39.05 11.93 66.23
CA GLU D 150 37.97 12.39 67.11
C GLU D 150 37.21 13.57 66.55
N SER D 151 37.71 14.20 65.49
CA SER D 151 37.03 15.32 64.86
C SER D 151 35.83 14.89 64.00
N TRP D 152 35.59 13.59 63.88
CA TRP D 152 34.42 13.10 63.15
C TRP D 152 33.21 13.01 64.06
N LYS D 153 32.06 13.38 63.50
CA LYS D 153 30.81 13.23 64.21
C LYS D 153 30.28 11.80 64.06
N THR D 154 29.52 11.37 65.04
CA THR D 154 28.84 10.08 64.98
C THR D 154 27.55 10.18 65.79
N LEU D 155 26.77 9.11 65.76
CA LEU D 155 25.57 9.01 66.57
C LEU D 155 25.55 7.65 67.24
N ARG D 156 25.00 7.59 68.44
CA ARG D 156 24.79 6.30 69.10
C ARG D 156 23.49 5.63 68.67
N ALA D 157 23.14 5.78 67.39
CA ALA D 157 21.91 5.24 66.84
C ALA D 157 22.08 5.00 65.36
N ALA D 158 21.07 4.38 64.76
CA ALA D 158 21.09 4.09 63.33
C ALA D 158 21.15 5.39 62.53
N PRO D 159 21.75 5.36 61.33
CA PRO D 159 21.90 6.57 60.54
C PRO D 159 20.56 7.17 60.17
N PRO D 160 20.30 8.43 60.55
CA PRO D 160 19.04 9.08 60.18
C PRO D 160 18.90 9.19 58.66
N GLU D 161 17.70 9.56 58.23
CA GLU D 161 17.46 9.73 56.81
C GLU D 161 18.38 10.81 56.25
N ASN D 162 19.05 10.48 55.15
CA ASN D 162 19.88 11.44 54.43
C ASN D 162 20.97 12.02 55.32
N PHE D 163 21.48 11.22 56.27
CA PHE D 163 22.57 11.67 57.11
C PHE D 163 23.81 12.03 56.30
N GLN D 164 23.92 11.52 55.08
CA GLN D 164 25.08 11.75 54.23
C GLN D 164 24.94 13.01 53.38
N LEU D 165 23.77 13.66 53.41
CA LEU D 165 23.52 14.87 52.62
C LEU D 165 24.03 16.12 53.33
N PRO D 166 24.57 17.08 52.58
CA PRO D 166 24.96 18.36 53.18
C PRO D 166 23.81 19.06 53.91
N SER D 167 22.56 18.80 53.51
CA SER D 167 21.44 19.51 54.10
C SER D 167 21.07 18.97 55.47
N THR D 168 21.56 17.79 55.83
CA THR D 168 21.35 17.27 57.18
C THR D 168 22.30 17.91 58.17
N ASN D 169 21.76 18.27 59.33
CA ASN D 169 22.47 19.01 60.36
C ASN D 169 23.18 18.06 61.32
N ASP D 170 24.49 18.24 61.47
CA ASP D 170 25.29 17.42 62.38
C ASP D 170 25.90 18.24 63.51
N SER D 171 25.42 19.47 63.73
CA SER D 171 25.99 20.34 64.74
C SER D 171 25.82 19.77 66.15
N ASN D 172 24.77 18.99 66.38
CA ASN D 172 24.52 18.43 67.70
C ASN D 172 25.00 17.00 67.85
N TRP D 173 25.58 16.42 66.82
CA TRP D 173 26.11 15.06 66.94
C TRP D 173 27.33 15.06 67.87
N PRO D 174 27.53 13.99 68.64
CA PRO D 174 28.77 13.87 69.42
C PRO D 174 29.90 13.37 68.54
N SER D 175 31.13 13.55 69.04
CA SER D 175 32.31 13.06 68.34
C SER D 175 32.45 11.55 68.46
N ALA D 176 33.11 10.96 67.46
CA ALA D 176 33.47 9.55 67.51
C ALA D 176 34.60 9.30 68.49
N ALA D 177 34.69 8.06 68.95
CA ALA D 177 35.68 7.65 69.95
C ALA D 177 36.80 6.85 69.27
N VAL D 178 38.03 7.25 69.52
CA VAL D 178 39.17 6.59 68.88
C VAL D 178 39.39 5.24 69.53
N GLN D 179 39.37 4.18 68.72
CA GLN D 179 39.60 2.81 69.18
C GLN D 179 41.07 2.41 69.20
N GLY D 180 41.93 3.16 68.54
CA GLY D 180 43.35 2.86 68.47
C GLY D 180 44.02 3.65 67.36
N ALA D 181 45.31 3.95 67.52
CA ALA D 181 46.03 4.59 66.43
C ALA D 181 46.50 3.52 65.44
N TYR D 182 47.19 3.96 64.39
CA TYR D 182 47.68 3.04 63.37
C TYR D 182 48.46 1.91 64.00
N GLN D 183 49.35 2.23 64.93
CA GLN D 183 50.02 1.22 65.75
C GLN D 183 49.16 1.01 66.98
N ASN D 184 48.39 -0.09 67.00
CA ASN D 184 47.60 -0.45 68.17
C ASN D 184 47.66 -1.97 68.29
N SER D 185 47.00 -2.50 69.33
CA SER D 185 47.14 -3.91 69.70
C SER D 185 45.93 -4.75 69.32
N VAL D 186 45.00 -4.21 68.55
CA VAL D 186 43.77 -4.92 68.19
C VAL D 186 43.81 -5.40 66.74
N TRP D 187 44.22 -4.53 65.83
CA TRP D 187 44.02 -4.76 64.39
C TRP D 187 45.33 -4.92 63.62
N GLY D 188 46.27 -4.01 63.77
CA GLY D 188 47.48 -4.09 63.00
C GLY D 188 47.38 -3.33 61.70
N PRO D 189 48.51 -3.19 61.02
CA PRO D 189 48.61 -2.26 59.90
C PRO D 189 47.89 -2.79 58.67
N PRO D 190 46.91 -2.06 58.16
CA PRO D 190 46.19 -2.54 56.96
C PRO D 190 47.09 -2.46 55.74
N VAL D 191 47.02 -3.47 54.89
CA VAL D 191 47.78 -3.46 53.65
C VAL D 191 47.17 -2.44 52.70
N LEU D 192 48.02 -1.60 52.12
CA LEU D 192 47.51 -0.66 51.12
C LEU D 192 47.29 -1.37 49.79
N PRO D 193 46.16 -1.13 49.13
CA PRO D 193 45.93 -1.74 47.84
C PRO D 193 46.73 -1.04 46.75
N PRO D 194 46.88 -1.65 45.58
CA PRO D 194 47.48 -0.94 44.45
C PRO D 194 46.66 0.29 44.10
N VAL D 195 47.35 1.32 43.59
CA VAL D 195 46.69 2.55 43.14
C VAL D 195 45.61 2.24 42.12
N LEU D 196 45.92 1.38 41.17
CA LEU D 196 44.98 0.90 40.18
C LEU D 196 45.36 -0.53 39.85
N PRO D 197 44.41 -1.37 39.46
CA PRO D 197 44.76 -2.72 39.05
C PRO D 197 45.23 -2.75 37.60
N LEU D 198 46.20 -3.61 37.33
CA LEU D 198 46.50 -3.97 35.95
C LEU D 198 45.65 -5.15 35.49
N ARG D 199 45.08 -5.91 36.43
CA ARG D 199 44.14 -6.97 36.10
C ARG D 199 42.90 -6.39 35.43
N GLY D 200 42.60 -6.89 34.24
CA GLY D 200 41.57 -6.33 33.40
C GLY D 200 42.10 -5.52 32.23
N SER D 201 43.33 -5.03 32.32
CA SER D 201 43.95 -4.33 31.20
C SER D 201 44.78 -5.31 30.36
N ASN D 202 45.15 -4.87 29.17
CA ASN D 202 45.85 -5.74 28.23
C ASN D 202 47.16 -5.10 27.80
N TRP D 203 48.16 -5.95 27.58
CA TRP D 203 49.35 -5.52 26.85
C TRP D 203 49.00 -5.36 25.37
N ILE D 204 49.20 -4.16 24.83
CA ILE D 204 48.91 -3.89 23.43
C ILE D 204 50.17 -3.42 22.70
N TRP D 205 50.14 -3.51 21.38
CA TRP D 205 51.23 -3.07 20.51
C TRP D 205 50.69 -2.95 19.08
N THR D 206 51.56 -2.54 18.16
CA THR D 206 51.21 -2.56 16.75
C THR D 206 51.15 -3.99 16.22
N SER D 207 50.62 -4.14 15.00
CA SER D 207 50.39 -5.47 14.46
C SER D 207 51.66 -6.14 13.95
N ASP D 208 52.78 -5.44 13.94
CA ASP D 208 54.04 -6.13 13.65
C ASP D 208 54.53 -6.96 14.83
N ASN D 209 53.79 -6.94 15.94
CA ASN D 209 54.04 -7.82 17.07
C ASN D 209 53.36 -9.15 16.77
N VAL D 210 54.15 -10.17 16.47
CA VAL D 210 53.60 -11.42 15.97
C VAL D 210 54.47 -12.57 16.42
N ASN D 211 53.82 -13.65 16.85
CA ASN D 211 54.49 -14.88 17.31
C ASN D 211 55.41 -14.60 18.50
N GLY D 212 55.05 -13.61 19.32
CA GLY D 212 55.72 -13.37 20.58
C GLY D 212 56.90 -12.44 20.58
N ALA D 213 57.20 -11.79 19.45
CA ALA D 213 58.30 -10.84 19.43
C ALA D 213 57.93 -9.71 18.50
N ALA D 214 58.69 -8.62 18.58
CA ALA D 214 58.37 -7.45 17.80
C ALA D 214 59.65 -6.75 17.39
N PRO D 215 59.68 -6.14 16.21
CA PRO D 215 60.90 -5.50 15.74
C PRO D 215 61.34 -4.38 16.68
N VAL D 216 62.62 -4.05 16.59
CA VAL D 216 63.17 -2.92 17.34
C VAL D 216 62.68 -1.62 16.73
N GLY D 217 62.35 -0.66 17.59
CA GLY D 217 61.92 0.64 17.12
C GLY D 217 60.80 1.19 17.97
N SER D 218 60.33 2.39 17.65
CA SER D 218 59.31 3.04 18.46
C SER D 218 57.95 3.01 17.77
N ARG D 219 56.89 2.95 18.58
CA ARG D 219 55.51 2.86 18.12
C ARG D 219 54.64 3.79 18.96
N ALA D 220 53.58 4.34 18.36
CA ALA D 220 52.74 5.33 19.02
C ALA D 220 51.31 4.80 19.21
N PHE D 221 50.66 5.28 20.28
CA PHE D 221 49.34 4.82 20.69
C PHE D 221 48.53 6.00 21.23
N ARG D 222 47.26 6.07 20.84
CA ARG D 222 46.35 7.13 21.25
C ARG D 222 45.03 6.56 21.78
N LYS D 223 44.44 7.28 22.73
CA LYS D 223 43.09 6.98 23.22
C LYS D 223 42.44 8.26 23.69
N THR D 224 41.26 8.56 23.17
CA THR D 224 40.52 9.75 23.55
C THR D 224 39.29 9.40 24.40
N VAL D 225 39.10 10.16 25.47
CA VAL D 225 37.91 10.07 26.30
C VAL D 225 37.21 11.41 26.22
N ASN D 226 35.98 11.39 25.72
CA ASN D 226 35.20 12.62 25.48
C ASN D 226 33.74 12.37 25.87
N GLN D 227 33.46 12.48 27.16
CA GLN D 227 32.11 12.34 27.67
C GLN D 227 31.53 13.74 27.71
N CYS D 228 30.83 14.12 26.62
CA CYS D 228 30.54 15.53 26.36
C CYS D 228 29.44 16.11 27.25
N THR D 229 28.73 15.28 28.01
CA THR D 229 27.71 15.76 28.94
C THR D 229 28.17 15.81 30.40
N LYS D 230 29.40 15.36 30.69
CA LYS D 230 29.95 15.38 32.04
C LYS D 230 31.14 16.34 32.10
N VAL D 231 31.60 16.61 33.33
CA VAL D 231 32.75 17.49 33.55
C VAL D 231 33.87 16.65 34.18
N ALA D 232 34.93 16.41 33.40
CA ALA D 232 36.07 15.65 33.88
C ALA D 232 36.97 16.53 34.75
N VAL D 233 37.60 15.90 35.75
CA VAL D 233 38.39 16.64 36.73
C VAL D 233 39.81 16.08 36.84
N CYS D 234 39.97 14.92 37.47
CA CYS D 234 41.28 14.31 37.69
C CYS D 234 41.39 12.98 36.96
N ALA D 235 42.62 12.64 36.55
CA ALA D 235 42.92 11.31 36.04
C ALA D 235 44.15 10.75 36.74
N THR D 236 44.04 9.49 37.21
CA THR D 236 45.17 8.73 37.72
C THR D 236 45.54 7.67 36.69
N VAL D 237 46.84 7.51 36.45
CA VAL D 237 47.32 6.65 35.39
C VAL D 237 48.40 5.73 35.95
N LEU D 238 48.24 4.44 35.72
CA LEU D 238 49.23 3.41 36.05
C LEU D 238 49.68 2.78 34.75
N ILE D 239 51.00 2.71 34.52
CA ILE D 239 51.49 2.34 33.20
C ILE D 239 52.81 1.60 33.34
N ALA D 240 53.06 0.71 32.37
CA ALA D 240 54.32 -0.02 32.23
C ALA D 240 54.47 -0.40 30.77
N ALA D 241 55.71 -0.64 30.35
CA ALA D 241 55.97 -0.96 28.95
C ALA D 241 57.24 -1.79 28.83
N ASP D 242 57.22 -2.70 27.87
CA ASP D 242 58.39 -3.42 27.38
C ASP D 242 58.63 -2.87 25.98
N ASP D 243 59.69 -2.06 25.83
CA ASP D 243 60.74 -1.87 26.82
C ASP D 243 60.71 -0.54 27.58
N ARG D 244 60.13 0.50 26.97
CA ARG D 244 60.03 1.79 27.64
C ARG D 244 58.91 2.60 26.99
N TYR D 245 58.55 3.70 27.64
CA TYR D 245 57.42 4.52 27.19
C TYR D 245 57.65 5.98 27.57
N THR D 246 56.96 6.88 26.87
CA THR D 246 56.77 8.25 27.31
C THR D 246 55.29 8.58 27.17
N LEU D 247 54.71 9.23 28.18
CA LEU D 247 53.26 9.42 28.26
C LEU D 247 52.90 10.89 28.13
N TYR D 248 51.90 11.18 27.29
CA TYR D 248 51.42 12.53 27.01
C TYR D 248 49.92 12.61 27.24
N VAL D 249 49.45 13.75 27.76
CA VAL D 249 48.02 14.04 27.86
C VAL D 249 47.76 15.41 27.26
N ASN D 250 46.86 15.46 26.28
CA ASN D 250 46.52 16.68 25.56
C ASN D 250 47.77 17.36 24.99
N GLY D 251 48.78 16.57 24.65
CA GLY D 251 50.02 17.05 24.10
C GLY D 251 51.10 17.34 25.12
N ALA D 252 50.74 17.44 26.40
CA ALA D 252 51.68 17.72 27.46
C ALA D 252 52.32 16.44 27.97
N THR D 253 53.62 16.51 28.24
CA THR D 253 54.35 15.36 28.76
C THR D 253 53.93 15.09 30.20
N VAL D 254 53.68 13.82 30.52
CA VAL D 254 53.37 13.40 31.89
C VAL D 254 54.58 12.75 32.55
N GLY D 255 55.25 11.84 31.86
CA GLY D 255 56.37 11.16 32.46
C GLY D 255 56.87 10.05 31.55
N SER D 256 57.96 9.43 31.98
CA SER D 256 58.58 8.34 31.23
C SER D 256 59.06 7.25 32.17
N GLY D 257 59.13 6.03 31.62
CA GLY D 257 59.68 4.91 32.36
C GLY D 257 60.38 3.96 31.41
N SER D 258 61.06 2.97 32.00
CA SER D 258 61.83 2.03 31.20
C SER D 258 61.95 0.69 31.92
N SER D 259 60.84 0.23 32.50
CA SER D 259 60.76 -1.05 33.19
C SER D 259 59.43 -1.69 32.85
N TYR D 260 59.47 -3.01 32.60
CA TYR D 260 58.26 -3.81 32.46
C TYR D 260 58.01 -4.70 33.66
N THR D 261 58.76 -4.51 34.75
CA THR D 261 58.55 -5.22 36.00
C THR D 261 58.19 -4.30 37.15
N VAL D 262 58.38 -2.99 37.00
CA VAL D 262 57.98 -2.00 38.00
C VAL D 262 57.19 -0.91 37.27
N ALA D 263 55.91 -0.78 37.61
CA ALA D 263 55.03 0.16 36.94
C ALA D 263 55.08 1.54 37.61
N ASP D 264 54.69 2.56 36.85
CA ASP D 264 54.68 3.95 37.28
C ASP D 264 53.26 4.48 37.41
N ALA D 265 53.06 5.39 38.37
CA ALA D 265 51.75 5.95 38.65
C ALA D 265 51.85 7.47 38.65
N TYR D 266 50.91 8.12 37.95
CA TYR D 266 50.85 9.57 37.83
C TYR D 266 49.44 10.07 38.15
N THR D 267 49.35 11.31 38.61
CA THR D 267 48.10 12.05 38.71
C THR D 267 48.11 13.21 37.72
N ILE D 268 47.02 13.36 36.97
CA ILE D 268 46.85 14.46 36.02
C ILE D 268 45.71 15.31 36.53
N PRO D 269 45.99 16.46 37.17
CA PRO D 269 44.94 17.26 37.82
C PRO D 269 44.35 18.39 36.99
N ASN D 270 44.79 18.57 35.74
CA ASN D 270 44.33 19.66 34.91
C ASN D 270 43.71 19.14 33.60
N LEU D 271 42.89 18.10 33.72
CA LEU D 271 42.17 17.59 32.56
C LEU D 271 41.29 18.69 31.98
N HIS D 272 41.17 18.69 30.65
CA HIS D 272 40.10 19.43 30.00
C HIS D 272 38.76 18.82 30.41
N PRO D 273 37.74 19.64 30.69
CA PRO D 273 36.52 19.10 31.32
C PRO D 273 35.70 18.19 30.42
N THR D 274 35.90 18.20 29.10
CA THR D 274 35.08 17.39 28.21
C THR D 274 35.85 16.49 27.23
N PHE D 275 37.07 16.87 26.83
CA PHE D 275 37.79 16.16 25.76
C PHE D 275 39.24 15.98 26.18
N ASN D 276 39.69 14.74 26.31
CA ASN D 276 41.07 14.47 26.72
C ASN D 276 41.64 13.31 25.91
N THR D 277 42.90 13.47 25.48
CA THR D 277 43.58 12.48 24.65
C THR D 277 44.88 12.05 25.29
N PHE D 278 45.00 10.75 25.56
CA PHE D 278 46.22 10.17 26.08
C PHE D 278 47.00 9.59 24.92
N ALA D 279 48.30 9.86 24.88
CA ALA D 279 49.15 9.36 23.80
C ALA D 279 50.40 8.71 24.39
N ILE D 280 50.79 7.58 23.83
CA ILE D 280 51.94 6.82 24.31
C ILE D 280 52.90 6.65 23.16
N ASN D 281 54.18 6.88 23.41
CA ASN D 281 55.25 6.53 22.49
C ASN D 281 56.11 5.49 23.21
N ALA D 282 55.93 4.23 22.83
CA ALA D 282 56.66 3.13 23.43
C ALA D 282 57.73 2.66 22.44
N THR D 283 58.84 2.21 22.99
CA THR D 283 59.98 1.74 22.20
C THR D 283 60.28 0.30 22.58
N ASN D 284 60.57 -0.53 21.58
CA ASN D 284 61.01 -1.90 21.82
C ASN D 284 62.51 -1.98 21.57
N GLY D 285 63.25 -2.41 22.58
CA GLY D 285 64.67 -2.64 22.49
C GLY D 285 65.06 -3.99 21.94
N GLY D 286 64.11 -4.90 21.84
CA GLY D 286 64.31 -6.21 21.26
C GLY D 286 63.32 -7.22 21.81
N GLY D 287 63.03 -8.23 21.00
CA GLY D 287 62.20 -9.32 21.46
C GLY D 287 60.78 -8.90 21.71
N PRO D 288 60.16 -9.46 22.75
CA PRO D 288 58.77 -9.11 23.04
C PRO D 288 58.64 -7.63 23.34
N ALA D 289 57.45 -7.09 23.04
CA ALA D 289 57.13 -5.69 23.23
C ALA D 289 55.68 -5.55 23.68
N GLY D 290 55.38 -4.50 24.42
CA GLY D 290 54.02 -4.26 24.87
C GLY D 290 53.91 -3.06 25.79
N VAL D 291 52.75 -2.39 25.79
CA VAL D 291 52.46 -1.33 26.74
C VAL D 291 51.11 -1.65 27.38
N ILE D 292 51.02 -1.45 28.69
CA ILE D 292 49.81 -1.73 29.45
C ILE D 292 49.56 -0.55 30.36
N ALA D 293 48.30 -0.15 30.48
CA ALA D 293 47.96 1.00 31.29
C ALA D 293 46.53 0.85 31.76
N THR D 294 46.27 1.32 32.98
CA THR D 294 44.91 1.52 33.46
C THR D 294 44.76 2.99 33.77
N ILE D 295 43.63 3.57 33.35
CA ILE D 295 43.38 5.00 33.52
C ILE D 295 42.02 5.16 34.18
N LEU D 296 41.99 5.91 35.27
CA LEU D 296 40.75 6.22 35.98
C LEU D 296 40.54 7.72 35.94
N ILE D 297 39.37 8.14 35.48
CA ILE D 297 39.02 9.54 35.34
C ILE D 297 37.87 9.83 36.29
N THR D 298 38.01 10.89 37.08
CA THR D 298 36.96 11.29 38.02
C THR D 298 36.15 12.44 37.44
N TYR D 299 34.84 12.36 37.62
CA TYR D 299 33.92 13.38 37.12
C TYR D 299 33.31 14.14 38.29
N SER D 300 32.84 15.36 37.99
CA SER D 300 32.33 16.25 39.01
C SER D 300 31.08 15.71 39.70
N ASP D 301 30.36 14.79 39.07
CA ASP D 301 29.15 14.22 39.67
C ASP D 301 29.42 13.04 40.61
N GLY D 302 30.67 12.74 40.92
CA GLY D 302 30.97 11.64 41.82
C GLY D 302 31.16 10.29 41.15
N SER D 303 30.87 10.18 39.87
CA SER D 303 31.18 8.94 39.17
C SER D 303 32.64 9.00 38.70
N ASN D 304 33.14 7.85 38.28
CA ASN D 304 34.43 7.81 37.62
C ASN D 304 34.36 6.79 36.49
N GLU D 305 35.39 6.80 35.65
CA GLU D 305 35.42 6.00 34.43
C GLU D 305 36.78 5.36 34.32
N THR D 306 36.80 4.05 34.04
CA THR D 306 38.05 3.32 33.87
C THR D 306 38.30 3.10 32.38
N VAL D 307 39.47 3.55 31.93
CA VAL D 307 39.96 3.27 30.58
C VAL D 307 41.15 2.35 30.70
N VAL D 308 41.15 1.24 29.96
CA VAL D 308 42.28 0.31 29.93
C VAL D 308 42.85 0.27 28.53
N THR D 309 44.10 -0.17 28.42
CA THR D 309 44.70 -0.40 27.10
C THR D 309 44.09 -1.66 26.47
N ASP D 310 43.56 -1.50 25.26
CA ASP D 310 42.89 -2.59 24.56
C ASP D 310 42.88 -2.24 23.08
N ALA D 311 42.04 -2.92 22.31
CA ALA D 311 42.01 -2.76 20.86
C ALA D 311 41.33 -1.48 20.39
N SER D 312 40.69 -0.72 21.30
CA SER D 312 40.09 0.56 20.94
C SER D 312 41.11 1.69 20.85
N TRP D 313 42.33 1.47 21.34
CA TRP D 313 43.40 2.42 21.13
C TRP D 313 43.82 2.43 19.67
N LYS D 314 44.15 3.60 19.17
CA LYS D 314 44.71 3.73 17.84
C LYS D 314 46.23 3.58 17.92
N ALA D 315 46.81 3.06 16.85
CA ALA D 315 48.23 2.72 16.80
C ALA D 315 48.80 3.03 15.44
N ILE D 316 50.12 3.24 15.39
CA ILE D 316 50.80 3.58 14.14
C ILE D 316 52.25 3.13 14.27
N GLN D 317 52.84 2.71 13.13
CA GLN D 317 54.21 2.19 13.14
C GLN D 317 55.24 3.24 12.76
N THR D 318 54.93 4.13 11.84
CA THR D 318 55.79 5.25 11.52
C THR D 318 55.18 6.46 12.22
N ILE D 319 55.84 6.93 13.28
CA ILE D 319 55.26 7.92 14.17
C ILE D 319 55.33 9.30 13.51
N PRO D 320 54.20 9.88 13.11
CA PRO D 320 54.23 11.21 12.51
C PRO D 320 54.47 12.28 13.56
N GLN D 321 55.09 13.38 13.14
CA GLN D 321 55.26 14.51 14.03
C GLN D 321 53.91 15.13 14.36
N GLY D 322 53.70 15.44 15.64
CA GLY D 322 52.38 15.84 16.08
C GLY D 322 51.47 14.66 16.32
N PHE D 323 52.03 13.52 16.75
CA PHE D 323 51.23 12.34 17.04
C PHE D 323 50.48 12.46 18.36
N GLN D 324 50.89 13.39 19.22
CA GLN D 324 50.31 13.48 20.56
C GLN D 324 49.33 14.63 20.79
N PRO D 325 49.19 15.62 19.91
CA PRO D 325 48.16 16.64 20.13
C PRO D 325 46.78 16.03 20.17
N PRO D 326 45.83 16.70 20.85
CA PRO D 326 44.49 16.14 21.03
C PRO D 326 43.75 15.88 19.73
N LEU D 327 43.60 16.89 18.88
CA LEU D 327 42.90 16.74 17.61
C LEU D 327 43.90 16.51 16.50
N ILE D 328 43.82 15.34 15.85
CA ILE D 328 44.54 15.07 14.62
C ILE D 328 43.66 14.17 13.76
N ASP D 329 44.01 14.07 12.48
CA ASP D 329 43.31 13.16 11.58
C ASP D 329 43.87 11.76 11.80
N GLU D 330 43.11 10.91 12.45
CA GLU D 330 43.55 9.56 12.75
C GLU D 330 43.36 8.59 11.58
N PHE D 331 43.57 9.04 10.35
CA PHE D 331 43.25 8.21 9.19
C PHE D 331 44.20 7.03 9.06
N GLY D 332 45.50 7.27 9.11
CA GLY D 332 46.44 6.20 8.85
C GLY D 332 46.75 5.31 10.04
N TRP D 333 45.93 5.37 11.09
CA TRP D 333 46.19 4.64 12.31
C TRP D 333 45.42 3.32 12.33
N GLU D 334 46.08 2.28 12.84
CA GLU D 334 45.48 0.98 12.99
C GLU D 334 44.92 0.81 14.39
N SER D 335 44.08 -0.22 14.57
CA SER D 335 43.71 -0.62 15.92
C SER D 335 44.89 -1.28 16.62
N ALA D 336 45.10 -0.93 17.88
CA ALA D 336 46.16 -1.57 18.65
C ALA D 336 45.83 -3.05 18.78
N LYS D 337 46.85 -3.88 18.69
CA LYS D 337 46.68 -5.33 18.79
C LYS D 337 46.85 -5.77 20.24
N ILE D 338 45.93 -6.60 20.71
CA ILE D 338 46.02 -7.13 22.06
C ILE D 338 47.03 -8.28 22.07
N ILE D 339 48.13 -8.09 22.81
CA ILE D 339 49.13 -9.13 22.98
C ILE D 339 48.68 -10.15 24.03
N GLY D 340 47.90 -9.71 25.02
CA GLY D 340 47.38 -10.57 26.05
C GLY D 340 46.85 -9.80 27.24
N ALA D 341 45.85 -10.36 27.91
CA ALA D 341 45.39 -9.78 29.16
C ALA D 341 46.52 -9.79 30.17
N PHE D 342 46.42 -8.92 31.17
CA PHE D 342 47.43 -8.89 32.21
C PHE D 342 47.54 -10.27 32.84
N GLY D 343 48.78 -10.73 33.02
CA GLY D 343 49.06 -12.07 33.46
C GLY D 343 49.60 -12.96 32.36
N VAL D 344 49.46 -12.55 31.10
CA VAL D 344 49.99 -13.34 30.01
C VAL D 344 51.52 -13.38 30.08
N ALA D 345 52.10 -14.40 29.48
CA ALA D 345 53.54 -14.51 29.40
C ALA D 345 54.06 -13.52 28.34
N PRO D 346 55.34 -13.11 28.42
CA PRO D 346 56.39 -13.47 29.39
C PRO D 346 56.29 -12.70 30.70
N TRP D 347 55.48 -11.66 30.72
CA TRP D 347 55.53 -10.70 31.83
C TRP D 347 54.85 -11.22 33.10
N GLY D 348 53.78 -11.98 32.97
CA GLY D 348 53.19 -12.62 34.13
C GLY D 348 52.42 -11.67 35.03
N ALA D 349 52.14 -12.15 36.25
CA ALA D 349 51.33 -11.45 37.22
C ALA D 349 52.18 -10.86 38.35
N GLY D 350 53.47 -10.61 38.11
CA GLY D 350 54.36 -10.23 39.18
C GLY D 350 54.78 -8.77 39.18
N MET D 351 54.02 -7.94 38.48
CA MET D 351 54.33 -6.53 38.38
C MET D 351 54.37 -5.88 39.76
N VAL D 352 55.37 -5.04 39.98
CA VAL D 352 55.42 -4.23 41.19
C VAL D 352 54.63 -2.96 40.90
N ILE D 353 53.58 -2.74 41.69
CA ILE D 353 52.60 -1.68 41.46
C ILE D 353 52.67 -0.69 42.62
N PRO D 354 52.79 0.61 42.37
CA PRO D 354 52.78 1.57 43.49
C PRO D 354 51.49 1.47 44.29
N SER D 355 51.63 1.64 45.60
CA SER D 355 50.50 1.57 46.52
C SER D 355 49.62 2.82 46.46
N ALA D 356 48.33 2.61 46.70
CA ALA D 356 47.34 3.68 46.75
C ALA D 356 47.54 4.54 47.96
N CYS E 19 -62.33 -0.52 -8.07
CA CYS E 19 -63.23 -1.67 -8.14
C CYS E 19 -62.77 -2.70 -9.17
N LYS E 20 -63.40 -3.88 -9.14
CA LYS E 20 -62.96 -5.00 -9.97
C LYS E 20 -63.11 -4.64 -11.44
N ILE E 21 -62.10 -4.98 -12.24
CA ILE E 21 -62.10 -4.67 -13.67
C ILE E 21 -62.53 -5.92 -14.44
N THR E 22 -63.72 -5.84 -15.02
CA THR E 22 -64.33 -6.90 -15.81
C THR E 22 -63.91 -6.87 -17.28
N ALA E 23 -63.53 -5.69 -17.79
CA ALA E 23 -63.22 -5.53 -19.20
C ALA E 23 -62.08 -6.45 -19.65
N THR E 24 -62.19 -6.94 -20.88
CA THR E 24 -61.20 -7.84 -21.48
C THR E 24 -60.68 -7.21 -22.77
N PRO E 25 -59.56 -7.70 -23.32
CA PRO E 25 -59.06 -7.15 -24.59
C PRO E 25 -60.11 -7.15 -25.71
N ARG E 26 -60.07 -6.11 -26.54
CA ARG E 26 -61.09 -5.87 -27.56
C ARG E 26 -60.50 -5.07 -28.71
N GLN E 27 -61.30 -4.91 -29.76
CA GLN E 27 -60.92 -4.04 -30.86
C GLN E 27 -60.91 -2.59 -30.40
N PHE E 28 -59.89 -1.84 -30.81
CA PHE E 28 -59.77 -0.44 -30.42
C PHE E 28 -60.96 0.36 -30.92
N GLN E 29 -61.43 1.28 -30.08
CA GLN E 29 -62.61 2.07 -30.38
C GLN E 29 -62.21 3.52 -30.59
N PRO E 30 -62.41 4.08 -31.78
CA PRO E 30 -61.88 5.42 -32.02
C PRO E 30 -62.67 6.47 -31.28
N ALA E 31 -61.95 7.44 -30.72
CA ALA E 31 -62.55 8.68 -30.29
C ALA E 31 -62.82 9.53 -31.52
N LEU E 32 -64.04 10.05 -31.62
CA LEU E 32 -64.46 10.80 -32.80
C LEU E 32 -64.82 12.22 -32.41
N LEU E 33 -64.60 13.13 -33.36
CA LEU E 33 -64.84 14.55 -33.16
C LEU E 33 -66.23 15.00 -33.60
N SER E 34 -67.04 14.08 -34.16
CA SER E 34 -68.26 14.50 -34.85
C SER E 34 -69.32 15.07 -33.91
N THR E 35 -69.24 14.79 -32.61
CA THR E 35 -70.20 15.31 -31.66
C THR E 35 -69.65 16.42 -30.78
N SER E 36 -68.42 16.87 -31.01
CA SER E 36 -67.79 17.86 -30.16
C SER E 36 -67.90 19.25 -30.78
N LYS E 37 -67.75 20.26 -29.94
CA LYS E 37 -67.90 21.66 -30.31
C LYS E 37 -66.59 22.40 -30.08
N TRP E 38 -66.39 23.46 -30.86
CA TRP E 38 -65.34 24.41 -30.57
C TRP E 38 -65.80 25.32 -29.43
N ILE E 39 -64.91 25.56 -28.47
CA ILE E 39 -65.22 26.39 -27.31
C ILE E 39 -64.14 27.45 -27.16
N TRP E 40 -64.52 28.58 -26.54
CA TRP E 40 -63.57 29.61 -26.19
C TRP E 40 -64.15 30.42 -25.02
N THR E 41 -63.60 31.62 -24.79
CA THR E 41 -63.89 32.37 -23.58
C THR E 41 -65.19 33.15 -23.69
N GLY E 42 -65.49 33.69 -24.87
CA GLY E 42 -66.60 34.58 -25.06
C GLY E 42 -66.31 36.04 -24.81
N GLU E 43 -65.03 36.41 -24.64
CA GLU E 43 -64.67 37.84 -24.61
C GLU E 43 -65.25 38.58 -25.80
N ASN E 44 -65.13 38.00 -26.99
CA ASN E 44 -65.92 38.42 -28.14
C ASN E 44 -67.19 37.58 -28.17
N PRO E 45 -68.37 38.15 -27.95
CA PRO E 45 -69.60 37.35 -27.97
C PRO E 45 -70.03 36.91 -29.37
N ILE E 46 -69.31 37.28 -30.41
CA ILE E 46 -69.62 36.84 -31.77
C ILE E 46 -69.08 35.43 -31.97
N PRO E 47 -69.93 34.44 -32.22
CA PRO E 47 -69.43 33.08 -32.47
C PRO E 47 -68.55 33.03 -33.70
N GLY E 48 -67.30 32.61 -33.51
CA GLY E 48 -66.32 32.55 -34.58
C GLY E 48 -65.66 33.86 -34.90
N GLY E 49 -66.00 34.94 -34.20
CA GLY E 49 -65.43 36.24 -34.46
C GLY E 49 -63.99 36.34 -33.98
N SER E 50 -63.45 37.55 -34.10
CA SER E 50 -62.06 37.81 -33.74
C SER E 50 -61.88 37.90 -32.22
N ASN E 51 -60.77 37.35 -31.75
CA ASN E 51 -60.35 37.45 -30.36
C ASN E 51 -58.90 37.92 -30.31
N ILE E 52 -58.51 38.41 -29.15
CA ILE E 52 -57.20 39.00 -28.97
C ILE E 52 -56.14 37.93 -28.74
N ILE E 53 -54.87 38.30 -28.96
CA ILE E 53 -53.76 37.46 -28.53
C ILE E 53 -53.87 37.26 -27.02
N SER E 54 -53.85 35.99 -26.59
CA SER E 54 -54.06 35.67 -25.18
C SER E 54 -53.83 34.19 -24.93
N THR E 55 -53.75 33.85 -23.64
CA THR E 55 -53.79 32.49 -23.14
C THR E 55 -54.95 32.37 -22.16
N ARG E 56 -55.79 31.35 -22.34
CA ARG E 56 -57.01 31.23 -21.55
C ARG E 56 -57.23 29.81 -21.02
N PRO E 57 -57.80 29.68 -19.80
CA PRO E 57 -57.91 28.36 -19.18
C PRO E 57 -59.28 27.71 -19.36
N PHE E 58 -59.31 26.37 -19.37
CA PHE E 58 -60.55 25.61 -19.50
C PHE E 58 -60.50 24.38 -18.60
N ARG E 59 -61.58 24.15 -17.85
CA ARG E 59 -61.66 23.02 -16.94
C ARG E 59 -62.95 22.24 -17.18
N LYS E 60 -62.92 20.97 -16.82
CA LYS E 60 -64.06 20.07 -16.98
C LYS E 60 -63.91 18.92 -15.99
N ASN E 61 -64.96 18.67 -15.22
CA ASN E 61 -64.94 17.57 -14.26
C ASN E 61 -65.70 16.38 -14.82
N ILE E 62 -65.25 15.18 -14.48
CA ILE E 62 -65.87 13.94 -14.95
C ILE E 62 -66.26 13.11 -13.75
N THR E 63 -67.37 12.38 -13.86
CA THR E 63 -67.80 11.49 -12.80
C THR E 63 -68.33 10.20 -13.41
N ALA E 64 -67.79 9.07 -12.97
CA ALA E 64 -68.22 7.78 -13.45
C ALA E 64 -69.62 7.45 -12.92
N PRO E 65 -70.48 6.82 -13.72
CA PRO E 65 -71.78 6.39 -13.20
C PRO E 65 -71.60 5.34 -12.10
N CYS E 66 -72.55 5.32 -11.16
CA CYS E 66 -72.44 4.40 -10.03
C CYS E 66 -72.45 2.95 -10.53
N GLY E 67 -71.57 2.14 -9.95
CA GLY E 67 -71.48 0.73 -10.27
C GLY E 67 -70.28 0.36 -11.14
N LYS E 68 -69.58 1.35 -11.67
CA LYS E 68 -68.44 1.14 -12.53
C LYS E 68 -67.39 2.19 -12.19
N CYS E 69 -66.14 1.87 -12.54
CA CYS E 69 -65.00 2.76 -12.33
C CYS E 69 -64.40 3.11 -13.68
N SER E 70 -64.01 4.38 -13.84
CA SER E 70 -63.32 4.79 -15.05
C SER E 70 -61.86 4.39 -14.93
N VAL E 71 -61.28 3.94 -16.04
CA VAL E 71 -59.97 3.30 -16.03
C VAL E 71 -58.94 4.14 -16.80
N CYS E 72 -59.23 4.45 -18.07
CA CYS E 72 -58.33 5.22 -18.90
C CYS E 72 -59.17 5.97 -19.93
N ALA E 73 -58.49 6.80 -20.72
CA ALA E 73 -59.18 7.57 -21.74
C ALA E 73 -58.31 7.69 -22.98
N THR E 74 -58.97 7.73 -24.13
CA THR E 74 -58.35 8.08 -25.39
C THR E 74 -58.84 9.47 -25.76
N ILE E 75 -57.92 10.36 -26.13
CA ILE E 75 -58.21 11.78 -26.24
C ILE E 75 -57.78 12.26 -27.61
N VAL E 76 -58.66 13.02 -28.27
CA VAL E 76 -58.33 13.73 -29.50
C VAL E 76 -58.54 15.21 -29.28
N VAL E 77 -57.55 16.02 -29.64
CA VAL E 77 -57.57 17.45 -29.36
C VAL E 77 -57.04 18.21 -30.56
N ALA E 78 -57.72 19.31 -30.91
CA ALA E 78 -57.29 20.24 -31.95
C ALA E 78 -57.51 21.65 -31.43
N SER E 79 -56.75 22.60 -31.98
CA SER E 79 -56.77 23.95 -31.42
C SER E 79 -56.40 24.99 -32.46
N ASP E 80 -57.02 26.16 -32.30
CA ASP E 80 -56.67 27.40 -32.98
C ASP E 80 -56.33 28.39 -31.86
N ASP E 81 -55.05 28.61 -31.60
CA ASP E 81 -53.97 28.15 -32.47
C ASP E 81 -53.15 27.00 -31.86
N ALA E 82 -52.96 27.01 -30.54
CA ALA E 82 -52.19 25.99 -29.85
C ALA E 82 -52.86 25.68 -28.52
N HIS E 83 -52.42 24.60 -27.88
CA HIS E 83 -53.09 24.15 -26.66
C HIS E 83 -52.13 23.39 -25.76
N THR E 84 -52.47 23.37 -24.47
CA THR E 84 -51.80 22.55 -23.47
C THR E 84 -52.84 21.78 -22.67
N PHE E 85 -52.64 20.46 -22.55
CA PHE E 85 -53.64 19.56 -22.00
C PHE E 85 -53.18 18.99 -20.66
N TYR E 86 -54.01 19.14 -19.63
CA TYR E 86 -53.74 18.60 -18.30
C TYR E 86 -54.84 17.62 -17.91
N VAL E 87 -54.45 16.57 -17.20
CA VAL E 87 -55.39 15.61 -16.65
C VAL E 87 -55.02 15.39 -15.18
N ASN E 88 -55.93 15.78 -14.28
CA ASN E 88 -55.70 15.69 -12.85
C ASN E 88 -54.42 16.39 -12.42
N GLY E 89 -54.13 17.53 -13.05
CA GLY E 89 -52.99 18.33 -12.70
C GLY E 89 -51.69 17.97 -13.40
N VAL E 90 -51.59 16.79 -14.01
CA VAL E 90 -50.39 16.38 -14.73
C VAL E 90 -50.54 16.76 -16.19
N ARG E 91 -49.56 17.47 -16.72
CA ARG E 91 -49.59 17.84 -18.13
C ARG E 91 -49.25 16.64 -19.00
N ILE E 92 -50.05 16.39 -20.05
CA ILE E 92 -49.89 15.18 -20.84
C ILE E 92 -49.62 15.41 -22.32
N GLY E 93 -49.68 16.63 -22.84
CA GLY E 93 -49.37 16.83 -24.26
C GLY E 93 -49.42 18.29 -24.67
N THR E 94 -48.85 18.54 -25.86
CA THR E 94 -48.85 19.85 -26.52
C THR E 94 -49.15 19.72 -28.01
N GLY E 95 -50.00 20.61 -28.50
CA GLY E 95 -50.30 20.56 -29.92
C GLY E 95 -50.78 21.89 -30.42
N ALA E 96 -51.01 21.92 -31.73
CA ALA E 96 -51.42 23.12 -32.42
C ALA E 96 -52.08 22.69 -33.72
N GLY E 97 -52.82 23.62 -34.32
CA GLY E 97 -53.41 23.40 -35.62
C GLY E 97 -54.83 22.88 -35.56
N PHE E 98 -55.68 23.40 -36.44
CA PHE E 98 -57.08 22.99 -36.53
C PHE E 98 -57.37 22.02 -37.68
N ARG E 99 -56.44 21.84 -38.61
CA ARG E 99 -56.71 20.95 -39.75
C ARG E 99 -56.62 19.48 -39.35
N GLN E 100 -55.70 19.14 -38.44
CA GLN E 100 -55.53 17.77 -37.97
C GLN E 100 -55.45 17.75 -36.44
N GLY E 101 -56.18 16.82 -35.83
CA GLY E 101 -56.16 16.64 -34.39
C GLY E 101 -54.96 15.84 -33.89
N GLN E 102 -54.83 15.80 -32.58
CA GLN E 102 -53.69 15.16 -31.92
C GLN E 102 -54.20 14.14 -30.92
N ALA E 103 -53.59 12.93 -30.94
CA ALA E 103 -54.02 11.84 -30.08
C ALA E 103 -53.24 11.79 -28.76
N LEU E 104 -53.96 11.58 -27.66
CA LEU E 104 -53.38 11.41 -26.34
C LEU E 104 -54.02 10.21 -25.66
N PHE E 105 -53.24 9.54 -24.80
CA PHE E 105 -53.73 8.40 -24.03
C PHE E 105 -53.30 8.60 -22.59
N VAL E 106 -54.26 8.49 -21.66
CA VAL E 106 -53.97 8.84 -20.27
C VAL E 106 -54.83 8.01 -19.34
N ALA E 107 -54.24 7.59 -18.22
CA ALA E 107 -54.97 6.89 -17.16
C ALA E 107 -55.72 7.86 -16.27
N LEU E 108 -56.82 7.37 -15.70
CA LEU E 108 -57.76 8.14 -14.90
C LEU E 108 -57.87 7.57 -13.48
N GLN E 109 -58.49 8.34 -12.62
CA GLN E 109 -58.80 7.94 -11.26
C GLN E 109 -60.16 7.21 -11.23
N PRO E 110 -60.42 6.40 -10.19
CA PRO E 110 -61.60 5.53 -10.23
C PRO E 110 -62.93 6.25 -10.42
N THR E 111 -63.11 7.42 -9.81
CA THR E 111 -64.44 8.03 -9.85
C THR E 111 -64.45 9.48 -10.33
N TRP E 112 -63.54 10.31 -9.82
CA TRP E 112 -63.48 11.73 -10.19
C TRP E 112 -62.20 12.03 -10.95
N ASN E 113 -62.32 12.81 -12.02
CA ASN E 113 -61.16 13.19 -12.81
C ASN E 113 -61.38 14.61 -13.34
N LEU E 114 -60.29 15.37 -13.42
CA LEU E 114 -60.35 16.76 -13.86
C LEU E 114 -59.50 16.95 -15.11
N PHE E 115 -60.13 17.44 -16.19
CA PHE E 115 -59.46 17.82 -17.40
C PHE E 115 -59.28 19.33 -17.45
N ALA E 116 -58.11 19.76 -17.90
CA ALA E 116 -57.80 21.18 -17.98
C ALA E 116 -56.99 21.46 -19.24
N ILE E 117 -57.40 22.49 -19.98
CA ILE E 117 -56.76 22.87 -21.22
C ILE E 117 -56.38 24.34 -21.15
N ALA E 118 -55.14 24.65 -21.51
CA ALA E 118 -54.64 26.02 -21.62
C ALA E 118 -54.54 26.35 -23.10
N GLY E 119 -55.55 27.06 -23.62
CA GLY E 119 -55.59 27.38 -25.03
C GLY E 119 -54.83 28.65 -25.36
N GLN E 120 -54.36 28.73 -26.60
CA GLN E 120 -53.52 29.83 -27.04
C GLN E 120 -54.00 30.30 -28.40
N ASN E 121 -54.32 31.59 -28.51
CA ASN E 121 -54.54 32.26 -29.79
C ASN E 121 -53.29 33.06 -30.11
N LEU E 122 -52.64 32.74 -31.23
CA LEU E 122 -51.33 33.30 -31.54
C LEU E 122 -51.38 34.41 -32.60
N VAL E 123 -52.56 34.71 -33.14
CA VAL E 123 -52.73 35.74 -34.16
C VAL E 123 -53.75 36.76 -33.69
N ALA E 124 -53.38 38.04 -33.71
CA ALA E 124 -54.29 39.10 -33.29
C ALA E 124 -55.47 39.21 -34.24
N ASN E 125 -56.65 39.48 -33.68
CA ASN E 125 -57.88 39.70 -34.47
C ASN E 125 -58.20 38.49 -35.34
N SER E 126 -58.07 37.30 -34.76
CA SER E 126 -58.30 36.04 -35.45
C SER E 126 -59.24 35.17 -34.64
N PRO E 127 -59.90 34.20 -35.28
CA PRO E 127 -60.71 33.25 -34.52
C PRO E 127 -59.87 32.41 -33.58
N ALA E 128 -60.53 31.88 -32.56
CA ALA E 128 -59.86 31.07 -31.55
C ALA E 128 -60.83 30.01 -31.05
N GLY E 129 -60.30 28.82 -30.78
CA GLY E 129 -61.13 27.76 -30.26
C GLY E 129 -60.38 26.46 -30.09
N ILE E 130 -60.79 25.67 -29.11
CA ILE E 130 -60.23 24.34 -28.88
C ILE E 130 -61.36 23.34 -29.00
N MET E 131 -61.01 22.15 -29.50
CA MET E 131 -61.98 21.08 -29.68
C MET E 131 -61.36 19.79 -29.16
N ALA E 132 -62.13 19.04 -28.36
CA ALA E 132 -61.61 17.80 -27.81
C ALA E 132 -62.73 16.77 -27.71
N SER E 133 -62.34 15.51 -27.89
CA SER E 133 -63.21 14.35 -27.69
C SER E 133 -62.49 13.39 -26.74
N ILE E 134 -63.18 12.98 -25.67
CA ILE E 134 -62.59 12.13 -24.64
C ILE E 134 -63.40 10.86 -24.53
N LEU E 135 -62.84 9.75 -24.98
CA LEU E 135 -63.49 8.45 -24.89
C LEU E 135 -62.99 7.77 -23.63
N VAL E 136 -63.84 7.71 -22.62
CA VAL E 136 -63.48 7.16 -21.32
C VAL E 136 -63.91 5.70 -21.28
N HIS E 137 -62.99 4.82 -20.90
CA HIS E 137 -63.27 3.40 -20.80
C HIS E 137 -63.44 3.04 -19.33
N PHE E 138 -64.49 2.24 -19.06
CA PHE E 138 -64.88 1.86 -17.71
C PHE E 138 -64.53 0.40 -17.44
N SER E 139 -64.56 0.04 -16.16
CA SER E 139 -64.08 -1.27 -15.72
C SER E 139 -64.94 -2.42 -16.23
N ASP E 140 -66.18 -2.19 -16.62
CA ASP E 140 -67.07 -3.27 -17.05
C ASP E 140 -67.01 -3.51 -18.55
N GLY E 141 -66.27 -2.70 -19.29
CA GLY E 141 -66.15 -2.86 -20.72
C GLY E 141 -66.88 -1.82 -21.55
N THR E 142 -67.72 -1.00 -20.92
CA THR E 142 -68.45 0.03 -21.64
C THR E 142 -67.58 1.26 -21.83
N SER E 143 -68.08 2.21 -22.62
CA SER E 143 -67.31 3.39 -22.98
C SER E 143 -68.26 4.57 -23.15
N GLU E 144 -67.75 5.77 -22.92
CA GLU E 144 -68.57 6.97 -23.01
C GLU E 144 -67.73 8.15 -23.47
N THR E 145 -68.26 8.91 -24.44
CA THR E 145 -67.53 10.02 -25.04
C THR E 145 -67.98 11.33 -24.41
N PHE E 146 -67.05 12.08 -23.84
CA PHE E 146 -67.28 13.43 -23.37
C PHE E 146 -66.57 14.39 -24.31
N VAL E 147 -67.17 15.56 -24.54
CA VAL E 147 -66.71 16.50 -25.55
C VAL E 147 -66.62 17.91 -24.97
N THR E 148 -65.93 18.78 -25.71
CA THR E 148 -65.88 20.19 -25.37
C THR E 148 -67.21 20.87 -25.68
N ASP E 149 -67.77 21.56 -24.69
CA ASP E 149 -69.03 22.27 -24.87
C ASP E 149 -69.19 23.29 -23.75
N GLU E 150 -70.40 23.79 -23.54
CA GLU E 150 -70.63 24.81 -22.52
C GLU E 150 -70.54 24.27 -21.10
N SER E 151 -70.45 22.96 -20.90
CA SER E 151 -70.29 22.47 -19.53
C SER E 151 -68.89 22.68 -19.00
N TRP E 152 -67.97 23.19 -19.82
CA TRP E 152 -66.60 23.46 -19.39
C TRP E 152 -66.51 24.84 -18.74
N LYS E 153 -65.75 24.92 -17.66
CA LYS E 153 -65.46 26.21 -17.04
C LYS E 153 -64.32 26.90 -17.76
N THR E 154 -64.35 28.22 -17.73
CA THR E 154 -63.32 29.04 -18.35
C THR E 154 -63.15 30.31 -17.53
N LEU E 155 -62.15 31.10 -17.91
CA LEU E 155 -61.95 32.42 -17.31
C LEU E 155 -61.69 33.46 -18.39
N ARG E 156 -62.17 34.67 -18.14
CA ARG E 156 -61.89 35.82 -19.00
C ARG E 156 -60.59 36.51 -18.62
N ALA E 157 -59.57 35.74 -18.22
CA ALA E 157 -58.30 36.30 -17.81
C ALA E 157 -57.21 35.26 -18.06
N ALA E 158 -55.97 35.67 -17.83
CA ALA E 158 -54.86 34.74 -17.97
C ALA E 158 -55.02 33.60 -16.96
N PRO E 159 -54.57 32.40 -17.30
CA PRO E 159 -54.77 31.26 -16.41
C PRO E 159 -54.05 31.46 -15.10
N PRO E 160 -54.79 31.47 -13.98
CA PRO E 160 -54.12 31.62 -12.68
C PRO E 160 -53.17 30.47 -12.41
N GLU E 161 -52.36 30.64 -11.39
CA GLU E 161 -51.44 29.59 -10.97
C GLU E 161 -52.22 28.35 -10.51
N ASN E 162 -51.80 27.19 -11.01
CA ASN E 162 -52.38 25.91 -10.60
C ASN E 162 -53.87 25.84 -10.90
N PHE E 163 -54.27 26.46 -12.01
CA PHE E 163 -55.65 26.38 -12.47
C PHE E 163 -56.08 24.95 -12.80
N GLN E 164 -55.12 24.08 -13.13
CA GLN E 164 -55.38 22.72 -13.56
C GLN E 164 -55.43 21.72 -12.41
N LEU E 165 -55.19 22.15 -11.20
CA LEU E 165 -55.20 21.24 -10.07
C LEU E 165 -56.64 20.94 -9.63
N PRO E 166 -56.94 19.70 -9.26
CA PRO E 166 -58.28 19.39 -8.72
C PRO E 166 -58.63 20.22 -7.51
N SER E 167 -57.62 20.67 -6.76
CA SER E 167 -57.84 21.39 -5.52
C SER E 167 -58.20 22.86 -5.74
N THR E 168 -58.04 23.37 -6.96
CA THR E 168 -58.45 24.74 -7.28
C THR E 168 -59.96 24.83 -7.41
N ASN E 169 -60.54 25.90 -6.87
CA ASN E 169 -61.98 26.07 -6.83
C ASN E 169 -62.46 26.69 -8.14
N ASP E 170 -63.28 25.97 -8.88
CA ASP E 170 -63.81 26.46 -10.14
C ASP E 170 -65.33 26.52 -10.20
N SER E 171 -66.01 26.35 -9.06
CA SER E 171 -67.47 26.37 -9.07
C SER E 171 -68.01 27.74 -9.46
N ASN E 172 -67.22 28.79 -9.20
CA ASN E 172 -67.62 30.16 -9.48
C ASN E 172 -67.13 30.63 -10.84
N TRP E 173 -66.37 29.79 -11.55
CA TRP E 173 -65.92 30.13 -12.88
C TRP E 173 -67.11 30.24 -13.84
N PRO E 174 -67.00 31.07 -14.87
CA PRO E 174 -68.05 31.12 -15.89
C PRO E 174 -67.94 29.95 -16.87
N SER E 175 -69.05 29.75 -17.60
CA SER E 175 -69.15 28.72 -18.61
C SER E 175 -68.33 29.08 -19.85
N ALA E 176 -67.95 28.05 -20.60
CA ALA E 176 -67.29 28.25 -21.88
C ALA E 176 -68.28 28.73 -22.95
N ALA E 177 -67.73 29.38 -23.97
CA ALA E 177 -68.52 29.95 -25.06
C ALA E 177 -68.34 29.08 -26.30
N VAL E 178 -69.46 28.67 -26.90
CA VAL E 178 -69.42 27.80 -28.07
C VAL E 178 -69.11 28.63 -29.31
N GLN E 179 -68.00 28.28 -29.99
CA GLN E 179 -67.62 28.94 -31.24
C GLN E 179 -68.16 28.25 -32.48
N GLY E 180 -68.57 26.99 -32.37
CA GLY E 180 -69.05 26.27 -33.53
C GLY E 180 -69.10 24.76 -33.33
N ALA E 181 -70.01 24.09 -34.02
CA ALA E 181 -70.10 22.63 -33.97
C ALA E 181 -69.08 22.03 -34.93
N TYR E 182 -69.10 20.69 -35.02
CA TYR E 182 -68.19 19.97 -35.91
C TYR E 182 -68.28 20.50 -37.32
N GLN E 183 -69.50 20.65 -37.85
CA GLN E 183 -69.74 21.35 -39.10
C GLN E 183 -70.03 22.82 -38.82
N ASN E 184 -69.04 23.67 -39.07
CA ASN E 184 -69.20 25.11 -38.95
C ASN E 184 -68.50 25.74 -40.14
N SER E 185 -68.55 27.06 -40.25
CA SER E 185 -68.14 27.76 -41.46
C SER E 185 -66.78 28.44 -41.33
N VAL E 186 -66.07 28.22 -40.22
CA VAL E 186 -64.79 28.87 -39.97
C VAL E 186 -63.64 27.88 -40.08
N TRP E 187 -63.80 26.67 -39.55
CA TRP E 187 -62.70 25.72 -39.40
C TRP E 187 -62.86 24.48 -40.26
N GLY E 188 -64.01 23.81 -40.18
CA GLY E 188 -64.21 22.58 -40.92
C GLY E 188 -63.74 21.39 -40.12
N PRO E 189 -64.10 20.19 -40.54
CA PRO E 189 -63.87 19.00 -39.71
C PRO E 189 -62.40 18.62 -39.68
N PRO E 190 -61.77 18.60 -38.49
CA PRO E 190 -60.36 18.23 -38.41
C PRO E 190 -60.16 16.74 -38.64
N VAL E 191 -59.11 16.41 -39.39
CA VAL E 191 -58.80 15.02 -39.71
C VAL E 191 -58.33 14.29 -38.47
N LEU E 192 -58.85 13.08 -38.25
CA LEU E 192 -58.37 12.28 -37.13
C LEU E 192 -57.00 11.71 -37.48
N PRO E 193 -56.03 11.80 -36.59
CA PRO E 193 -54.70 11.23 -36.85
C PRO E 193 -54.71 9.72 -36.64
N PRO E 194 -53.67 9.01 -37.06
CA PRO E 194 -53.57 7.58 -36.75
C PRO E 194 -53.57 7.33 -35.25
N VAL E 195 -54.15 6.19 -34.86
CA VAL E 195 -54.20 5.81 -33.46
C VAL E 195 -52.79 5.77 -32.87
N LEU E 196 -51.86 5.18 -33.61
CA LEU E 196 -50.45 5.11 -33.24
C LEU E 196 -49.65 5.19 -34.53
N PRO E 197 -48.43 5.69 -34.47
CA PRO E 197 -47.56 5.66 -35.64
C PRO E 197 -46.87 4.31 -35.78
N LEU E 198 -46.70 3.87 -37.02
CA LEU E 198 -45.74 2.81 -37.29
C LEU E 198 -44.35 3.35 -37.56
N ARG E 199 -44.25 4.64 -37.84
CA ARG E 199 -42.98 5.30 -38.05
C ARG E 199 -42.15 5.23 -36.78
N GLY E 200 -40.96 4.63 -36.88
CA GLY E 200 -40.12 4.34 -35.75
C GLY E 200 -40.12 2.89 -35.33
N SER E 201 -41.12 2.11 -35.74
CA SER E 201 -41.14 0.69 -35.48
C SER E 201 -40.48 -0.09 -36.62
N ASN E 202 -40.20 -1.36 -36.37
CA ASN E 202 -39.45 -2.19 -37.30
C ASN E 202 -40.22 -3.47 -37.63
N TRP E 203 -40.16 -3.88 -38.90
CA TRP E 203 -40.54 -5.24 -39.27
C TRP E 203 -39.47 -6.19 -38.74
N ILE E 204 -39.85 -7.16 -37.93
CA ILE E 204 -38.90 -8.09 -37.35
C ILE E 204 -39.29 -9.50 -37.76
N TRP E 205 -38.34 -10.44 -37.60
CA TRP E 205 -38.61 -11.85 -37.83
C TRP E 205 -37.53 -12.66 -37.14
N THR E 206 -37.62 -13.99 -37.23
CA THR E 206 -36.51 -14.82 -36.77
C THR E 206 -35.37 -14.69 -37.77
N SER E 207 -34.19 -15.22 -37.40
CA SER E 207 -33.02 -14.98 -38.24
C SER E 207 -33.02 -15.77 -39.54
N ASP E 208 -33.98 -16.68 -39.75
CA ASP E 208 -34.12 -17.36 -41.04
C ASP E 208 -34.71 -16.47 -42.13
N ASN E 209 -34.98 -15.20 -41.85
CA ASN E 209 -35.38 -14.23 -42.86
C ASN E 209 -34.11 -13.62 -43.45
N VAL E 210 -33.80 -13.98 -44.69
CA VAL E 210 -32.52 -13.60 -45.30
C VAL E 210 -32.73 -13.50 -46.82
N ASN E 211 -32.09 -12.49 -47.42
CA ASN E 211 -32.18 -12.22 -48.85
C ASN E 211 -33.59 -11.87 -49.30
N GLY E 212 -34.40 -11.29 -48.40
CA GLY E 212 -35.72 -10.80 -48.73
C GLY E 212 -36.85 -11.81 -48.66
N ALA E 213 -36.59 -13.04 -48.22
CA ALA E 213 -37.60 -14.09 -48.13
C ALA E 213 -37.32 -14.94 -46.91
N ALA E 214 -38.34 -15.71 -46.50
CA ALA E 214 -38.25 -16.53 -45.30
C ALA E 214 -39.04 -17.81 -45.52
N PRO E 215 -38.66 -18.91 -44.85
CA PRO E 215 -39.38 -20.16 -45.05
C PRO E 215 -40.83 -20.05 -44.60
N VAL E 216 -41.67 -20.92 -45.18
CA VAL E 216 -43.06 -20.99 -44.78
C VAL E 216 -43.16 -21.61 -43.39
N GLY E 217 -44.05 -21.07 -42.57
CA GLY E 217 -44.26 -21.61 -41.23
C GLY E 217 -44.46 -20.55 -40.17
N SER E 218 -44.66 -20.98 -38.93
CA SER E 218 -44.97 -20.07 -37.84
C SER E 218 -43.77 -19.87 -36.93
N ARG E 219 -43.66 -18.66 -36.38
CA ARG E 219 -42.56 -18.25 -35.52
C ARG E 219 -43.14 -17.43 -34.38
N ALA E 220 -42.49 -17.48 -33.21
CA ALA E 220 -43.02 -16.85 -32.02
C ALA E 220 -42.11 -15.72 -31.54
N PHE E 221 -42.71 -14.72 -30.89
CA PHE E 221 -42.03 -13.51 -30.46
C PHE E 221 -42.54 -13.06 -29.09
N ARG E 222 -41.62 -12.66 -28.22
CA ARG E 222 -41.99 -12.21 -26.88
C ARG E 222 -41.37 -10.87 -26.54
N LYS E 223 -42.09 -10.08 -25.76
CA LYS E 223 -41.59 -8.84 -25.19
C LYS E 223 -42.26 -8.58 -23.85
N THR E 224 -41.46 -8.35 -22.82
CA THR E 224 -41.95 -8.07 -21.48
C THR E 224 -41.74 -6.59 -21.15
N VAL E 225 -42.74 -5.97 -20.52
CA VAL E 225 -42.64 -4.63 -19.98
C VAL E 225 -42.87 -4.75 -18.47
N ASN E 226 -41.87 -4.38 -17.69
CA ASN E 226 -41.92 -4.59 -16.24
C ASN E 226 -41.28 -3.37 -15.55
N GLN E 227 -42.10 -2.33 -15.38
CA GLN E 227 -41.71 -1.12 -14.69
C GLN E 227 -42.12 -1.31 -13.23
N CYS E 228 -41.21 -1.84 -12.42
CA CYS E 228 -41.62 -2.36 -11.13
C CYS E 228 -41.97 -1.27 -10.12
N THR E 229 -41.64 -0.01 -10.40
CA THR E 229 -41.99 1.11 -9.53
C THR E 229 -43.19 1.90 -10.01
N LYS E 230 -43.77 1.58 -11.17
CA LYS E 230 -44.92 2.28 -11.69
C LYS E 230 -46.14 1.36 -11.73
N VAL E 231 -47.30 1.96 -11.99
CA VAL E 231 -48.58 1.27 -12.05
C VAL E 231 -49.11 1.33 -13.48
N ALA E 232 -49.12 0.17 -14.15
CA ALA E 232 -49.67 0.05 -15.50
C ALA E 232 -51.18 -0.05 -15.47
N VAL E 233 -51.82 0.52 -16.49
CA VAL E 233 -53.28 0.62 -16.51
C VAL E 233 -53.83 0.06 -17.82
N CYS E 234 -53.71 0.83 -18.92
CA CYS E 234 -54.25 0.44 -20.21
C CYS E 234 -53.10 0.25 -21.20
N ALA E 235 -53.30 -0.65 -22.16
CA ALA E 235 -52.36 -0.82 -23.26
C ALA E 235 -53.09 -0.71 -24.59
N THR E 236 -52.56 0.11 -25.48
CA THR E 236 -53.01 0.19 -26.85
C THR E 236 -51.98 -0.45 -27.74
N VAL E 237 -52.43 -1.26 -28.70
CA VAL E 237 -51.56 -2.08 -29.52
C VAL E 237 -51.95 -1.86 -30.97
N LEU E 238 -50.97 -1.52 -31.81
CA LEU E 238 -51.13 -1.40 -33.26
C LEU E 238 -50.21 -2.42 -33.91
N ILE E 239 -50.75 -3.27 -34.79
CA ILE E 239 -50.00 -4.42 -35.27
C ILE E 239 -50.44 -4.80 -36.67
N ALA E 240 -49.51 -5.35 -37.45
CA ALA E 240 -49.74 -5.88 -38.79
C ALA E 240 -48.67 -6.93 -39.06
N ALA E 241 -48.95 -7.84 -40.00
CA ALA E 241 -47.98 -8.91 -40.25
C ALA E 241 -48.13 -9.49 -41.66
N ASP E 242 -47.00 -9.90 -42.22
CA ASP E 242 -46.91 -10.74 -43.43
C ASP E 242 -46.41 -12.09 -42.96
N ASP E 243 -47.26 -13.12 -42.99
CA ASP E 243 -48.54 -13.10 -43.65
C ASP E 243 -49.72 -13.02 -42.68
N ARG E 244 -49.53 -13.48 -41.45
CA ARG E 244 -50.59 -13.43 -40.45
C ARG E 244 -49.99 -13.52 -39.07
N TYR E 245 -50.82 -13.24 -38.07
CA TYR E 245 -50.36 -13.19 -36.69
C TYR E 245 -51.50 -13.50 -35.75
N THR E 246 -51.16 -13.92 -34.53
CA THR E 246 -52.09 -13.93 -33.41
C THR E 246 -51.38 -13.33 -32.20
N LEU E 247 -52.09 -12.49 -31.46
CA LEU E 247 -51.51 -11.70 -30.38
C LEU E 247 -52.06 -12.15 -29.04
N TYR E 248 -51.17 -12.27 -28.06
CA TYR E 248 -51.53 -12.65 -26.70
C TYR E 248 -50.93 -11.63 -25.75
N VAL E 249 -51.65 -11.29 -24.69
CA VAL E 249 -51.10 -10.47 -23.62
C VAL E 249 -51.33 -11.19 -22.29
N ASN E 250 -50.24 -11.46 -21.57
CA ASN E 250 -50.27 -12.24 -20.32
C ASN E 250 -50.95 -13.60 -20.50
N GLY E 251 -50.81 -14.20 -21.67
CA GLY E 251 -51.35 -15.50 -21.94
C GLY E 251 -52.74 -15.51 -22.54
N ALA E 252 -53.46 -14.39 -22.45
CA ALA E 252 -54.81 -14.28 -23.00
C ALA E 252 -54.78 -13.88 -24.46
N THR E 253 -55.65 -14.50 -25.26
CA THR E 253 -55.74 -14.15 -26.67
C THR E 253 -56.33 -12.75 -26.80
N VAL E 254 -55.71 -11.92 -27.63
CA VAL E 254 -56.19 -10.57 -27.90
C VAL E 254 -56.90 -10.49 -29.23
N GLY E 255 -56.33 -11.07 -30.27
CA GLY E 255 -56.92 -11.00 -31.59
C GLY E 255 -55.98 -11.58 -32.62
N SER E 256 -56.48 -11.67 -33.84
CA SER E 256 -55.70 -12.21 -34.94
C SER E 256 -55.95 -11.36 -36.18
N GLY E 257 -54.97 -11.35 -37.08
CA GLY E 257 -55.10 -10.63 -38.34
C GLY E 257 -54.33 -11.33 -39.42
N SER E 258 -54.50 -10.83 -40.64
CA SER E 258 -53.85 -11.45 -41.79
C SER E 258 -53.66 -10.46 -42.93
N SER E 259 -53.13 -9.27 -42.65
CA SER E 259 -52.89 -8.27 -43.68
C SER E 259 -51.59 -7.54 -43.40
N TYR E 260 -50.80 -7.29 -44.45
CA TYR E 260 -49.64 -6.40 -44.35
C TYR E 260 -49.91 -5.04 -44.97
N THR E 261 -51.15 -4.76 -45.36
CA THR E 261 -51.52 -3.45 -45.87
C THR E 261 -52.59 -2.75 -45.03
N VAL E 262 -53.23 -3.47 -44.11
CA VAL E 262 -54.21 -2.88 -43.20
C VAL E 262 -53.85 -3.33 -41.78
N ALA E 263 -53.49 -2.39 -40.92
CA ALA E 263 -53.09 -2.74 -39.57
C ALA E 263 -54.29 -2.78 -38.63
N ASP E 264 -54.13 -3.53 -37.54
CA ASP E 264 -55.17 -3.74 -36.55
C ASP E 264 -54.81 -3.08 -35.22
N ALA E 265 -55.82 -2.57 -34.52
CA ALA E 265 -55.62 -1.83 -33.29
C ALA E 265 -56.50 -2.42 -32.20
N TYR E 266 -55.90 -2.67 -31.03
CA TYR E 266 -56.57 -3.22 -29.87
C TYR E 266 -56.30 -2.37 -28.65
N THR E 267 -57.25 -2.36 -27.72
CA THR E 267 -57.06 -1.82 -26.39
C THR E 267 -57.12 -2.95 -25.36
N ILE E 268 -56.17 -2.99 -24.45
CA ILE E 268 -56.13 -3.95 -23.36
C ILE E 268 -56.27 -3.21 -22.04
N PRO E 269 -57.46 -3.24 -21.43
CA PRO E 269 -57.73 -2.43 -20.24
C PRO E 269 -57.51 -3.12 -18.91
N ASN E 270 -57.04 -4.37 -18.90
CA ASN E 270 -56.86 -5.14 -17.67
C ASN E 270 -55.41 -5.57 -17.49
N LEU E 271 -54.48 -4.67 -17.79
CA LEU E 271 -53.07 -4.97 -17.60
C LEU E 271 -52.80 -5.35 -16.15
N HIS E 272 -51.88 -6.29 -15.97
CA HIS E 272 -51.29 -6.47 -14.65
C HIS E 272 -50.55 -5.19 -14.29
N PRO E 273 -50.62 -4.73 -13.04
CA PRO E 273 -50.11 -3.38 -12.73
C PRO E 273 -48.59 -3.22 -12.84
N THR E 274 -47.81 -4.31 -12.83
CA THR E 274 -46.36 -4.14 -12.86
C THR E 274 -45.67 -4.97 -13.93
N PHE E 275 -46.22 -6.13 -14.29
CA PHE E 275 -45.53 -7.08 -15.16
C PHE E 275 -46.49 -7.56 -16.24
N ASN E 276 -46.17 -7.26 -17.50
CA ASN E 276 -47.02 -7.65 -18.63
C ASN E 276 -46.19 -8.15 -19.77
N THR E 277 -46.62 -9.26 -20.37
CA THR E 277 -45.87 -9.93 -21.43
C THR E 277 -46.73 -9.99 -22.69
N PHE E 278 -46.23 -9.41 -23.77
CA PHE E 278 -46.86 -9.46 -25.08
C PHE E 278 -46.19 -10.54 -25.92
N ALA E 279 -46.99 -11.41 -26.53
CA ALA E 279 -46.47 -12.51 -27.32
C ALA E 279 -47.21 -12.61 -28.65
N ILE E 280 -46.46 -12.87 -29.71
CA ILE E 280 -47.02 -12.96 -31.07
C ILE E 280 -46.63 -14.28 -31.69
N ASN E 281 -47.58 -14.92 -32.35
CA ASN E 281 -47.35 -16.09 -33.19
C ASN E 281 -47.64 -15.67 -34.64
N ALA E 282 -46.59 -15.45 -35.42
CA ALA E 282 -46.72 -15.04 -36.81
C ALA E 282 -46.43 -16.19 -37.75
N THR E 283 -47.16 -16.26 -38.86
CA THR E 283 -46.99 -17.30 -39.85
C THR E 283 -46.70 -16.67 -41.20
N ASN E 284 -45.73 -17.25 -41.92
CA ASN E 284 -45.41 -16.85 -43.28
C ASN E 284 -45.95 -17.92 -44.23
N GLY E 285 -46.76 -17.49 -45.19
CA GLY E 285 -47.26 -18.39 -46.23
C GLY E 285 -46.35 -18.57 -47.41
N GLY E 286 -45.34 -17.72 -47.53
CA GLY E 286 -44.37 -17.79 -48.61
C GLY E 286 -43.74 -16.43 -48.85
N GLY E 287 -42.53 -16.45 -49.40
CA GLY E 287 -41.85 -15.24 -49.78
C GLY E 287 -41.44 -14.39 -48.60
N PRO E 288 -41.58 -13.08 -48.76
CA PRO E 288 -41.20 -12.17 -47.67
C PRO E 288 -42.10 -12.40 -46.45
N ALA E 289 -41.54 -12.11 -45.28
CA ALA E 289 -42.22 -12.29 -44.01
C ALA E 289 -41.79 -11.17 -43.07
N GLY E 290 -42.66 -10.85 -42.13
CA GLY E 290 -42.35 -9.83 -41.16
C GLY E 290 -43.52 -9.56 -40.25
N VAL E 291 -43.25 -9.13 -39.01
CA VAL E 291 -44.28 -8.67 -38.10
C VAL E 291 -43.83 -7.32 -37.56
N ILE E 292 -44.76 -6.38 -37.47
CA ILE E 292 -44.47 -5.03 -37.01
C ILE E 292 -45.55 -4.62 -36.03
N ALA E 293 -45.15 -3.96 -34.95
CA ALA E 293 -46.11 -3.57 -33.93
C ALA E 293 -45.64 -2.35 -33.16
N THR E 294 -46.60 -1.51 -32.78
CA THR E 294 -46.36 -0.42 -31.83
C THR E 294 -47.29 -0.62 -30.64
N ILE E 295 -46.74 -0.45 -29.44
CA ILE E 295 -47.49 -0.65 -28.21
C ILE E 295 -47.32 0.58 -27.34
N LEU E 296 -48.44 1.14 -26.89
CA LEU E 296 -48.42 2.30 -25.99
C LEU E 296 -49.09 1.89 -24.68
N ILE E 297 -48.36 2.03 -23.58
CA ILE E 297 -48.80 1.62 -22.25
C ILE E 297 -48.95 2.88 -21.40
N THR E 298 -50.09 3.04 -20.73
CA THR E 298 -50.33 4.20 -19.89
C THR E 298 -50.13 3.86 -18.41
N TYR E 299 -49.50 4.77 -17.69
CA TYR E 299 -49.25 4.58 -16.27
C TYR E 299 -50.12 5.54 -15.45
N SER E 300 -50.35 5.14 -14.19
CA SER E 300 -51.25 5.87 -13.31
C SER E 300 -50.76 7.27 -12.97
N ASP E 301 -49.46 7.52 -13.10
CA ASP E 301 -48.88 8.83 -12.80
C ASP E 301 -48.99 9.82 -13.96
N GLY E 302 -49.72 9.47 -15.02
CA GLY E 302 -49.91 10.36 -16.15
C GLY E 302 -48.88 10.24 -17.25
N SER E 303 -47.80 9.52 -17.02
CA SER E 303 -46.85 9.23 -18.08
C SER E 303 -47.29 8.00 -18.86
N ASN E 304 -46.67 7.80 -20.01
CA ASN E 304 -46.86 6.56 -20.76
C ASN E 304 -45.53 6.14 -21.37
N GLU E 305 -45.52 4.93 -21.93
CA GLU E 305 -44.33 4.26 -22.45
C GLU E 305 -44.68 3.64 -23.80
N THR E 306 -43.83 3.86 -24.80
CA THR E 306 -44.01 3.27 -26.12
C THR E 306 -43.02 2.13 -26.30
N VAL E 307 -43.53 0.96 -26.65
CA VAL E 307 -42.72 -0.20 -27.00
C VAL E 307 -42.95 -0.51 -28.48
N VAL E 308 -41.86 -0.65 -29.23
CA VAL E 308 -41.94 -0.99 -30.65
C VAL E 308 -41.32 -2.37 -30.85
N THR E 309 -41.66 -2.98 -31.99
CA THR E 309 -40.96 -4.20 -32.38
C THR E 309 -39.56 -3.84 -32.85
N ASP E 310 -38.56 -4.47 -32.25
CA ASP E 310 -37.17 -4.23 -32.59
C ASP E 310 -36.38 -5.47 -32.16
N ALA E 311 -35.06 -5.33 -32.06
CA ALA E 311 -34.22 -6.49 -31.81
C ALA E 311 -34.30 -6.99 -30.38
N SER E 312 -34.91 -6.23 -29.46
CA SER E 312 -35.03 -6.65 -28.08
C SER E 312 -36.14 -7.67 -27.86
N TRP E 313 -36.97 -7.90 -28.85
CA TRP E 313 -37.93 -8.99 -28.76
C TRP E 313 -37.20 -10.32 -28.84
N LYS E 314 -37.68 -11.31 -28.12
CA LYS E 314 -37.17 -12.65 -28.26
C LYS E 314 -37.92 -13.36 -29.36
N ALA E 315 -37.24 -14.28 -30.04
CA ALA E 315 -37.81 -14.99 -31.18
C ALA E 315 -37.33 -16.44 -31.18
N ILE E 316 -38.07 -17.32 -31.84
CA ILE E 316 -37.75 -18.74 -31.88
C ILE E 316 -38.39 -19.35 -33.12
N GLN E 317 -37.75 -20.38 -33.68
CA GLN E 317 -38.22 -21.01 -34.91
C GLN E 317 -39.08 -22.25 -34.68
N THR E 318 -38.80 -23.03 -33.65
CA THR E 318 -39.70 -24.12 -33.26
C THR E 318 -40.41 -23.66 -32.00
N ILE E 319 -41.71 -23.40 -32.13
CA ILE E 319 -42.52 -22.80 -31.09
C ILE E 319 -42.84 -23.85 -30.02
N PRO E 320 -42.32 -23.68 -28.81
CA PRO E 320 -42.67 -24.61 -27.73
C PRO E 320 -44.08 -24.37 -27.22
N GLN E 321 -44.69 -25.41 -26.67
CA GLN E 321 -45.97 -25.21 -26.01
C GLN E 321 -45.78 -24.38 -24.74
N GLY E 322 -46.68 -23.43 -24.53
CA GLY E 322 -46.53 -22.47 -23.45
C GLY E 322 -45.64 -21.30 -23.80
N PHE E 323 -45.59 -20.91 -25.07
CA PHE E 323 -44.78 -19.77 -25.48
C PHE E 323 -45.38 -18.44 -25.08
N GLN E 324 -46.67 -18.40 -24.75
CA GLN E 324 -47.31 -17.13 -24.46
C GLN E 324 -47.55 -16.83 -22.98
N PRO E 325 -47.41 -17.77 -22.04
CA PRO E 325 -47.50 -17.40 -20.63
C PRO E 325 -46.44 -16.37 -20.26
N PRO E 326 -46.70 -15.58 -19.21
CA PRO E 326 -45.79 -14.49 -18.87
C PRO E 326 -44.39 -14.95 -18.50
N LEU E 327 -44.30 -15.84 -17.52
CA LEU E 327 -43.03 -16.36 -17.02
C LEU E 327 -42.75 -17.68 -17.72
N ILE E 328 -41.69 -17.71 -18.53
CA ILE E 328 -41.12 -18.94 -19.07
C ILE E 328 -39.62 -18.76 -19.17
N ASP E 329 -38.91 -19.87 -19.32
CA ASP E 329 -37.46 -19.86 -19.46
C ASP E 329 -37.12 -19.48 -20.90
N GLU E 330 -36.68 -18.24 -21.09
CA GLU E 330 -36.33 -17.74 -22.42
C GLU E 330 -34.93 -18.14 -22.85
N PHE E 331 -34.48 -19.33 -22.45
CA PHE E 331 -33.10 -19.72 -22.69
C PHE E 331 -32.82 -19.96 -24.18
N GLY E 332 -33.65 -20.78 -24.82
CA GLY E 332 -33.41 -21.13 -26.21
C GLY E 332 -33.93 -20.16 -27.25
N TRP E 333 -34.26 -18.94 -26.84
CA TRP E 333 -34.82 -17.95 -27.76
C TRP E 333 -33.70 -17.03 -28.24
N GLU E 334 -33.74 -16.66 -29.51
CA GLU E 334 -32.81 -15.70 -30.09
C GLU E 334 -33.42 -14.30 -30.12
N SER E 335 -32.57 -13.30 -30.33
CA SER E 335 -33.09 -11.98 -30.65
C SER E 335 -33.66 -11.95 -32.06
N ALA E 336 -34.77 -11.24 -32.21
CA ALA E 336 -35.37 -11.08 -33.52
C ALA E 336 -34.45 -10.30 -34.44
N LYS E 337 -34.50 -10.62 -35.73
CA LYS E 337 -33.75 -9.92 -36.75
C LYS E 337 -34.62 -8.78 -37.30
N ILE E 338 -34.04 -7.58 -37.42
CA ILE E 338 -34.75 -6.45 -38.01
C ILE E 338 -34.68 -6.56 -39.52
N ILE E 339 -35.83 -6.66 -40.18
CA ILE E 339 -35.86 -6.64 -41.63
C ILE E 339 -35.82 -5.22 -42.16
N GLY E 340 -36.35 -4.26 -41.41
CA GLY E 340 -36.33 -2.86 -41.82
C GLY E 340 -37.26 -1.97 -41.03
N ALA E 341 -36.88 -0.71 -40.85
CA ALA E 341 -37.77 0.26 -40.23
C ALA E 341 -39.02 0.44 -41.11
N PHE E 342 -40.10 0.90 -40.48
CA PHE E 342 -41.34 1.09 -41.22
C PHE E 342 -41.09 2.00 -42.41
N GLY E 343 -41.63 1.59 -43.56
CA GLY E 343 -41.38 2.23 -44.83
C GLY E 343 -40.51 1.39 -45.76
N VAL E 344 -39.80 0.40 -45.22
CA VAL E 344 -38.96 -0.43 -46.07
C VAL E 344 -39.82 -1.25 -47.03
N ALA E 345 -39.21 -1.64 -48.15
CA ALA E 345 -39.86 -2.51 -49.11
C ALA E 345 -39.87 -3.95 -48.60
N PRO E 346 -40.80 -4.79 -49.09
CA PRO E 346 -41.83 -4.56 -50.12
C PRO E 346 -43.06 -3.80 -49.64
N TRP E 347 -43.23 -3.68 -48.33
CA TRP E 347 -44.51 -3.26 -47.79
C TRP E 347 -44.77 -1.77 -47.95
N GLY E 348 -43.74 -0.94 -47.93
CA GLY E 348 -43.91 0.47 -48.20
C GLY E 348 -44.51 1.24 -47.04
N ALA E 349 -44.93 2.46 -47.34
CA ALA E 349 -45.45 3.40 -46.36
C ALA E 349 -46.97 3.56 -46.48
N GLY E 350 -47.66 2.58 -47.05
CA GLY E 350 -49.05 2.75 -47.40
C GLY E 350 -50.06 2.06 -46.52
N MET E 351 -49.64 1.70 -45.31
CA MET E 351 -50.51 1.00 -44.37
C MET E 351 -51.77 1.82 -44.07
N VAL E 352 -52.92 1.15 -44.04
CA VAL E 352 -54.15 1.76 -43.57
C VAL E 352 -54.21 1.54 -42.06
N ILE E 353 -54.23 2.63 -41.29
CA ILE E 353 -54.13 2.58 -39.84
C ILE E 353 -55.42 3.15 -39.25
N PRO E 354 -56.06 2.47 -38.28
CA PRO E 354 -57.28 2.99 -37.69
C PRO E 354 -57.11 4.38 -37.08
N SER E 355 -58.18 5.17 -37.16
CA SER E 355 -58.15 6.53 -36.62
C SER E 355 -58.12 6.50 -35.11
N ALA E 356 -57.44 7.49 -34.53
CA ALA E 356 -57.41 7.64 -33.08
C ALA E 356 -58.78 8.11 -32.60
N CYS F 19 -25.51 -21.67 -19.20
CA CYS F 19 -26.19 -22.83 -19.75
C CYS F 19 -27.53 -23.11 -19.05
N LYS F 20 -28.33 -23.98 -19.67
CA LYS F 20 -29.71 -24.21 -19.26
C LYS F 20 -29.79 -24.75 -17.83
N ILE F 21 -30.78 -24.25 -17.08
CA ILE F 21 -30.96 -24.63 -15.69
C ILE F 21 -32.01 -25.74 -15.62
N THR F 22 -31.55 -26.95 -15.33
CA THR F 22 -32.39 -28.14 -15.18
C THR F 22 -32.89 -28.34 -13.75
N ALA F 23 -32.14 -27.82 -12.78
CA ALA F 23 -32.46 -28.06 -11.37
C ALA F 23 -33.84 -27.54 -11.02
N THR F 24 -34.53 -28.29 -10.17
CA THR F 24 -35.88 -27.97 -9.76
C THR F 24 -35.90 -27.80 -8.26
N PRO F 25 -36.95 -27.21 -7.70
CA PRO F 25 -37.02 -27.08 -6.23
C PRO F 25 -36.85 -28.44 -5.58
N ARG F 26 -36.18 -28.43 -4.43
CA ARG F 26 -35.77 -29.66 -3.76
C ARG F 26 -35.67 -29.37 -2.28
N GLN F 27 -35.50 -30.41 -1.49
CA GLN F 27 -35.28 -30.21 -0.07
C GLN F 27 -33.92 -29.55 0.11
N PHE F 28 -33.84 -28.60 1.04
CA PHE F 28 -32.58 -27.90 1.28
C PHE F 28 -31.51 -28.88 1.73
N GLN F 29 -30.32 -28.72 1.17
CA GLN F 29 -29.18 -29.58 1.41
C GLN F 29 -28.08 -28.79 2.12
N PRO F 30 -27.66 -29.20 3.32
CA PRO F 30 -26.80 -28.36 4.16
C PRO F 30 -25.34 -28.32 3.71
N ALA F 31 -24.72 -27.15 3.92
CA ALA F 31 -23.27 -27.05 3.92
C ALA F 31 -22.72 -27.60 5.25
N LEU F 32 -21.78 -28.55 5.18
CA LEU F 32 -21.27 -29.20 6.36
C LEU F 32 -19.77 -28.95 6.51
N LEU F 33 -19.34 -28.81 7.77
CA LEU F 33 -17.97 -28.48 8.15
C LEU F 33 -17.09 -29.70 8.42
N SER F 34 -17.63 -30.92 8.36
CA SER F 34 -16.87 -32.07 8.82
C SER F 34 -15.71 -32.44 7.90
N THR F 35 -15.67 -31.94 6.66
CA THR F 35 -14.55 -32.21 5.76
C THR F 35 -13.63 -31.00 5.62
N SER F 36 -13.87 -29.92 6.35
CA SER F 36 -13.08 -28.71 6.22
C SER F 36 -12.00 -28.66 7.29
N LYS F 37 -10.96 -27.88 7.00
CA LYS F 37 -9.81 -27.75 7.87
C LYS F 37 -9.65 -26.29 8.30
N TRP F 38 -9.03 -26.09 9.47
CA TRP F 38 -8.61 -24.76 9.88
C TRP F 38 -7.34 -24.39 9.12
N ILE F 39 -7.30 -23.18 8.58
CA ILE F 39 -6.12 -22.72 7.86
C ILE F 39 -5.68 -21.38 8.44
N TRP F 40 -4.40 -21.09 8.31
CA TRP F 40 -3.84 -19.78 8.62
C TRP F 40 -2.55 -19.64 7.79
N THR F 41 -1.69 -18.68 8.16
CA THR F 41 -0.58 -18.35 7.27
C THR F 41 0.60 -19.28 7.47
N GLY F 42 0.81 -19.78 8.68
CA GLY F 42 1.98 -20.56 9.01
C GLY F 42 3.16 -19.75 9.46
N GLU F 43 2.99 -18.45 9.75
CA GLU F 43 4.05 -17.67 10.37
C GLU F 43 4.63 -18.39 11.58
N ASN F 44 3.75 -18.93 12.42
CA ASN F 44 4.16 -19.96 13.38
C ASN F 44 3.96 -21.33 12.75
N PRO F 45 5.02 -22.11 12.52
CA PRO F 45 4.85 -23.42 11.88
C PRO F 45 4.20 -24.48 12.75
N ILE F 46 3.91 -24.19 14.02
CA ILE F 46 3.23 -25.15 14.89
C ILE F 46 1.74 -25.10 14.59
N PRO F 47 1.12 -26.18 14.13
CA PRO F 47 -0.32 -26.15 13.86
C PRO F 47 -1.10 -25.84 15.13
N GLY F 48 -1.88 -24.76 15.08
CA GLY F 48 -2.64 -24.35 16.24
C GLY F 48 -1.84 -23.58 17.28
N GLY F 49 -0.58 -23.27 17.00
CA GLY F 49 0.25 -22.55 17.94
C GLY F 49 -0.15 -21.09 18.05
N SER F 50 0.68 -20.35 18.81
CA SER F 50 0.43 -18.94 19.08
C SER F 50 0.77 -18.09 17.87
N ASN F 51 -0.07 -17.08 17.60
CA ASN F 51 0.16 -16.09 16.56
C ASN F 51 -0.07 -14.69 17.12
N ILE F 52 0.45 -13.70 16.39
CA ILE F 52 0.34 -12.31 16.84
C ILE F 52 -1.02 -11.74 16.45
N ILE F 53 -1.39 -10.64 17.10
CA ILE F 53 -2.51 -9.84 16.62
C ILE F 53 -2.20 -9.40 15.20
N SER F 54 -3.12 -9.67 14.28
CA SER F 54 -2.87 -9.36 12.88
C SER F 54 -4.13 -9.63 12.05
N THR F 55 -4.08 -9.15 10.80
CA THR F 55 -5.06 -9.46 9.76
C THR F 55 -4.33 -10.08 8.58
N ARG F 56 -4.86 -11.19 8.06
CA ARG F 56 -4.19 -11.91 6.99
C ARG F 56 -5.18 -12.30 5.90
N PRO F 57 -4.76 -12.29 4.63
CA PRO F 57 -5.71 -12.54 3.53
C PRO F 57 -5.69 -13.98 3.05
N PHE F 58 -6.83 -14.45 2.52
CA PHE F 58 -6.97 -15.82 2.04
C PHE F 58 -7.81 -15.83 0.77
N ARG F 59 -7.34 -16.52 -0.26
CA ARG F 59 -8.05 -16.58 -1.53
C ARG F 59 -8.21 -18.04 -1.95
N LYS F 60 -9.22 -18.28 -2.78
CA LYS F 60 -9.53 -19.61 -3.29
C LYS F 60 -10.32 -19.47 -4.58
N ASN F 61 -9.84 -20.12 -5.64
CA ASN F 61 -10.49 -20.12 -6.94
C ASN F 61 -11.17 -21.45 -7.19
N ILE F 62 -12.39 -21.41 -7.72
CA ILE F 62 -13.12 -22.60 -8.09
C ILE F 62 -13.43 -22.51 -9.57
N THR F 63 -13.38 -23.64 -10.26
CA THR F 63 -13.78 -23.72 -11.65
C THR F 63 -14.84 -24.81 -11.80
N ALA F 64 -15.92 -24.48 -12.51
CA ALA F 64 -16.98 -25.45 -12.72
C ALA F 64 -16.48 -26.61 -13.57
N PRO F 65 -16.84 -27.84 -13.25
CA PRO F 65 -16.49 -28.99 -14.10
C PRO F 65 -17.13 -28.89 -15.48
N CYS F 66 -16.50 -29.56 -16.44
CA CYS F 66 -16.98 -29.49 -17.83
C CYS F 66 -18.40 -30.01 -17.96
N GLY F 67 -19.22 -29.24 -18.65
CA GLY F 67 -20.57 -29.64 -18.96
C GLY F 67 -21.65 -28.97 -18.13
N LYS F 68 -21.26 -28.25 -17.07
CA LYS F 68 -22.22 -27.66 -16.14
C LYS F 68 -21.77 -26.27 -15.73
N CYS F 69 -22.73 -25.47 -15.28
CA CYS F 69 -22.51 -24.11 -14.84
C CYS F 69 -22.86 -24.02 -13.37
N SER F 70 -22.06 -23.28 -12.60
CA SER F 70 -22.37 -23.06 -11.18
C SER F 70 -23.36 -21.90 -11.05
N VAL F 71 -24.27 -22.02 -10.08
CA VAL F 71 -25.42 -21.11 -9.96
C VAL F 71 -25.32 -20.27 -8.68
N CYS F 72 -25.28 -20.92 -7.51
CA CYS F 72 -25.20 -20.24 -6.23
C CYS F 72 -24.50 -21.17 -5.24
N ALA F 73 -24.25 -20.65 -4.03
CA ALA F 73 -23.53 -21.39 -3.01
C ALA F 73 -24.11 -21.13 -1.62
N THR F 74 -24.06 -22.16 -0.77
CA THR F 74 -24.38 -22.05 0.64
C THR F 74 -23.08 -22.16 1.44
N ILE F 75 -22.88 -21.27 2.40
CA ILE F 75 -21.59 -21.05 3.04
C ILE F 75 -21.75 -21.10 4.55
N VAL F 76 -20.87 -21.86 5.21
CA VAL F 76 -20.73 -21.83 6.66
C VAL F 76 -19.30 -21.45 6.97
N VAL F 77 -19.11 -20.44 7.80
CA VAL F 77 -17.77 -19.93 8.10
C VAL F 77 -17.66 -19.63 9.60
N ALA F 78 -16.53 -20.00 10.18
CA ALA F 78 -16.20 -19.69 11.57
C ALA F 78 -14.74 -19.25 11.62
N SER F 79 -14.38 -18.53 12.68
CA SER F 79 -13.04 -17.95 12.70
C SER F 79 -12.55 -17.75 14.12
N ASP F 80 -11.24 -17.89 14.28
CA ASP F 80 -10.52 -17.45 15.47
C ASP F 80 -9.50 -16.46 14.94
N ASP F 81 -9.78 -15.15 15.07
CA ASP F 81 -10.89 -14.63 15.86
C ASP F 81 -12.08 -14.00 15.08
N ALA F 82 -11.81 -13.36 13.95
CA ALA F 82 -12.86 -12.71 13.17
C ALA F 82 -12.55 -12.84 11.68
N HIS F 83 -13.53 -12.52 10.85
CA HIS F 83 -13.37 -12.71 9.42
C HIS F 83 -14.25 -11.74 8.63
N THR F 84 -13.85 -11.51 7.38
CA THR F 84 -14.67 -10.84 6.38
C THR F 84 -14.65 -11.67 5.12
N PHE F 85 -15.83 -11.92 4.54
CA PHE F 85 -16.01 -12.85 3.44
C PHE F 85 -16.41 -12.10 2.17
N TYR F 86 -15.67 -12.33 1.08
CA TYR F 86 -15.90 -11.71 -0.21
C TYR F 86 -16.12 -12.78 -1.27
N VAL F 87 -17.00 -12.47 -2.23
CA VAL F 87 -17.24 -13.36 -3.36
C VAL F 87 -17.16 -12.50 -4.61
N ASN F 88 -16.16 -12.75 -5.44
CA ASN F 88 -15.90 -12.00 -6.67
C ASN F 88 -15.79 -10.50 -6.38
N GLY F 89 -15.20 -10.17 -5.22
CA GLY F 89 -14.98 -8.79 -4.85
C GLY F 89 -16.10 -8.14 -4.07
N VAL F 90 -17.25 -8.78 -3.97
CA VAL F 90 -18.39 -8.23 -3.25
C VAL F 90 -18.31 -8.70 -1.81
N ARG F 91 -18.37 -7.75 -0.88
CA ARG F 91 -18.41 -8.13 0.53
C ARG F 91 -19.79 -8.67 0.85
N ILE F 92 -19.85 -9.88 1.42
CA ILE F 92 -21.13 -10.54 1.66
C ILE F 92 -21.37 -10.85 3.12
N GLY F 93 -20.39 -10.72 4.00
CA GLY F 93 -20.67 -11.01 5.39
C GLY F 93 -19.47 -10.72 6.28
N THR F 94 -19.77 -10.58 7.57
CA THR F 94 -18.79 -10.34 8.62
C THR F 94 -19.16 -11.18 9.82
N GLY F 95 -18.15 -11.81 10.43
CA GLY F 95 -18.45 -12.63 11.58
C GLY F 95 -17.23 -12.84 12.45
N ALA F 96 -17.46 -13.56 13.55
CA ALA F 96 -16.41 -13.78 14.53
C ALA F 96 -16.76 -15.00 15.37
N GLY F 97 -15.73 -15.54 16.02
CA GLY F 97 -15.98 -16.63 16.92
C GLY F 97 -15.85 -17.97 16.24
N PHE F 98 -15.25 -18.93 16.94
CA PHE F 98 -15.10 -20.30 16.50
C PHE F 98 -16.13 -21.25 17.10
N ARG F 99 -16.87 -20.83 18.13
CA ARG F 99 -17.82 -21.75 18.77
C ARG F 99 -19.07 -21.96 17.92
N GLN F 100 -19.47 -20.95 17.17
CA GLN F 100 -20.66 -21.03 16.34
C GLN F 100 -20.32 -20.57 14.93
N GLY F 101 -20.77 -21.34 13.91
CA GLY F 101 -20.56 -20.95 12.53
C GLY F 101 -21.60 -19.95 12.06
N GLN F 102 -21.36 -19.38 10.88
CA GLN F 102 -22.22 -18.35 10.31
C GLN F 102 -22.61 -18.76 8.90
N ALA F 103 -23.89 -18.63 8.56
CA ALA F 103 -24.38 -19.01 7.25
C ALA F 103 -24.37 -17.83 6.29
N LEU F 104 -23.96 -18.10 5.06
CA LEU F 104 -23.99 -17.10 4.02
C LEU F 104 -24.53 -17.73 2.75
N PHE F 105 -25.20 -16.91 1.93
CA PHE F 105 -25.76 -17.30 0.66
C PHE F 105 -25.37 -16.26 -0.38
N VAL F 106 -24.91 -16.72 -1.54
CA VAL F 106 -24.40 -15.84 -2.58
C VAL F 106 -24.66 -16.49 -3.94
N ALA F 107 -24.98 -15.65 -4.92
CA ALA F 107 -25.07 -16.11 -6.30
C ALA F 107 -23.66 -16.22 -6.88
N LEU F 108 -23.48 -17.11 -7.84
CA LEU F 108 -22.16 -17.33 -8.44
C LEU F 108 -22.20 -17.03 -9.94
N GLN F 109 -21.00 -16.96 -10.52
CA GLN F 109 -20.79 -16.83 -11.95
C GLN F 109 -20.70 -18.21 -12.60
N PRO F 110 -20.95 -18.30 -13.91
CA PRO F 110 -21.10 -19.62 -14.55
C PRO F 110 -19.89 -20.53 -14.44
N THR F 111 -18.66 -20.03 -14.59
CA THR F 111 -17.55 -20.98 -14.68
C THR F 111 -16.42 -20.73 -13.69
N TRP F 112 -15.99 -19.48 -13.51
CA TRP F 112 -14.91 -19.13 -12.60
C TRP F 112 -15.44 -18.31 -11.44
N ASN F 113 -14.99 -18.62 -10.22
CA ASN F 113 -15.41 -17.87 -9.04
C ASN F 113 -14.28 -17.76 -8.03
N LEU F 114 -14.18 -16.61 -7.36
CA LEU F 114 -13.12 -16.33 -6.40
C LEU F 114 -13.72 -16.03 -5.04
N PHE F 115 -13.35 -16.81 -4.04
CA PHE F 115 -13.70 -16.54 -2.65
C PHE F 115 -12.49 -15.96 -1.94
N ALA F 116 -12.72 -14.96 -1.10
CA ALA F 116 -11.63 -14.33 -0.37
C ALA F 116 -12.08 -13.98 1.03
N ILE F 117 -11.25 -14.29 2.02
CA ILE F 117 -11.55 -14.04 3.43
C ILE F 117 -10.39 -13.26 4.03
N ALA F 118 -10.70 -12.19 4.77
CA ALA F 118 -9.72 -11.45 5.54
C ALA F 118 -9.93 -11.82 7.00
N GLY F 119 -9.11 -12.74 7.50
CA GLY F 119 -9.23 -13.19 8.87
C GLY F 119 -8.40 -12.38 9.85
N GLN F 120 -8.83 -12.40 11.12
CA GLN F 120 -8.19 -11.62 12.16
C GLN F 120 -7.97 -12.45 13.42
N ASN F 121 -6.75 -12.39 13.94
CA ASN F 121 -6.45 -12.84 15.29
C ASN F 121 -6.41 -11.59 16.17
N LEU F 122 -7.28 -11.55 17.17
CA LEU F 122 -7.47 -10.35 17.99
C LEU F 122 -6.87 -10.48 19.39
N VAL F 123 -6.32 -11.64 19.73
CA VAL F 123 -5.73 -11.87 21.05
C VAL F 123 -4.27 -12.24 20.86
N ALA F 124 -3.40 -11.50 21.53
CA ALA F 124 -1.97 -11.75 21.42
C ALA F 124 -1.65 -13.11 22.04
N ASN F 125 -0.71 -13.83 21.41
CA ASN F 125 -0.22 -15.11 21.93
C ASN F 125 -1.37 -16.13 22.05
N SER F 126 -2.23 -16.16 21.05
CA SER F 126 -3.39 -17.04 20.97
C SER F 126 -3.42 -17.72 19.61
N PRO F 127 -4.11 -18.86 19.50
CA PRO F 127 -4.29 -19.49 18.19
C PRO F 127 -5.05 -18.62 17.21
N ALA F 128 -4.92 -18.95 15.93
CA ALA F 128 -5.57 -18.20 14.86
C ALA F 128 -5.97 -19.16 13.77
N GLY F 129 -7.12 -18.92 13.15
CA GLY F 129 -7.55 -19.77 12.07
C GLY F 129 -8.94 -19.47 11.56
N ILE F 130 -9.19 -19.74 10.28
CA ILE F 130 -10.53 -19.64 9.72
C ILE F 130 -10.91 -21.01 9.16
N MET F 131 -12.20 -21.35 9.27
CA MET F 131 -12.74 -22.60 8.76
C MET F 131 -14.02 -22.28 8.02
N ALA F 132 -14.16 -22.81 6.82
CA ALA F 132 -15.35 -22.52 6.03
C ALA F 132 -15.73 -23.73 5.20
N SER F 133 -17.03 -23.88 4.95
CA SER F 133 -17.55 -24.85 4.01
C SER F 133 -18.43 -24.13 3.01
N ILE F 134 -18.17 -24.36 1.71
CA ILE F 134 -18.85 -23.68 0.61
C ILE F 134 -19.50 -24.75 -0.24
N LEU F 135 -20.82 -24.86 -0.18
CA LEU F 135 -21.57 -25.83 -0.95
C LEU F 135 -22.09 -25.17 -2.21
N VAL F 136 -21.53 -25.56 -3.34
CA VAL F 136 -21.87 -24.98 -4.64
C VAL F 136 -22.91 -25.85 -5.30
N HIS F 137 -24.00 -25.23 -5.78
CA HIS F 137 -25.04 -25.93 -6.51
C HIS F 137 -24.91 -25.61 -8.00
N PHE F 138 -25.06 -26.64 -8.84
CA PHE F 138 -24.88 -26.48 -10.29
C PHE F 138 -26.22 -26.46 -11.02
N SER F 139 -26.15 -26.07 -12.29
CA SER F 139 -27.33 -25.87 -13.13
C SER F 139 -28.08 -27.15 -13.40
N ASP F 140 -27.42 -28.31 -13.33
CA ASP F 140 -28.07 -29.59 -13.63
C ASP F 140 -28.65 -30.26 -12.40
N GLY F 141 -28.47 -29.70 -11.22
CA GLY F 141 -28.96 -30.28 -10.00
C GLY F 141 -27.88 -30.90 -9.13
N THR F 142 -26.67 -31.04 -9.64
CA THR F 142 -25.61 -31.60 -8.81
C THR F 142 -25.02 -30.52 -7.93
N SER F 143 -24.17 -30.96 -6.99
CA SER F 143 -23.57 -30.09 -5.98
C SER F 143 -22.18 -30.60 -5.66
N GLU F 144 -21.31 -29.68 -5.24
CA GLU F 144 -19.94 -30.01 -4.85
C GLU F 144 -19.50 -29.09 -3.72
N THR F 145 -18.86 -29.67 -2.71
CA THR F 145 -18.45 -28.91 -1.52
C THR F 145 -16.96 -28.56 -1.59
N PHE F 146 -16.67 -27.28 -1.48
CA PHE F 146 -15.32 -26.79 -1.33
C PHE F 146 -15.12 -26.32 0.11
N VAL F 147 -13.91 -26.54 0.64
CA VAL F 147 -13.63 -26.28 2.04
C VAL F 147 -12.33 -25.49 2.14
N THR F 148 -12.10 -24.95 3.34
CA THR F 148 -10.81 -24.36 3.65
C THR F 148 -9.79 -25.48 3.82
N ASP F 149 -8.69 -25.40 3.07
CA ASP F 149 -7.62 -26.38 3.15
C ASP F 149 -6.39 -25.72 2.52
N GLU F 150 -5.37 -26.54 2.23
CA GLU F 150 -4.12 -26.01 1.71
C GLU F 150 -4.22 -25.50 0.28
N SER F 151 -5.35 -25.72 -0.41
CA SER F 151 -5.50 -25.16 -1.75
C SER F 151 -5.80 -23.66 -1.76
N TRP F 152 -5.97 -23.03 -0.61
CA TRP F 152 -6.21 -21.59 -0.53
C TRP F 152 -4.89 -20.85 -0.42
N LYS F 153 -4.78 -19.75 -1.16
CA LYS F 153 -3.58 -18.90 -1.10
C LYS F 153 -3.68 -17.95 0.08
N THR F 154 -2.53 -17.57 0.63
CA THR F 154 -2.46 -16.61 1.72
C THR F 154 -1.17 -15.80 1.59
N LEU F 155 -1.01 -14.81 2.48
CA LEU F 155 0.21 -14.03 2.60
C LEU F 155 0.57 -13.93 4.08
N ARG F 156 1.86 -13.85 4.36
CA ARG F 156 2.31 -13.59 5.73
C ARG F 156 2.34 -12.11 6.06
N ALA F 157 1.34 -11.34 5.58
CA ALA F 157 1.29 -9.90 5.81
C ALA F 157 -0.16 -9.45 5.77
N ALA F 158 -0.37 -8.17 6.10
CA ALA F 158 -1.71 -7.58 6.09
C ALA F 158 -2.32 -7.61 4.69
N PRO F 159 -3.64 -7.66 4.59
CA PRO F 159 -4.28 -7.76 3.27
C PRO F 159 -3.91 -6.58 2.39
N PRO F 160 -3.33 -6.83 1.22
CA PRO F 160 -3.04 -5.76 0.27
C PRO F 160 -4.30 -5.08 -0.23
N GLU F 161 -4.08 -3.98 -0.96
CA GLU F 161 -5.19 -3.28 -1.61
C GLU F 161 -5.85 -4.22 -2.61
N ASN F 162 -7.18 -4.28 -2.57
CA ASN F 162 -7.94 -5.07 -3.52
C ASN F 162 -7.52 -6.54 -3.51
N PHE F 163 -7.15 -7.06 -2.34
CA PHE F 163 -6.81 -8.48 -2.24
C PHE F 163 -8.01 -9.35 -2.59
N GLN F 164 -9.21 -8.82 -2.44
CA GLN F 164 -10.44 -9.57 -2.66
C GLN F 164 -10.95 -9.46 -4.09
N LEU F 165 -10.32 -8.64 -4.93
CA LEU F 165 -10.79 -8.54 -6.31
C LEU F 165 -10.26 -9.72 -7.11
N PRO F 166 -11.08 -10.29 -7.98
CA PRO F 166 -10.58 -11.37 -8.87
C PRO F 166 -9.39 -10.96 -9.71
N SER F 167 -9.25 -9.68 -10.04
CA SER F 167 -8.20 -9.21 -10.94
C SER F 167 -6.85 -9.05 -10.25
N THR F 168 -6.78 -9.15 -8.93
CA THR F 168 -5.50 -9.13 -8.23
C THR F 168 -4.77 -10.46 -8.42
N ASN F 169 -3.46 -10.39 -8.63
CA ASN F 169 -2.64 -11.56 -8.99
C ASN F 169 -2.14 -12.27 -7.75
N ASP F 170 -2.52 -13.55 -7.59
CA ASP F 170 -2.07 -14.36 -6.46
C ASP F 170 -1.32 -15.61 -6.90
N SER F 171 -0.89 -15.69 -8.16
CA SER F 171 -0.28 -16.92 -8.67
C SER F 171 1.01 -17.29 -7.94
N ASN F 172 1.74 -16.31 -7.40
CA ASN F 172 2.97 -16.59 -6.68
C ASN F 172 2.80 -16.62 -5.17
N TRP F 173 1.58 -16.39 -4.67
CA TRP F 173 1.31 -16.45 -3.24
C TRP F 173 1.58 -17.86 -2.69
N PRO F 174 1.95 -17.97 -1.42
CA PRO F 174 2.12 -19.29 -0.80
C PRO F 174 0.78 -19.90 -0.40
N SER F 175 0.82 -21.21 -0.09
CA SER F 175 -0.36 -21.90 0.40
C SER F 175 -0.68 -21.51 1.85
N ALA F 176 -1.95 -21.65 2.21
CA ALA F 176 -2.34 -21.52 3.60
C ALA F 176 -1.89 -22.75 4.40
N ALA F 177 -1.67 -22.56 5.69
CA ALA F 177 -1.13 -23.62 6.53
C ALA F 177 -2.24 -24.23 7.38
N VAL F 178 -2.37 -25.55 7.31
CA VAL F 178 -3.47 -26.21 8.01
C VAL F 178 -3.15 -26.20 9.49
N GLN F 179 -4.04 -25.60 10.29
CA GLN F 179 -3.90 -25.56 11.74
C GLN F 179 -4.54 -26.76 12.43
N GLY F 180 -5.35 -27.54 11.73
CA GLY F 180 -6.03 -28.67 12.32
C GLY F 180 -7.15 -29.16 11.42
N ALA F 181 -7.49 -30.44 11.52
CA ALA F 181 -8.64 -30.95 10.79
C ALA F 181 -9.91 -30.65 11.58
N TYR F 182 -11.05 -31.09 11.05
CA TYR F 182 -12.31 -30.86 11.74
C TYR F 182 -12.24 -31.40 13.17
N GLN F 183 -11.72 -32.62 13.33
CA GLN F 183 -11.41 -33.21 14.64
C GLN F 183 -9.97 -32.83 14.98
N ASN F 184 -9.80 -31.86 15.89
CA ASN F 184 -8.49 -31.41 16.31
C ASN F 184 -8.52 -31.15 17.82
N SER F 185 -7.37 -30.73 18.34
CA SER F 185 -7.16 -30.62 19.79
C SER F 185 -7.15 -29.18 20.27
N VAL F 186 -7.45 -28.21 19.41
CA VAL F 186 -7.40 -26.81 19.77
C VAL F 186 -8.79 -26.19 19.85
N TRP F 187 -9.68 -26.51 18.89
CA TRP F 187 -10.97 -25.83 18.78
C TRP F 187 -12.18 -26.72 19.00
N GLY F 188 -12.31 -27.83 18.27
CA GLY F 188 -13.49 -28.64 18.41
C GLY F 188 -14.61 -28.24 17.45
N PRO F 189 -15.63 -29.07 17.34
CA PRO F 189 -16.60 -28.93 16.22
C PRO F 189 -17.50 -27.73 16.40
N PRO F 190 -17.45 -26.77 15.46
CA PRO F 190 -18.30 -25.59 15.59
C PRO F 190 -19.77 -25.91 15.32
N VAL F 191 -20.65 -25.32 16.13
CA VAL F 191 -22.08 -25.53 15.98
C VAL F 191 -22.56 -24.89 14.69
N LEU F 192 -23.38 -25.64 13.93
CA LEU F 192 -23.97 -25.13 12.71
C LEU F 192 -25.12 -24.17 13.06
N PRO F 193 -25.19 -23.03 12.41
CA PRO F 193 -26.28 -22.11 12.67
C PRO F 193 -27.56 -22.63 12.02
N PRO F 194 -28.72 -22.07 12.37
CA PRO F 194 -29.93 -22.37 11.62
C PRO F 194 -29.80 -21.91 10.18
N VAL F 195 -30.40 -22.67 9.26
CA VAL F 195 -30.29 -22.31 7.84
C VAL F 195 -30.75 -20.88 7.64
N LEU F 196 -31.88 -20.52 8.24
CA LEU F 196 -32.41 -19.17 8.22
C LEU F 196 -33.08 -18.95 9.56
N PRO F 197 -33.17 -17.70 10.03
CA PRO F 197 -33.88 -17.42 11.29
C PRO F 197 -35.39 -17.31 11.13
N LEU F 198 -36.12 -17.83 12.12
CA LEU F 198 -37.55 -17.49 12.25
C LEU F 198 -37.77 -16.26 13.10
N ARG F 199 -36.79 -15.88 13.92
CA ARG F 199 -36.84 -14.61 14.62
C ARG F 199 -36.82 -13.46 13.60
N GLY F 200 -37.79 -12.57 13.72
CA GLY F 200 -37.98 -11.52 12.75
C GLY F 200 -39.13 -11.78 11.81
N SER F 201 -39.57 -13.03 11.70
CA SER F 201 -40.76 -13.39 10.96
C SER F 201 -41.95 -13.48 11.90
N ASN F 202 -43.13 -13.53 11.30
CA ASN F 202 -44.37 -13.53 12.06
C ASN F 202 -45.23 -14.70 11.64
N TRP F 203 -45.96 -15.25 12.60
CA TRP F 203 -47.07 -16.13 12.28
C TRP F 203 -48.19 -15.29 11.69
N ILE F 204 -48.62 -15.61 10.48
CA ILE F 204 -49.71 -14.85 9.85
C ILE F 204 -50.84 -15.82 9.55
N TRP F 205 -52.00 -15.24 9.29
CA TRP F 205 -53.18 -15.98 8.87
C TRP F 205 -54.17 -14.98 8.29
N THR F 206 -55.30 -15.48 7.82
CA THR F 206 -56.39 -14.60 7.45
C THR F 206 -56.99 -13.98 8.70
N SER F 207 -57.85 -12.98 8.51
CA SER F 207 -58.37 -12.24 9.65
C SER F 207 -59.44 -12.99 10.43
N ASP F 208 -59.87 -14.17 9.94
CA ASP F 208 -60.76 -15.02 10.72
C ASP F 208 -60.05 -15.72 11.87
N ASN F 209 -58.73 -15.50 11.99
CA ASN F 209 -57.98 -15.96 13.14
C ASN F 209 -58.05 -14.83 14.18
N VAL F 210 -58.83 -15.05 15.22
CA VAL F 210 -59.13 -14.00 16.19
C VAL F 210 -59.41 -14.66 17.53
N ASN F 211 -58.99 -13.99 18.61
CA ASN F 211 -59.23 -14.46 19.97
C ASN F 211 -58.51 -15.78 20.24
N GLY F 212 -57.39 -16.00 19.55
CA GLY F 212 -56.55 -17.14 19.80
C GLY F 212 -56.89 -18.40 19.02
N ALA F 213 -57.88 -18.34 18.12
CA ALA F 213 -58.27 -19.50 17.33
C ALA F 213 -58.75 -19.04 15.97
N ALA F 214 -58.85 -19.99 15.04
CA ALA F 214 -59.26 -19.74 13.66
C ALA F 214 -60.08 -20.92 13.17
N PRO F 215 -61.03 -20.69 12.25
CA PRO F 215 -61.88 -21.78 11.80
C PRO F 215 -61.10 -22.89 11.10
N VAL F 216 -61.70 -24.08 11.09
CA VAL F 216 -61.13 -25.21 10.37
C VAL F 216 -61.24 -24.97 8.87
N GLY F 217 -60.18 -25.30 8.14
CA GLY F 217 -60.17 -25.14 6.69
C GLY F 217 -58.86 -24.66 6.10
N SER F 218 -58.84 -24.49 4.78
CA SER F 218 -57.64 -24.12 4.04
C SER F 218 -57.68 -22.64 3.66
N ARG F 219 -56.48 -22.04 3.57
CA ARG F 219 -56.33 -20.63 3.26
C ARG F 219 -55.13 -20.44 2.33
N ALA F 220 -55.20 -19.41 1.47
CA ALA F 220 -54.16 -19.18 0.47
C ALA F 220 -53.45 -17.86 0.74
N PHE F 221 -52.16 -17.82 0.40
CA PHE F 221 -51.27 -16.70 0.69
C PHE F 221 -50.31 -16.48 -0.47
N ARG F 222 -50.11 -15.22 -0.84
CA ARG F 222 -49.18 -14.86 -1.92
C ARG F 222 -48.26 -13.73 -1.48
N LYS F 223 -47.03 -13.78 -2.00
CA LYS F 223 -46.06 -12.71 -1.84
C LYS F 223 -45.19 -12.68 -3.09
N THR F 224 -45.15 -11.53 -3.74
CA THR F 224 -44.37 -11.35 -4.96
C THR F 224 -43.16 -10.48 -4.68
N VAL F 225 -42.02 -10.90 -5.22
CA VAL F 225 -40.77 -10.14 -5.18
C VAL F 225 -40.38 -9.85 -6.61
N ASN F 226 -40.29 -8.56 -6.96
CA ASN F 226 -40.04 -8.15 -8.35
C ASN F 226 -39.07 -6.96 -8.35
N GLN F 227 -37.78 -7.30 -8.26
CA GLN F 227 -36.69 -6.34 -8.33
C GLN F 227 -36.19 -6.32 -9.77
N CYS F 228 -36.74 -5.39 -10.57
CA CYS F 228 -36.63 -5.49 -12.02
C CYS F 228 -35.26 -5.09 -12.58
N THR F 229 -34.41 -4.43 -11.81
CA THR F 229 -33.09 -4.10 -12.32
C THR F 229 -32.03 -5.11 -11.93
N LYS F 230 -32.41 -6.12 -11.15
CA LYS F 230 -31.47 -7.14 -10.70
C LYS F 230 -31.80 -8.47 -11.37
N VAL F 231 -30.88 -9.42 -11.20
CA VAL F 231 -31.06 -10.77 -11.72
C VAL F 231 -31.15 -11.69 -10.50
N ALA F 232 -32.34 -12.22 -10.24
CA ALA F 232 -32.53 -13.13 -9.14
C ALA F 232 -32.02 -14.50 -9.54
N VAL F 233 -31.47 -15.24 -8.57
CA VAL F 233 -30.80 -16.49 -8.87
C VAL F 233 -31.37 -17.63 -8.02
N CYS F 234 -31.02 -17.66 -6.75
CA CYS F 234 -31.46 -18.70 -5.83
C CYS F 234 -32.35 -18.13 -4.74
N ALA F 235 -33.28 -18.95 -4.28
CA ALA F 235 -34.06 -18.65 -3.10
C ALA F 235 -33.96 -19.82 -2.15
N THR F 236 -33.68 -19.52 -0.88
CA THR F 236 -33.73 -20.50 0.20
C THR F 236 -34.96 -20.17 1.05
N VAL F 237 -35.73 -21.21 1.41
CA VAL F 237 -37.01 -21.02 2.09
C VAL F 237 -37.07 -21.93 3.31
N LEU F 238 -37.43 -21.33 4.45
CA LEU F 238 -37.70 -22.06 5.68
C LEU F 238 -39.14 -21.78 6.07
N ILE F 239 -39.93 -22.84 6.32
CA ILE F 239 -41.36 -22.66 6.49
C ILE F 239 -41.90 -23.73 7.45
N ALA F 240 -42.95 -23.36 8.18
CA ALA F 240 -43.69 -24.27 9.03
C ALA F 240 -45.10 -23.71 9.19
N ALA F 241 -46.03 -24.58 9.55
CA ALA F 241 -47.42 -24.15 9.64
C ALA F 241 -48.16 -25.00 10.65
N ASP F 242 -49.14 -24.39 11.29
CA ASP F 242 -50.16 -25.05 12.08
C ASP F 242 -51.44 -24.89 11.27
N ASP F 243 -51.92 -25.98 10.65
CA ASP F 243 -51.44 -27.34 10.88
C ASP F 243 -50.60 -27.95 9.75
N ARG F 244 -50.82 -27.51 8.51
CA ARG F 244 -50.03 -28.01 7.38
C ARG F 244 -50.10 -27.02 6.23
N TYR F 245 -49.22 -27.22 5.24
CA TYR F 245 -49.07 -26.29 4.13
C TYR F 245 -48.62 -27.02 2.88
N THR F 246 -48.84 -26.37 1.74
CA THR F 246 -48.15 -26.69 0.49
C THR F 246 -47.65 -25.38 -0.09
N LEU F 247 -46.42 -25.40 -0.59
CA LEU F 247 -45.71 -24.20 -1.02
C LEU F 247 -45.52 -24.21 -2.53
N TYR F 248 -45.78 -23.06 -3.16
CA TYR F 248 -45.64 -22.89 -4.60
C TYR F 248 -44.78 -21.68 -4.91
N VAL F 249 -43.92 -21.82 -5.92
CA VAL F 249 -43.16 -20.70 -6.44
C VAL F 249 -43.35 -20.68 -7.95
N ASN F 250 -43.82 -19.54 -8.48
CA ASN F 250 -44.18 -19.37 -9.89
C ASN F 250 -45.13 -20.46 -10.38
N GLY F 251 -45.98 -20.98 -9.48
CA GLY F 251 -46.97 -21.97 -9.85
C GLY F 251 -46.53 -23.41 -9.70
N ALA F 252 -45.23 -23.68 -9.58
CA ALA F 252 -44.72 -25.04 -9.42
C ALA F 252 -44.72 -25.44 -7.95
N THR F 253 -45.08 -26.69 -7.68
CA THR F 253 -45.08 -27.19 -6.31
C THR F 253 -43.65 -27.32 -5.82
N VAL F 254 -43.40 -26.82 -4.61
CA VAL F 254 -42.09 -26.91 -3.97
C VAL F 254 -42.06 -28.05 -2.97
N GLY F 255 -43.07 -28.12 -2.12
CA GLY F 255 -43.12 -29.15 -1.10
C GLY F 255 -44.23 -28.86 -0.12
N SER F 256 -44.44 -29.84 0.77
CA SER F 256 -45.46 -29.75 1.81
C SER F 256 -44.92 -30.33 3.11
N GLY F 257 -45.51 -29.88 4.22
CA GLY F 257 -45.17 -30.37 5.54
C GLY F 257 -46.41 -30.35 6.41
N SER F 258 -46.27 -30.87 7.62
CA SER F 258 -47.40 -30.99 8.54
C SER F 258 -46.93 -30.96 9.99
N SER F 259 -46.06 -30.00 10.32
CA SER F 259 -45.59 -29.79 11.69
C SER F 259 -45.44 -28.31 11.96
N TYR F 260 -45.86 -27.88 13.16
CA TYR F 260 -45.58 -26.54 13.63
C TYR F 260 -44.49 -26.52 14.69
N THR F 261 -43.81 -27.65 14.91
CA THR F 261 -42.69 -27.71 15.82
C THR F 261 -41.39 -28.09 15.12
N VAL F 262 -41.45 -28.60 13.90
CA VAL F 262 -40.28 -28.93 13.09
C VAL F 262 -40.49 -28.28 11.72
N ALA F 263 -39.64 -27.31 11.39
CA ALA F 263 -39.76 -26.53 10.17
C ALA F 263 -39.04 -27.24 9.02
N ASP F 264 -39.45 -26.91 7.80
CA ASP F 264 -38.94 -27.51 6.58
C ASP F 264 -38.17 -26.49 5.77
N ALA F 265 -37.14 -26.94 5.06
CA ALA F 265 -36.27 -26.07 4.28
C ALA F 265 -36.10 -26.58 2.86
N TYR F 266 -36.28 -25.69 1.87
CA TYR F 266 -36.13 -26.01 0.45
C TYR F 266 -35.23 -24.96 -0.21
N THR F 267 -34.52 -25.37 -1.25
CA THR F 267 -33.82 -24.40 -2.12
C THR F 267 -34.53 -24.38 -3.47
N ILE F 268 -34.72 -23.18 -4.00
CA ILE F 268 -35.36 -22.99 -5.30
C ILE F 268 -34.28 -22.44 -6.22
N PRO F 269 -33.69 -23.26 -7.08
CA PRO F 269 -32.52 -22.83 -7.86
C PRO F 269 -32.85 -22.29 -9.24
N ASN F 270 -34.12 -22.25 -9.62
CA ASN F 270 -34.45 -21.80 -10.96
C ASN F 270 -35.39 -20.62 -10.90
N LEU F 271 -35.10 -19.66 -10.04
CA LEU F 271 -35.90 -18.45 -9.99
C LEU F 271 -35.98 -17.82 -11.37
N HIS F 272 -37.13 -17.26 -11.69
CA HIS F 272 -37.18 -16.32 -12.78
C HIS F 272 -36.32 -15.11 -12.44
N PRO F 273 -35.57 -14.56 -13.39
CA PRO F 273 -34.59 -13.52 -13.03
C PRO F 273 -35.20 -12.20 -12.57
N THR F 274 -36.47 -11.93 -12.84
CA THR F 274 -36.99 -10.62 -12.44
C THR F 274 -38.27 -10.68 -11.59
N PHE F 275 -39.09 -11.72 -11.78
CA PHE F 275 -40.43 -11.73 -11.18
C PHE F 275 -40.70 -13.10 -10.57
N ASN F 276 -40.90 -13.14 -9.26
CA ASN F 276 -41.16 -14.41 -8.59
C ASN F 276 -42.28 -14.24 -7.57
N THR F 277 -43.21 -15.19 -7.58
CA THR F 277 -44.37 -15.19 -6.70
C THR F 277 -44.36 -16.47 -5.87
N PHE F 278 -44.36 -16.30 -4.54
CA PHE F 278 -44.42 -17.43 -3.62
C PHE F 278 -45.87 -17.59 -3.17
N ALA F 279 -46.38 -18.81 -3.20
CA ALA F 279 -47.76 -19.08 -2.83
C ALA F 279 -47.83 -20.19 -1.80
N ILE F 280 -48.66 -19.98 -0.78
CA ILE F 280 -48.83 -20.93 0.31
C ILE F 280 -50.32 -21.22 0.44
N ASN F 281 -50.66 -22.50 0.54
CA ASN F 281 -52.00 -22.97 0.87
C ASN F 281 -51.89 -23.67 2.22
N ALA F 282 -52.34 -22.99 3.28
CA ALA F 282 -52.26 -23.51 4.62
C ALA F 282 -53.62 -24.00 5.06
N THR F 283 -53.62 -25.08 5.85
CA THR F 283 -54.84 -25.71 6.33
C THR F 283 -54.84 -25.69 7.85
N ASN F 284 -56.00 -25.42 8.44
CA ASN F 284 -56.17 -25.48 9.89
C ASN F 284 -57.00 -26.70 10.25
N GLY F 285 -56.44 -27.57 11.09
CA GLY F 285 -57.15 -28.73 11.61
C GLY F 285 -57.96 -28.48 12.86
N GLY F 286 -57.75 -27.36 13.52
CA GLY F 286 -58.49 -26.99 14.71
C GLY F 286 -57.69 -26.05 15.58
N GLY F 287 -58.40 -25.24 16.36
CA GLY F 287 -57.80 -24.35 17.31
C GLY F 287 -57.00 -23.26 16.63
N PRO F 288 -55.87 -22.88 17.23
CA PRO F 288 -55.02 -21.85 16.62
C PRO F 288 -54.47 -22.33 15.30
N ALA F 289 -54.15 -21.36 14.43
CA ALA F 289 -53.63 -21.64 13.11
C ALA F 289 -52.59 -20.58 12.78
N GLY F 290 -51.67 -20.94 11.89
CA GLY F 290 -50.64 -20.01 11.48
C GLY F 290 -49.62 -20.60 10.55
N VAL F 291 -49.03 -19.76 9.70
CA VAL F 291 -47.94 -20.14 8.83
C VAL F 291 -46.83 -19.10 9.00
N ILE F 292 -45.59 -19.56 9.06
CA ILE F 292 -44.44 -18.68 9.26
C ILE F 292 -43.35 -19.14 8.30
N ALA F 293 -42.71 -18.18 7.65
CA ALA F 293 -41.72 -18.51 6.64
C ALA F 293 -40.74 -17.36 6.51
N THR F 294 -39.48 -17.72 6.25
CA THR F 294 -38.43 -16.78 5.89
C THR F 294 -37.91 -17.18 4.51
N ILE F 295 -37.69 -16.18 3.65
CA ILE F 295 -37.23 -16.42 2.30
C ILE F 295 -36.03 -15.53 2.02
N LEU F 296 -34.92 -16.12 1.58
CA LEU F 296 -33.73 -15.37 1.21
C LEU F 296 -33.45 -15.62 -0.27
N ILE F 297 -33.38 -14.54 -1.04
CA ILE F 297 -33.17 -14.56 -2.48
C ILE F 297 -31.82 -13.95 -2.78
N THR F 298 -31.02 -14.62 -3.58
CA THR F 298 -29.70 -14.12 -3.96
C THR F 298 -29.74 -13.52 -5.35
N TYR F 299 -29.03 -12.39 -5.52
CA TYR F 299 -28.95 -11.68 -6.79
C TYR F 299 -27.57 -11.78 -7.40
N SER F 300 -27.49 -11.57 -8.72
CA SER F 300 -26.24 -11.76 -9.43
C SER F 300 -25.17 -10.76 -8.99
N ASP F 301 -25.56 -9.61 -8.46
CA ASP F 301 -24.58 -8.62 -8.02
C ASP F 301 -23.99 -8.93 -6.65
N GLY F 302 -24.30 -10.10 -6.09
CA GLY F 302 -23.78 -10.52 -4.80
C GLY F 302 -24.62 -10.15 -3.60
N SER F 303 -25.62 -9.28 -3.76
CA SER F 303 -26.50 -8.94 -2.65
C SER F 303 -27.63 -9.96 -2.52
N ASN F 304 -28.30 -9.94 -1.38
CA ASN F 304 -29.51 -10.74 -1.23
C ASN F 304 -30.54 -9.96 -0.42
N GLU F 305 -31.75 -10.51 -0.40
CA GLU F 305 -32.94 -9.89 0.19
C GLU F 305 -33.64 -10.96 1.02
N THR F 306 -34.03 -10.61 2.24
CA THR F 306 -34.77 -11.52 3.10
C THR F 306 -36.23 -11.09 3.16
N VAL F 307 -37.12 -12.02 2.84
CA VAL F 307 -38.56 -11.82 2.91
C VAL F 307 -39.10 -12.69 4.04
N VAL F 308 -39.88 -12.07 4.93
CA VAL F 308 -40.52 -12.78 6.03
C VAL F 308 -42.03 -12.68 5.84
N THR F 309 -42.76 -13.62 6.45
CA THR F 309 -44.22 -13.54 6.48
C THR F 309 -44.63 -12.43 7.45
N ASP F 310 -45.39 -11.47 6.94
CA ASP F 310 -45.79 -10.29 7.71
C ASP F 310 -47.04 -9.71 7.06
N ALA F 311 -47.33 -8.44 7.37
CA ALA F 311 -48.56 -7.83 6.89
C ALA F 311 -48.52 -7.47 5.40
N SER F 312 -47.35 -7.48 4.76
CA SER F 312 -47.32 -7.20 3.34
C SER F 312 -47.77 -8.37 2.49
N TRP F 313 -47.88 -9.56 3.07
CA TRP F 313 -48.46 -10.69 2.36
C TRP F 313 -49.94 -10.47 2.14
N LYS F 314 -50.44 -10.88 0.97
CA LYS F 314 -51.87 -10.89 0.70
C LYS F 314 -52.45 -12.27 1.01
N ALA F 315 -53.71 -12.29 1.43
CA ALA F 315 -54.37 -13.49 1.92
C ALA F 315 -55.82 -13.53 1.46
N ILE F 316 -56.39 -14.73 1.46
CA ILE F 316 -57.77 -14.93 1.03
C ILE F 316 -58.32 -16.16 1.75
N GLN F 317 -59.64 -16.14 2.01
CA GLN F 317 -60.27 -17.22 2.75
C GLN F 317 -60.91 -18.27 1.85
N THR F 318 -61.44 -17.88 0.71
CA THR F 318 -61.96 -18.81 -0.28
C THR F 318 -60.90 -18.92 -1.38
N ILE F 319 -60.26 -20.08 -1.48
CA ILE F 319 -59.11 -20.27 -2.36
C ILE F 319 -59.58 -20.44 -3.80
N PRO F 320 -59.37 -19.45 -4.66
CA PRO F 320 -59.81 -19.57 -6.06
C PRO F 320 -58.92 -20.53 -6.83
N GLN F 321 -59.49 -21.09 -7.90
CA GLN F 321 -58.69 -21.88 -8.82
C GLN F 321 -57.67 -20.99 -9.49
N GLY F 322 -56.42 -21.44 -9.54
CA GLY F 322 -55.32 -20.62 -10.03
C GLY F 322 -54.78 -19.62 -9.02
N PHE F 323 -54.79 -19.95 -7.73
CA PHE F 323 -54.29 -19.02 -6.71
C PHE F 323 -52.78 -18.91 -6.71
N GLN F 324 -52.10 -19.85 -7.34
CA GLN F 324 -50.65 -19.92 -7.31
C GLN F 324 -49.93 -19.44 -8.57
N PRO F 325 -50.58 -19.25 -9.73
CA PRO F 325 -49.86 -18.66 -10.87
C PRO F 325 -49.33 -17.28 -10.52
N PRO F 326 -48.22 -16.89 -11.15
CA PRO F 326 -47.58 -15.61 -10.79
C PRO F 326 -48.47 -14.41 -11.04
N LEU F 327 -48.99 -14.27 -12.25
CA LEU F 327 -49.84 -13.15 -12.60
C LEU F 327 -51.28 -13.61 -12.40
N ILE F 328 -51.96 -13.02 -11.42
CA ILE F 328 -53.39 -13.15 -11.24
C ILE F 328 -53.87 -11.80 -10.72
N ASP F 329 -55.17 -11.59 -10.85
CA ASP F 329 -55.79 -10.37 -10.36
C ASP F 329 -55.99 -10.52 -8.85
N GLU F 330 -55.20 -9.82 -8.04
CA GLU F 330 -55.30 -9.91 -6.58
C GLU F 330 -56.37 -9.01 -5.98
N PHE F 331 -57.51 -8.83 -6.66
CA PHE F 331 -58.48 -7.83 -6.21
C PHE F 331 -59.13 -8.22 -4.89
N GLY F 332 -59.68 -9.44 -4.81
CA GLY F 332 -60.44 -9.82 -3.63
C GLY F 332 -59.62 -10.33 -2.46
N TRP F 333 -58.31 -10.07 -2.46
CA TRP F 333 -57.41 -10.57 -1.42
C TRP F 333 -57.21 -9.49 -0.36
N GLU F 334 -57.17 -9.90 0.90
CA GLU F 334 -56.93 -8.98 2.00
C GLU F 334 -55.45 -9.00 2.37
N SER F 335 -55.04 -7.98 3.13
CA SER F 335 -53.73 -8.02 3.74
C SER F 335 -53.71 -9.11 4.81
N ALA F 336 -52.64 -9.89 4.83
CA ALA F 336 -52.55 -10.94 5.84
C ALA F 336 -52.47 -10.32 7.22
N LYS F 337 -53.11 -10.99 8.19
CA LYS F 337 -53.11 -10.53 9.57
C LYS F 337 -51.96 -11.20 10.32
N ILE F 338 -51.22 -10.40 11.08
CA ILE F 338 -50.15 -10.93 11.92
C ILE F 338 -50.80 -11.53 13.16
N ILE F 339 -50.61 -12.85 13.36
CA ILE F 339 -51.09 -13.51 14.56
C ILE F 339 -50.15 -13.25 15.72
N GLY F 340 -48.87 -13.08 15.44
CA GLY F 340 -47.85 -12.77 16.43
C GLY F 340 -46.46 -13.03 15.88
N ALA F 341 -45.48 -12.27 16.35
CA ALA F 341 -44.09 -12.50 16.00
C ALA F 341 -43.64 -13.89 16.48
N PHE F 342 -42.58 -14.39 15.85
CA PHE F 342 -42.08 -15.70 16.24
C PHE F 342 -41.73 -15.72 17.73
N GLY F 343 -42.15 -16.79 18.40
CA GLY F 343 -42.00 -16.93 19.83
C GLY F 343 -43.31 -16.78 20.59
N VAL F 344 -44.35 -16.26 19.94
CA VAL F 344 -45.62 -16.07 20.60
C VAL F 344 -46.22 -17.44 20.92
N ALA F 345 -47.07 -17.47 21.96
CA ALA F 345 -47.76 -18.70 22.31
C ALA F 345 -48.89 -18.96 21.32
N PRO F 346 -49.31 -20.23 21.16
CA PRO F 346 -48.95 -21.49 21.82
C PRO F 346 -47.64 -22.12 21.33
N TRP F 347 -47.11 -21.63 20.22
CA TRP F 347 -46.04 -22.32 19.51
C TRP F 347 -44.68 -22.16 20.20
N GLY F 348 -44.44 -21.02 20.85
CA GLY F 348 -43.23 -20.81 21.63
C GLY F 348 -42.00 -20.51 20.79
N ALA F 349 -40.83 -20.56 21.45
CA ALA F 349 -39.54 -20.23 20.85
C ALA F 349 -38.65 -21.45 20.62
N GLY F 350 -39.24 -22.66 20.56
CA GLY F 350 -38.48 -23.89 20.53
C GLY F 350 -38.51 -24.66 19.22
N MET F 351 -38.87 -24.00 18.12
CA MET F 351 -38.94 -24.67 16.82
C MET F 351 -37.60 -25.30 16.46
N VAL F 352 -37.64 -26.52 15.93
CA VAL F 352 -36.44 -27.20 15.42
C VAL F 352 -36.22 -26.79 13.97
N ILE F 353 -35.08 -26.17 13.70
CA ILE F 353 -34.77 -25.56 12.41
C ILE F 353 -33.59 -26.29 11.79
N PRO F 354 -33.67 -26.70 10.52
CA PRO F 354 -32.53 -27.39 9.91
C PRO F 354 -31.26 -26.54 9.97
N SER F 355 -30.12 -27.20 10.17
CA SER F 355 -28.84 -26.50 10.22
C SER F 355 -28.41 -26.10 8.80
N ALA F 356 -27.73 -24.96 8.73
CA ALA F 356 -27.27 -24.39 7.45
C ALA F 356 -26.16 -25.20 6.78
#